data_4K6O
#
_entry.id   4K6O
#
_cell.length_a   93.012
_cell.length_b   97.100
_cell.length_c   93.017
_cell.angle_alpha   90.00
_cell.angle_beta   119.99
_cell.angle_gamma   90.00
#
_symmetry.space_group_name_H-M   'P 1 21 1'
#
loop_
_entity.id
_entity.type
_entity.pdbx_description
1 polymer 'Uridine phosphorylase'
2 non-polymer 'CHLORIDE ION'
3 non-polymer 6-methylpyrimidine-2,4-diol
4 non-polymer 'MAGNESIUM ION'
5 non-polymer 'SODIUM ION'
6 non-polymer 1,2-ETHANEDIOL
7 non-polymer ETHANOL
8 non-polymer 2-AMINO-2-HYDROXYMETHYL-PROPANE-1,3-DIOL
9 non-polymer GLYCEROL
10 water water
#
_entity_poly.entity_id   1
_entity_poly.type   'polypeptide(L)'
_entity_poly.pdbx_seq_one_letter_code
;MTKTVFHLGVTEADLNGATLAIIPGDPARVQKIAELMDNPVFLASHREYTVYRAELDGQSVVVCSTGIGGPSTSIAVEEL
AQLGVRTFLRVGTTGAIQPHVNVGDMIVTTGSVRLDGASLHFAPMEFPAVPDFDVATAMKAAAQESGATVHMGVTASSDT
FYPGQERYDTFTGRVVRRFQGSMKEWQDMGVLNFEMESATLLTMCASSGLKAGCVAGVIINRTQKEIPDHATLKETEARS
IKVVVEAARKMLK
;
_entity_poly.pdbx_strand_id   A,B,C,D,E,F
#
loop_
_chem_comp.id
_chem_comp.type
_chem_comp.name
_chem_comp.formula
6MU non-polymer 6-methylpyrimidine-2,4-diol 'C5 H6 N2 O2'
CL non-polymer 'CHLORIDE ION' 'Cl -1'
EDO non-polymer 1,2-ETHANEDIOL 'C2 H6 O2'
EOH non-polymer ETHANOL 'C2 H6 O'
GOL non-polymer GLYCEROL 'C3 H8 O3'
MG non-polymer 'MAGNESIUM ION' 'Mg 2'
NA non-polymer 'SODIUM ION' 'Na 1'
TRS non-polymer 2-AMINO-2-HYDROXYMETHYL-PROPANE-1,3-DIOL 'C4 H12 N O3 1'
#
# COMPACT_ATOMS: atom_id res chain seq x y z
N THR A 2 11.43 2.30 -41.19
CA THR A 2 12.55 3.12 -41.63
C THR A 2 13.20 3.87 -40.47
N LYS A 3 12.44 4.09 -39.40
CA LYS A 3 12.94 4.85 -38.27
C LYS A 3 14.08 4.13 -37.55
N THR A 4 14.91 4.93 -36.87
CA THR A 4 15.98 4.42 -36.02
C THR A 4 15.54 4.64 -34.59
N VAL A 5 15.49 3.57 -33.79
CA VAL A 5 15.00 3.70 -32.43
C VAL A 5 15.96 4.55 -31.59
N PHE A 6 15.39 5.28 -30.63
CA PHE A 6 16.08 6.38 -29.98
C PHE A 6 17.33 5.97 -29.20
N HIS A 7 17.24 4.90 -28.42
CA HIS A 7 18.39 4.49 -27.60
C HIS A 7 19.29 3.46 -28.29
N LEU A 8 18.70 2.46 -28.95
CA LEU A 8 19.50 1.38 -29.50
C LEU A 8 20.22 1.74 -30.80
N GLY A 9 19.70 2.73 -31.53
CA GLY A 9 20.38 3.22 -32.71
C GLY A 9 20.37 2.25 -33.89
N VAL A 10 19.37 1.40 -33.95
CA VAL A 10 19.20 0.47 -35.06
C VAL A 10 17.83 0.62 -35.70
N THR A 11 17.71 0.09 -36.91
CA THR A 11 16.46 0.10 -37.66
C THR A 11 15.91 -1.32 -37.77
N GLU A 12 14.67 -1.43 -38.23
CA GLU A 12 14.09 -2.75 -38.42
C GLU A 12 14.89 -3.53 -39.47
N ALA A 13 15.28 -2.86 -40.55
CA ALA A 13 16.04 -3.52 -41.61
C ALA A 13 17.36 -4.09 -41.09
N ASP A 14 17.97 -3.42 -40.13
CA ASP A 14 19.22 -3.88 -39.54
C ASP A 14 19.09 -5.27 -38.92
N LEU A 15 17.89 -5.63 -38.47
CA LEU A 15 17.70 -6.89 -37.78
C LEU A 15 17.46 -8.07 -38.74
N ASN A 16 17.33 -7.78 -40.02
CA ASN A 16 17.18 -8.83 -41.04
C ASN A 16 16.11 -9.85 -40.70
N GLY A 17 14.97 -9.38 -40.21
CA GLY A 17 13.83 -10.24 -39.96
C GLY A 17 13.82 -10.97 -38.62
N ALA A 18 14.80 -10.70 -37.77
CA ALA A 18 14.87 -11.38 -36.48
C ALA A 18 13.61 -11.13 -35.64
N THR A 19 13.08 -12.19 -35.04
CA THR A 19 11.98 -12.02 -34.10
C THR A 19 12.35 -12.54 -32.70
N LEU A 20 13.61 -12.94 -32.53
CA LEU A 20 14.10 -13.44 -31.26
C LEU A 20 15.39 -12.70 -30.91
N ALA A 21 15.51 -12.29 -29.65
CA ALA A 21 16.71 -11.64 -29.13
C ALA A 21 17.22 -12.36 -27.90
N ILE A 22 18.55 -12.50 -27.83
CA ILE A 22 19.24 -12.91 -26.61
C ILE A 22 19.73 -11.62 -25.97
N ILE A 23 19.42 -11.45 -24.69
CA ILE A 23 19.66 -10.18 -24.01
C ILE A 23 20.50 -10.35 -22.73
N PRO A 24 21.82 -10.39 -22.89
CA PRO A 24 22.71 -10.37 -21.72
C PRO A 24 22.74 -8.98 -21.09
N GLY A 25 23.27 -8.88 -19.88
CA GLY A 25 23.42 -7.58 -19.25
C GLY A 25 24.62 -6.78 -19.69
N ASP A 26 25.76 -7.47 -19.81
CA ASP A 26 27.04 -6.82 -20.06
C ASP A 26 27.28 -6.62 -21.55
N PRO A 27 27.48 -5.36 -21.99
CA PRO A 27 27.72 -5.14 -23.43
C PRO A 27 28.90 -5.94 -23.98
N ALA A 28 29.91 -6.23 -23.17
CA ALA A 28 31.07 -6.97 -23.64
C ALA A 28 30.74 -8.42 -23.97
N ARG A 29 29.64 -8.94 -23.44
CA ARG A 29 29.26 -10.32 -23.67
C ARG A 29 28.49 -10.53 -24.98
N VAL A 30 28.04 -9.43 -25.59
CA VAL A 30 27.21 -9.52 -26.78
C VAL A 30 27.95 -10.18 -27.93
N GLN A 31 29.17 -9.73 -28.21
CA GLN A 31 29.96 -10.31 -29.29
CA GLN A 31 29.97 -10.30 -29.29
C GLN A 31 30.26 -11.78 -29.02
N LYS A 32 30.50 -12.13 -27.77
CA LYS A 32 30.82 -13.51 -27.41
CA LYS A 32 30.81 -13.51 -27.40
C LYS A 32 29.65 -14.43 -27.71
N ILE A 33 28.43 -13.97 -27.42
CA ILE A 33 27.25 -14.76 -27.72
C ILE A 33 27.04 -14.84 -29.23
N ALA A 34 27.18 -13.71 -29.91
CA ALA A 34 26.95 -13.66 -31.35
C ALA A 34 27.88 -14.62 -32.08
N GLU A 35 29.12 -14.72 -31.60
CA GLU A 35 30.10 -15.57 -32.27
C GLU A 35 29.87 -17.07 -32.06
N LEU A 36 28.93 -17.42 -31.18
CA LEU A 36 28.52 -18.81 -31.05
C LEU A 36 27.57 -19.20 -32.18
N MET A 37 27.12 -18.21 -32.95
CA MET A 37 26.22 -18.44 -34.07
C MET A 37 26.94 -18.10 -35.37
N ASP A 38 26.23 -18.15 -36.49
CA ASP A 38 26.83 -17.95 -37.81
C ASP A 38 26.75 -16.49 -38.24
N ASN A 39 27.75 -16.04 -38.99
CA ASN A 39 27.74 -14.71 -39.60
C ASN A 39 27.39 -13.59 -38.62
N PRO A 40 28.11 -13.51 -37.49
CA PRO A 40 27.85 -12.42 -36.55
C PRO A 40 28.22 -11.07 -37.18
N VAL A 41 27.36 -10.07 -36.95
CA VAL A 41 27.54 -8.74 -37.51
C VAL A 41 27.27 -7.69 -36.44
N PHE A 42 28.25 -6.83 -36.21
CA PHE A 42 28.11 -5.71 -35.31
C PHE A 42 27.15 -4.68 -35.89
N LEU A 43 26.12 -4.30 -35.14
CA LEU A 43 25.16 -3.31 -35.61
C LEU A 43 25.34 -1.92 -35.02
N ALA A 44 25.50 -1.83 -33.69
CA ALA A 44 25.60 -0.53 -33.05
C ALA A 44 26.05 -0.66 -31.61
N SER A 45 26.69 0.38 -31.10
CA SER A 45 26.97 0.48 -29.67
CA SER A 45 26.98 0.48 -29.68
C SER A 45 26.71 1.90 -29.20
N HIS A 46 25.85 2.02 -28.19
N HIS A 46 25.88 2.04 -28.18
CA HIS A 46 25.49 3.29 -27.57
CA HIS A 46 25.58 3.33 -27.57
C HIS A 46 25.24 3.05 -26.09
C HIS A 46 25.20 3.11 -26.12
N ARG A 47 25.87 3.82 -25.21
CA ARG A 47 25.66 3.65 -23.78
CA ARG A 47 25.66 3.64 -23.79
C ARG A 47 25.83 2.17 -23.44
N GLU A 48 24.94 1.59 -22.63
CA GLU A 48 25.08 0.18 -22.24
C GLU A 48 24.53 -0.78 -23.29
N TYR A 49 24.14 -0.27 -24.45
CA TYR A 49 23.50 -1.07 -25.49
C TYR A 49 24.41 -1.37 -26.68
N THR A 50 24.94 -2.57 -26.68
CA THR A 50 25.66 -3.09 -27.81
C THR A 50 24.76 -4.10 -28.51
N VAL A 51 24.65 -3.97 -29.83
CA VAL A 51 23.71 -4.77 -30.62
C VAL A 51 24.44 -5.46 -31.75
N TYR A 52 24.26 -6.78 -31.83
CA TYR A 52 24.74 -7.61 -32.94
C TYR A 52 23.57 -8.38 -33.52
N ARG A 53 23.80 -8.88 -34.73
N ARG A 53 23.76 -8.88 -34.73
CA ARG A 53 22.91 -9.85 -35.36
CA ARG A 53 22.86 -9.89 -35.28
C ARG A 53 23.75 -11.10 -35.65
C ARG A 53 23.69 -11.06 -35.79
N ALA A 54 23.09 -12.24 -35.78
CA ALA A 54 23.76 -13.44 -36.24
C ALA A 54 22.70 -14.35 -36.81
N GLU A 55 23.12 -15.52 -37.28
CA GLU A 55 22.21 -16.49 -37.86
C GLU A 55 22.33 -17.82 -37.15
N LEU A 56 21.17 -18.41 -36.85
CA LEU A 56 21.08 -19.66 -36.11
C LEU A 56 20.17 -20.56 -36.93
N ASP A 57 20.73 -21.66 -37.43
CA ASP A 57 20.00 -22.55 -38.33
C ASP A 57 19.33 -21.73 -39.44
N GLY A 58 20.05 -20.73 -39.94
CA GLY A 58 19.58 -19.97 -41.07
C GLY A 58 18.65 -18.82 -40.73
N GLN A 59 18.28 -18.68 -39.45
CA GLN A 59 17.36 -17.62 -39.06
C GLN A 59 18.09 -16.51 -38.31
N SER A 60 17.67 -15.27 -38.57
N SER A 60 17.67 -15.28 -38.56
CA SER A 60 18.29 -14.11 -37.92
CA SER A 60 18.29 -14.12 -37.93
C SER A 60 17.93 -14.03 -36.45
C SER A 60 17.93 -14.03 -36.45
N VAL A 61 18.95 -13.77 -35.63
CA VAL A 61 18.78 -13.62 -34.19
C VAL A 61 19.52 -12.35 -33.79
N VAL A 62 18.94 -11.56 -32.91
CA VAL A 62 19.56 -10.36 -32.37
CA VAL A 62 19.64 -10.39 -32.42
C VAL A 62 20.20 -10.66 -31.03
N VAL A 63 21.35 -10.07 -30.74
CA VAL A 63 21.94 -10.11 -29.40
C VAL A 63 22.09 -8.65 -28.98
N CYS A 64 21.53 -8.29 -27.83
CA CYS A 64 21.49 -6.89 -27.39
C CYS A 64 21.68 -6.85 -25.88
N SER A 65 22.65 -6.07 -25.41
CA SER A 65 22.83 -5.94 -23.96
C SER A 65 21.75 -5.04 -23.37
N THR A 66 21.52 -5.21 -22.06
CA THR A 66 20.46 -4.48 -21.37
C THR A 66 20.96 -3.43 -20.40
N GLY A 67 22.22 -3.50 -20.02
CA GLY A 67 22.71 -2.79 -18.85
C GLY A 67 22.19 -3.42 -17.56
N ILE A 68 22.54 -2.80 -16.44
CA ILE A 68 22.10 -3.26 -15.12
C ILE A 68 20.77 -2.60 -14.77
N GLY A 69 19.82 -3.44 -14.37
CA GLY A 69 18.56 -2.98 -13.81
C GLY A 69 17.39 -2.96 -14.76
N GLY A 70 16.20 -2.98 -14.18
CA GLY A 70 14.97 -2.94 -14.94
C GLY A 70 14.81 -1.74 -15.84
N PRO A 71 15.17 -0.54 -15.38
CA PRO A 71 14.93 0.62 -16.26
C PRO A 71 15.66 0.50 -17.61
N SER A 72 16.96 0.22 -17.62
N SER A 72 16.95 0.18 -17.53
CA SER A 72 17.66 0.11 -18.89
CA SER A 72 17.81 0.00 -18.70
C SER A 72 17.18 -1.12 -19.67
C SER A 72 17.28 -1.11 -19.60
N THR A 73 16.84 -2.19 -18.98
CA THR A 73 16.30 -3.37 -19.66
C THR A 73 14.99 -3.03 -20.38
N SER A 74 14.13 -2.26 -19.72
CA SER A 74 12.82 -1.95 -20.27
C SER A 74 12.91 -1.18 -21.58
N ILE A 75 13.93 -0.32 -21.71
CA ILE A 75 14.14 0.43 -22.93
C ILE A 75 14.55 -0.51 -24.06
N ALA A 76 15.49 -1.40 -23.79
CA ALA A 76 15.96 -2.32 -24.83
C ALA A 76 14.83 -3.20 -25.33
N VAL A 77 14.06 -3.77 -24.42
CA VAL A 77 12.99 -4.66 -24.80
C VAL A 77 11.94 -3.91 -25.64
N GLU A 78 11.56 -2.71 -25.19
CA GLU A 78 10.56 -1.92 -25.91
C GLU A 78 11.05 -1.61 -27.32
N GLU A 79 12.27 -1.12 -27.45
CA GLU A 79 12.74 -0.68 -28.75
C GLU A 79 12.94 -1.87 -29.69
N LEU A 80 13.40 -3.01 -29.16
CA LEU A 80 13.47 -4.21 -29.98
C LEU A 80 12.07 -4.68 -30.41
N ALA A 81 11.09 -4.59 -29.52
CA ALA A 81 9.72 -4.97 -29.86
C ALA A 81 9.15 -4.06 -30.96
N GLN A 82 9.48 -2.78 -30.92
CA GLN A 82 9.06 -1.86 -31.98
C GLN A 82 9.59 -2.30 -33.33
N LEU A 83 10.72 -3.00 -33.33
CA LEU A 83 11.38 -3.43 -34.55
C LEU A 83 11.08 -4.89 -34.88
N GLY A 84 10.09 -5.47 -34.22
CA GLY A 84 9.59 -6.79 -34.60
C GLY A 84 10.01 -7.96 -33.72
N VAL A 85 10.83 -7.72 -32.71
CA VAL A 85 11.25 -8.81 -31.83
C VAL A 85 10.12 -9.19 -30.87
N ARG A 86 9.86 -10.50 -30.74
CA ARG A 86 8.76 -10.97 -29.92
C ARG A 86 9.17 -11.93 -28.81
N THR A 87 10.37 -12.49 -28.92
CA THR A 87 10.87 -13.47 -27.94
C THR A 87 12.22 -12.98 -27.40
N PHE A 88 12.34 -13.00 -26.08
CA PHE A 88 13.50 -12.44 -25.38
C PHE A 88 14.07 -13.46 -24.41
N LEU A 89 15.33 -13.86 -24.64
CA LEU A 89 16.01 -14.84 -23.79
CA LEU A 89 15.99 -14.84 -23.79
C LEU A 89 17.09 -14.14 -22.99
N ARG A 90 16.87 -14.03 -21.68
CA ARG A 90 17.83 -13.41 -20.78
C ARG A 90 18.82 -14.47 -20.30
N VAL A 91 20.11 -14.13 -20.37
CA VAL A 91 21.17 -14.96 -19.82
C VAL A 91 22.04 -14.11 -18.93
N GLY A 92 22.61 -14.64 -17.86
N GLY A 92 22.68 -14.78 -17.97
CA GLY A 92 23.36 -13.78 -16.97
CA GLY A 92 23.71 -14.21 -17.11
C GLY A 92 23.72 -14.39 -15.65
C GLY A 92 24.31 -15.25 -16.16
N THR A 93 24.57 -13.68 -14.92
N THR A 93 25.11 -14.76 -15.22
CA THR A 93 25.11 -14.17 -13.66
CA THR A 93 25.57 -15.57 -14.09
C THR A 93 24.12 -14.00 -12.53
C THR A 93 25.07 -14.92 -12.83
N THR A 94 24.28 -14.83 -11.51
N THR A 94 25.02 -15.68 -11.75
CA THR A 94 23.44 -14.73 -10.33
CA THR A 94 24.37 -15.24 -10.54
C THR A 94 24.16 -15.23 -9.10
C THR A 94 24.94 -15.91 -9.30
N GLY A 95 23.65 -14.83 -7.94
N GLY A 95 24.72 -15.30 -8.15
CA GLY A 95 24.15 -15.32 -6.68
CA GLY A 95 24.95 -15.98 -6.89
C GLY A 95 23.07 -16.18 -6.04
C GLY A 95 23.69 -16.73 -6.57
N ALA A 96 23.42 -17.41 -5.71
N ALA A 96 23.71 -17.49 -5.49
CA ALA A 96 22.50 -18.30 -5.02
CA ALA A 96 22.53 -18.20 -5.02
C ALA A 96 22.36 -17.89 -3.57
C ALA A 96 22.44 -18.07 -3.51
N ILE A 97 21.23 -18.25 -2.97
CA ILE A 97 21.02 -18.04 -1.54
C ILE A 97 20.55 -19.32 -0.83
N GLN A 98 20.58 -20.45 -1.52
CA GLN A 98 20.22 -21.75 -0.94
C GLN A 98 21.44 -22.63 -0.84
N PRO A 99 21.62 -23.31 0.31
CA PRO A 99 22.85 -24.10 0.48
C PRO A 99 22.97 -25.29 -0.48
N HIS A 100 21.86 -25.75 -1.05
CA HIS A 100 21.91 -26.93 -1.92
C HIS A 100 22.24 -26.57 -3.37
N VAL A 101 22.29 -25.29 -3.68
CA VAL A 101 22.63 -24.83 -5.02
C VAL A 101 24.14 -24.57 -5.07
N ASN A 102 24.81 -25.16 -6.05
CA ASN A 102 26.26 -25.06 -6.11
C ASN A 102 26.73 -24.18 -7.25
N VAL A 103 27.91 -23.61 -7.07
CA VAL A 103 28.58 -22.91 -8.15
C VAL A 103 28.73 -23.87 -9.31
N GLY A 104 28.32 -23.42 -10.50
CA GLY A 104 28.34 -24.25 -11.69
C GLY A 104 26.96 -24.74 -12.07
N ASP A 105 26.05 -24.76 -11.12
CA ASP A 105 24.66 -25.11 -11.42
C ASP A 105 24.01 -23.99 -12.23
N MET A 106 22.88 -24.33 -12.85
N MET A 106 22.86 -24.30 -12.80
CA MET A 106 22.07 -23.36 -13.59
CA MET A 106 22.11 -23.28 -13.53
C MET A 106 20.75 -23.12 -12.86
C MET A 106 20.71 -23.15 -12.99
N ILE A 107 20.19 -21.93 -13.04
CA ILE A 107 18.86 -21.63 -12.55
C ILE A 107 18.02 -21.13 -13.71
N VAL A 108 16.82 -21.70 -13.86
CA VAL A 108 15.83 -21.20 -14.78
C VAL A 108 14.68 -20.65 -13.94
N THR A 109 14.39 -19.38 -14.09
CA THR A 109 13.42 -18.68 -13.23
C THR A 109 11.99 -19.06 -13.62
N THR A 110 11.21 -19.55 -12.66
CA THR A 110 9.80 -19.85 -12.91
C THR A 110 8.90 -18.69 -12.50
N GLY A 111 9.44 -17.75 -11.73
CA GLY A 111 8.72 -16.57 -11.29
C GLY A 111 9.68 -15.70 -10.51
N SER A 112 9.44 -14.39 -10.51
CA SER A 112 10.31 -13.47 -9.77
C SER A 112 9.60 -12.69 -8.70
N VAL A 113 10.27 -12.54 -7.56
CA VAL A 113 9.83 -11.61 -6.54
C VAL A 113 10.13 -10.19 -7.04
N ARG A 114 9.09 -9.37 -7.10
CA ARG A 114 9.18 -8.06 -7.72
C ARG A 114 9.69 -7.02 -6.72
N LEU A 115 11.00 -6.99 -6.51
CA LEU A 115 11.63 -6.03 -5.61
C LEU A 115 12.20 -4.86 -6.44
N ASP A 116 11.51 -4.55 -7.52
CA ASP A 116 11.88 -3.53 -8.49
C ASP A 116 10.77 -2.49 -8.62
N GLY A 117 11.03 -1.44 -9.38
CA GLY A 117 10.03 -0.44 -9.66
C GLY A 117 9.46 -0.50 -11.07
N ALA A 118 10.26 -0.90 -12.05
CA ALA A 118 9.82 -0.78 -13.44
C ALA A 118 8.71 -1.77 -13.76
N SER A 119 8.65 -2.91 -13.08
CA SER A 119 7.58 -3.86 -13.36
C SER A 119 6.21 -3.20 -13.16
N LEU A 120 6.11 -2.30 -12.18
CA LEU A 120 4.87 -1.61 -11.86
C LEU A 120 4.43 -0.62 -12.93
N HIS A 121 5.35 -0.30 -13.87
CA HIS A 121 5.01 0.57 -14.98
C HIS A 121 4.31 -0.20 -16.11
N PHE A 122 4.22 -1.52 -15.95
CA PHE A 122 3.54 -2.40 -16.91
C PHE A 122 2.32 -3.11 -16.32
N ALA A 123 2.37 -3.47 -15.05
CA ALA A 123 1.28 -4.22 -14.43
C ALA A 123 1.33 -3.96 -12.94
N PRO A 124 0.16 -3.94 -12.28
CA PRO A 124 0.16 -3.73 -10.83
C PRO A 124 0.81 -4.91 -10.11
N MET A 125 1.14 -4.72 -8.84
CA MET A 125 1.97 -5.69 -8.13
C MET A 125 1.37 -7.10 -8.05
N GLU A 126 0.05 -7.20 -8.08
N GLU A 126 0.04 -7.17 -8.09
CA GLU A 126 -0.59 -8.50 -7.98
CA GLU A 126 -0.69 -8.43 -8.04
C GLU A 126 -0.38 -9.39 -9.22
C GLU A 126 -0.32 -9.37 -9.18
N PHE A 127 0.08 -8.79 -10.32
CA PHE A 127 0.35 -9.54 -11.53
C PHE A 127 1.66 -10.35 -11.36
N PRO A 128 1.67 -11.61 -11.81
CA PRO A 128 2.86 -12.45 -11.60
C PRO A 128 3.99 -12.17 -12.59
N ALA A 129 5.19 -12.04 -12.07
CA ALA A 129 6.38 -11.90 -12.91
C ALA A 129 6.80 -13.31 -13.33
N VAL A 130 6.24 -13.74 -14.44
N VAL A 130 6.13 -13.87 -14.32
CA VAL A 130 6.26 -15.13 -14.88
CA VAL A 130 6.44 -15.23 -14.75
C VAL A 130 6.81 -15.25 -16.30
C VAL A 130 6.84 -15.28 -16.20
N PRO A 131 7.68 -16.26 -16.55
CA PRO A 131 8.15 -16.44 -17.92
C PRO A 131 7.09 -17.07 -18.81
N ASP A 132 7.26 -16.90 -20.11
CA ASP A 132 6.53 -17.69 -21.08
C ASP A 132 6.90 -19.16 -20.89
N PHE A 133 5.89 -20.03 -20.89
CA PHE A 133 6.11 -21.45 -20.60
C PHE A 133 7.01 -22.13 -21.64
N ASP A 134 6.86 -21.77 -22.91
CA ASP A 134 7.71 -22.35 -23.94
C ASP A 134 9.17 -21.96 -23.74
N VAL A 135 9.41 -20.69 -23.41
CA VAL A 135 10.79 -20.26 -23.21
C VAL A 135 11.39 -20.97 -21.98
N ALA A 136 10.64 -21.03 -20.88
CA ALA A 136 11.14 -21.71 -19.69
C ALA A 136 11.44 -23.19 -19.99
N THR A 137 10.57 -23.83 -20.76
CA THR A 137 10.74 -25.22 -21.15
C THR A 137 12.01 -25.41 -21.99
N ALA A 138 12.23 -24.52 -22.95
CA ALA A 138 13.41 -24.57 -23.81
C ALA A 138 14.68 -24.33 -23.00
N MET A 139 14.63 -23.39 -22.06
N MET A 139 14.61 -23.39 -22.06
CA MET A 139 15.79 -23.12 -21.23
CA MET A 139 15.75 -23.08 -21.19
C MET A 139 16.13 -24.30 -20.32
C MET A 139 16.11 -24.31 -20.35
N LYS A 140 15.11 -24.92 -19.73
CA LYS A 140 15.37 -26.10 -18.89
CA LYS A 140 15.34 -26.10 -18.90
C LYS A 140 16.00 -27.22 -19.72
N ALA A 141 15.44 -27.48 -20.91
CA ALA A 141 15.97 -28.54 -21.75
C ALA A 141 17.42 -28.25 -22.16
N ALA A 142 17.70 -27.03 -22.59
CA ALA A 142 19.04 -26.69 -23.00
C ALA A 142 20.01 -26.80 -21.82
N ALA A 143 19.59 -26.32 -20.66
CA ALA A 143 20.45 -26.36 -19.48
C ALA A 143 20.72 -27.80 -19.06
N GLN A 144 19.69 -28.64 -19.04
CA GLN A 144 19.89 -30.03 -18.66
C GLN A 144 20.74 -30.79 -19.69
N GLU A 145 20.52 -30.52 -20.97
CA GLU A 145 21.28 -31.20 -22.01
C GLU A 145 22.77 -30.86 -21.92
N SER A 146 23.11 -29.73 -21.31
CA SER A 146 24.51 -29.36 -21.17
C SER A 146 25.23 -30.22 -20.13
N GLY A 147 24.47 -30.94 -19.31
CA GLY A 147 25.03 -31.76 -18.26
C GLY A 147 25.05 -31.10 -16.89
N ALA A 148 24.66 -29.83 -16.82
CA ALA A 148 24.63 -29.09 -15.57
C ALA A 148 23.47 -29.55 -14.71
N THR A 149 23.61 -29.36 -13.41
CA THR A 149 22.49 -29.52 -12.50
C THR A 149 21.66 -28.24 -12.59
N VAL A 150 20.35 -28.40 -12.80
CA VAL A 150 19.47 -27.29 -13.11
C VAL A 150 18.39 -27.17 -12.04
N HIS A 151 18.18 -25.94 -11.56
CA HIS A 151 17.13 -25.65 -10.59
C HIS A 151 16.08 -24.77 -11.23
N MET A 152 14.83 -25.21 -11.14
CA MET A 152 13.69 -24.41 -11.55
C MET A 152 13.11 -23.77 -10.30
N GLY A 153 12.95 -22.46 -10.27
CA GLY A 153 12.35 -21.85 -9.10
C GLY A 153 12.31 -20.35 -9.12
N VAL A 154 12.01 -19.80 -7.95
CA VAL A 154 11.75 -18.40 -7.81
C VAL A 154 13.04 -17.62 -7.59
N THR A 155 13.13 -16.46 -8.25
CA THR A 155 14.27 -15.56 -8.17
C THR A 155 13.82 -14.24 -7.54
N ALA A 156 14.61 -13.68 -6.63
CA ALA A 156 14.31 -12.36 -6.07
C ALA A 156 15.00 -11.32 -6.93
N SER A 157 14.23 -10.39 -7.48
CA SER A 157 14.74 -9.44 -8.46
C SER A 157 14.69 -8.03 -7.87
N SER A 158 15.88 -7.51 -7.57
CA SER A 158 16.06 -6.30 -6.78
C SER A 158 16.55 -5.11 -7.60
N ASP A 159 16.01 -3.93 -7.32
CA ASP A 159 16.49 -2.69 -7.89
C ASP A 159 17.82 -2.23 -7.32
N THR A 160 18.34 -2.90 -6.28
CA THR A 160 19.68 -2.60 -5.81
C THR A 160 20.52 -3.86 -5.64
N PHE A 161 21.83 -3.68 -5.72
CA PHE A 161 22.78 -4.74 -5.45
C PHE A 161 23.04 -4.86 -3.96
N TYR A 162 22.92 -3.75 -3.25
CA TYR A 162 23.36 -3.68 -1.86
C TYR A 162 22.20 -3.84 -0.85
N PRO A 163 21.45 -2.77 -0.50
CA PRO A 163 20.47 -2.99 0.58
C PRO A 163 19.34 -3.95 0.23
N GLY A 164 18.89 -3.95 -1.01
CA GLY A 164 17.82 -4.84 -1.43
C GLY A 164 18.21 -6.31 -1.48
N GLN A 165 19.51 -6.59 -1.36
CA GLN A 165 20.01 -7.96 -1.21
C GLN A 165 20.55 -8.17 0.19
N GLU A 166 20.13 -7.28 1.10
CA GLU A 166 20.53 -7.29 2.51
C GLU A 166 22.05 -7.43 2.69
N ARG A 167 22.78 -6.60 1.96
CA ARG A 167 24.22 -6.48 2.17
C ARG A 167 24.50 -5.38 3.18
N TYR A 168 25.30 -5.71 4.20
CA TYR A 168 25.70 -4.74 5.24
C TYR A 168 27.13 -4.21 5.10
N ASP A 169 27.93 -4.82 4.23
CA ASP A 169 29.31 -4.38 4.02
CA ASP A 169 29.31 -4.37 4.04
C ASP A 169 29.34 -3.21 3.07
N THR A 170 28.79 -2.08 3.52
CA THR A 170 28.56 -0.93 2.68
C THR A 170 29.02 0.33 3.39
N PHE A 171 28.94 1.44 2.67
CA PHE A 171 29.35 2.72 3.21
C PHE A 171 28.65 3.03 4.53
N THR A 172 27.34 2.88 4.58
CA THR A 172 26.62 3.20 5.82
C THR A 172 26.44 2.00 6.74
N GLY A 173 26.51 0.80 6.19
N GLY A 173 26.40 0.80 6.17
CA GLY A 173 26.36 -0.42 6.97
CA GLY A 173 26.03 -0.37 6.94
C GLY A 173 24.94 -0.61 7.47
C GLY A 173 24.54 -0.42 7.26
N ARG A 174 24.01 0.11 6.82
N ARG A 174 23.77 0.56 6.77
CA ARG A 174 22.61 0.14 7.23
CA ARG A 174 22.34 0.65 7.07
C ARG A 174 21.72 -0.41 6.12
C ARG A 174 21.54 -0.16 6.06
N VAL A 175 20.57 -0.95 6.52
CA VAL A 175 19.58 -1.50 5.61
C VAL A 175 18.21 -1.07 6.14
N VAL A 176 17.43 -0.43 5.28
CA VAL A 176 16.12 0.08 5.62
C VAL A 176 15.21 -1.06 6.13
N ARG A 177 14.25 -0.71 6.97
CA ARG A 177 13.40 -1.67 7.64
C ARG A 177 12.84 -2.76 6.70
N ARG A 178 12.35 -2.35 5.55
CA ARG A 178 11.76 -3.28 4.59
C ARG A 178 12.67 -4.46 4.30
N PHE A 179 13.98 -4.21 4.26
CA PHE A 179 14.93 -5.24 3.84
C PHE A 179 15.70 -5.90 4.99
N GLN A 180 15.58 -5.39 6.22
CA GLN A 180 16.19 -6.08 7.35
CA GLN A 180 16.18 -6.07 7.36
C GLN A 180 15.51 -7.43 7.54
N GLY A 181 16.32 -8.49 7.64
CA GLY A 181 15.79 -9.83 7.79
C GLY A 181 15.24 -10.44 6.51
N SER A 182 15.35 -9.73 5.39
CA SER A 182 14.73 -10.18 4.15
C SER A 182 15.42 -11.40 3.52
N MET A 183 16.74 -11.50 3.62
N MET A 183 16.74 -11.46 3.62
CA MET A 183 17.39 -12.66 2.98
CA MET A 183 17.47 -12.60 3.07
C MET A 183 16.92 -13.96 3.64
C MET A 183 16.92 -13.91 3.65
N LYS A 184 16.84 -13.98 4.97
CA LYS A 184 16.35 -15.16 5.67
CA LYS A 184 16.35 -15.17 5.64
C LYS A 184 14.91 -15.47 5.26
N GLU A 185 14.09 -14.44 5.13
CA GLU A 185 12.72 -14.63 4.70
C GLU A 185 12.65 -15.28 3.31
N TRP A 186 13.38 -14.74 2.34
CA TRP A 186 13.36 -15.33 1.01
C TRP A 186 13.92 -16.76 1.04
N GLN A 187 14.99 -16.97 1.81
CA GLN A 187 15.55 -18.33 1.93
C GLN A 187 14.50 -19.30 2.45
N ASP A 188 13.78 -18.89 3.49
CA ASP A 188 12.78 -19.75 4.10
C ASP A 188 11.63 -20.01 3.14
N MET A 189 11.36 -19.07 2.24
CA MET A 189 10.32 -19.22 1.24
C MET A 189 10.78 -19.97 -0.01
N GLY A 190 12.03 -20.42 -0.03
CA GLY A 190 12.53 -21.27 -1.11
C GLY A 190 13.09 -20.54 -2.31
N VAL A 191 13.27 -19.23 -2.19
CA VAL A 191 13.83 -18.45 -3.28
C VAL A 191 15.27 -18.88 -3.54
N LEU A 192 15.64 -19.01 -4.82
CA LEU A 192 16.93 -19.60 -5.18
C LEU A 192 18.08 -18.61 -5.20
N ASN A 193 17.82 -17.37 -5.62
CA ASN A 193 18.88 -16.45 -6.00
C ASN A 193 18.38 -15.03 -6.09
N PHE A 194 19.32 -14.08 -6.07
CA PHE A 194 19.06 -12.67 -6.37
C PHE A 194 19.64 -12.31 -7.74
N GLU A 195 18.93 -11.44 -8.45
CA GLU A 195 19.51 -10.72 -9.58
C GLU A 195 18.72 -9.41 -9.69
N MET A 196 18.88 -8.67 -10.79
CA MET A 196 18.39 -7.28 -10.82
C MET A 196 17.57 -6.89 -12.04
N GLU A 197 17.18 -7.83 -12.90
CA GLU A 197 16.44 -7.48 -14.12
C GLU A 197 15.19 -8.32 -14.42
N SER A 198 15.08 -9.51 -13.85
CA SER A 198 14.04 -10.45 -14.26
CA SER A 198 14.05 -10.45 -14.24
C SER A 198 12.62 -9.98 -13.95
N ALA A 199 12.41 -9.34 -12.80
CA ALA A 199 11.04 -8.91 -12.49
C ALA A 199 10.52 -7.94 -13.54
N THR A 200 11.35 -6.97 -13.92
CA THR A 200 10.97 -6.03 -14.96
C THR A 200 10.73 -6.76 -16.28
N LEU A 201 11.70 -7.57 -16.69
CA LEU A 201 11.61 -8.25 -17.98
C LEU A 201 10.38 -9.13 -18.05
N LEU A 202 10.19 -9.97 -17.05
CA LEU A 202 9.12 -10.96 -17.10
C LEU A 202 7.74 -10.29 -17.00
N THR A 203 7.60 -9.29 -16.12
CA THR A 203 6.32 -8.61 -16.00
C THR A 203 5.98 -7.85 -17.27
N MET A 204 6.95 -7.09 -17.78
N MET A 204 6.95 -7.12 -17.82
CA MET A 204 6.75 -6.36 -19.01
CA MET A 204 6.67 -6.33 -19.01
C MET A 204 6.26 -7.30 -20.10
C MET A 204 6.35 -7.23 -20.22
N CYS A 205 7.00 -8.37 -20.34
CA CYS A 205 6.69 -9.25 -21.46
C CYS A 205 5.37 -10.01 -21.27
N ALA A 206 5.13 -10.54 -20.08
CA ALA A 206 3.95 -11.34 -19.83
C ALA A 206 2.66 -10.52 -19.93
N SER A 207 2.77 -9.20 -19.77
CA SER A 207 1.61 -8.31 -19.84
C SER A 207 1.53 -7.54 -21.16
N SER A 208 2.45 -7.82 -22.09
CA SER A 208 2.55 -7.07 -23.35
C SER A 208 2.56 -7.96 -24.60
N GLY A 209 2.28 -9.25 -24.45
CA GLY A 209 2.22 -10.13 -25.62
C GLY A 209 3.59 -10.51 -26.16
N LEU A 210 4.59 -10.52 -25.30
CA LEU A 210 5.95 -10.90 -25.68
C LEU A 210 6.32 -12.14 -24.88
N LYS A 211 7.20 -12.97 -25.43
CA LYS A 211 7.64 -14.19 -24.76
C LYS A 211 9.01 -13.96 -24.16
N ALA A 212 9.17 -14.27 -22.87
CA ALA A 212 10.45 -14.07 -22.20
C ALA A 212 10.76 -15.18 -21.21
N GLY A 213 12.06 -15.35 -20.94
CA GLY A 213 12.52 -16.24 -19.90
C GLY A 213 13.91 -15.85 -19.48
N CYS A 214 14.37 -16.42 -18.37
CA CYS A 214 15.70 -16.15 -17.81
CA CYS A 214 15.69 -16.14 -17.83
C CYS A 214 16.41 -17.41 -17.40
N VAL A 215 17.68 -17.53 -17.79
CA VAL A 215 18.54 -18.62 -17.35
C VAL A 215 19.86 -18.02 -16.85
N ALA A 216 20.44 -18.62 -15.81
CA ALA A 216 21.65 -18.07 -15.23
C ALA A 216 22.57 -19.16 -14.71
N GLY A 217 23.87 -18.97 -14.86
CA GLY A 217 24.85 -19.82 -14.21
C GLY A 217 25.21 -19.28 -12.82
N VAL A 218 25.33 -20.14 -11.82
N VAL A 218 25.32 -20.21 -11.87
CA VAL A 218 25.61 -19.63 -10.46
CA VAL A 218 25.69 -19.88 -10.50
C VAL A 218 27.10 -19.31 -10.28
C VAL A 218 27.20 -19.89 -10.35
N ILE A 219 27.42 -18.06 -9.96
N ILE A 219 27.75 -18.75 -9.95
CA ILE A 219 28.83 -17.66 -9.78
CA ILE A 219 29.19 -18.57 -9.84
C ILE A 219 29.23 -17.41 -8.32
C ILE A 219 29.65 -18.29 -8.40
N ILE A 220 28.25 -17.32 -7.44
N ILE A 220 28.70 -18.15 -7.49
CA ILE A 220 28.53 -17.14 -6.02
CA ILE A 220 29.02 -17.96 -6.08
C ILE A 220 27.32 -17.58 -5.21
C ILE A 220 27.79 -18.27 -5.24
N ASN A 221 27.54 -17.88 -3.93
N ASN A 221 28.01 -18.56 -3.96
CA ASN A 221 26.48 -18.37 -3.09
CA ASN A 221 26.91 -18.80 -3.07
C ASN A 221 26.59 -17.70 -1.72
C ASN A 221 27.21 -18.23 -1.69
N ARG A 222 25.55 -16.96 -1.32
N ARG A 222 26.47 -17.18 -1.34
CA ARG A 222 25.62 -16.19 -0.08
CA ARG A 222 26.66 -16.43 -0.11
C ARG A 222 25.81 -17.05 1.18
C ARG A 222 26.54 -17.32 1.12
N THR A 223 25.75 -18.38 1.03
CA THR A 223 25.64 -19.29 2.18
C THR A 223 26.81 -20.26 2.33
N GLN A 224 27.73 -20.29 1.36
CA GLN A 224 28.80 -21.28 1.39
C GLN A 224 30.16 -20.66 1.71
N LYS A 225 30.95 -21.39 2.49
CA LYS A 225 32.29 -20.94 2.88
C LYS A 225 33.24 -20.93 1.69
N GLU A 226 33.42 -22.09 1.08
CA GLU A 226 34.39 -22.29 0.01
C GLU A 226 34.32 -21.22 -1.09
N ILE A 227 35.49 -20.89 -1.63
CA ILE A 227 35.58 -19.98 -2.78
C ILE A 227 35.84 -20.80 -4.04
N PRO A 228 35.00 -20.61 -5.07
CA PRO A 228 35.17 -21.35 -6.32
C PRO A 228 36.44 -20.93 -7.05
N ASP A 229 37.08 -21.87 -7.74
CA ASP A 229 38.33 -21.56 -8.44
C ASP A 229 38.06 -20.97 -9.82
N HIS A 230 39.09 -20.39 -10.42
CA HIS A 230 38.97 -19.71 -11.70
C HIS A 230 38.37 -20.62 -12.77
N ALA A 231 38.78 -21.89 -12.76
CA ALA A 231 38.37 -22.83 -13.80
C ALA A 231 36.86 -23.04 -13.81
N THR A 232 36.28 -23.23 -12.62
CA THR A 232 34.86 -23.49 -12.50
C THR A 232 34.07 -22.27 -12.97
N LEU A 233 34.54 -21.09 -12.61
CA LEU A 233 33.88 -19.85 -13.00
C LEU A 233 33.95 -19.62 -14.51
N LYS A 234 35.11 -19.87 -15.11
CA LYS A 234 35.28 -19.72 -16.54
C LYS A 234 34.36 -20.69 -17.28
N GLU A 235 34.31 -21.92 -16.79
CA GLU A 235 33.46 -22.95 -17.38
C GLU A 235 31.99 -22.56 -17.28
N THR A 236 31.61 -21.96 -16.15
CA THR A 236 30.22 -21.61 -15.91
C THR A 236 29.78 -20.47 -16.82
N GLU A 237 30.63 -19.48 -16.99
CA GLU A 237 30.33 -18.37 -17.88
C GLU A 237 30.14 -18.87 -19.30
N ALA A 238 31.05 -19.72 -19.75
CA ALA A 238 30.99 -20.26 -21.10
C ALA A 238 29.75 -21.13 -21.29
N ARG A 239 29.44 -21.96 -20.29
CA ARG A 239 28.29 -22.83 -20.40
C ARG A 239 26.99 -22.04 -20.44
N SER A 240 26.91 -20.94 -19.70
CA SER A 240 25.66 -20.18 -19.66
CA SER A 240 25.68 -20.17 -19.66
C SER A 240 25.29 -19.66 -21.04
N ILE A 241 26.26 -19.16 -21.80
CA ILE A 241 25.92 -18.63 -23.11
C ILE A 241 25.74 -19.73 -24.16
N LYS A 242 26.42 -20.86 -24.03
CA LYS A 242 26.15 -22.01 -24.89
CA LYS A 242 26.14 -21.97 -24.92
CA LYS A 242 26.14 -22.00 -24.89
C LYS A 242 24.71 -22.45 -24.69
N VAL A 243 24.30 -22.51 -23.43
CA VAL A 243 22.95 -22.92 -23.09
C VAL A 243 21.90 -21.97 -23.67
N VAL A 244 22.11 -20.67 -23.56
CA VAL A 244 21.08 -19.75 -24.03
C VAL A 244 20.95 -19.81 -25.57
N VAL A 245 22.06 -20.04 -26.26
CA VAL A 245 21.99 -20.20 -27.71
C VAL A 245 21.25 -21.48 -28.07
N GLU A 246 21.48 -22.57 -27.34
CA GLU A 246 20.72 -23.79 -27.59
C GLU A 246 19.23 -23.60 -27.26
N ALA A 247 18.92 -22.82 -26.23
CA ALA A 247 17.52 -22.51 -25.94
C ALA A 247 16.88 -21.72 -27.08
N ALA A 248 17.63 -20.79 -27.66
CA ALA A 248 17.16 -20.05 -28.83
C ALA A 248 16.88 -21.01 -29.98
N ARG A 249 17.77 -21.97 -30.20
CA ARG A 249 17.58 -22.95 -31.27
CA ARG A 249 17.58 -22.96 -31.27
C ARG A 249 16.26 -23.68 -31.10
N LYS A 250 15.95 -24.05 -29.86
CA LYS A 250 14.72 -24.76 -29.54
C LYS A 250 13.47 -23.90 -29.74
N MET A 251 13.62 -22.58 -29.64
CA MET A 251 12.49 -21.66 -29.82
C MET A 251 12.21 -21.36 -31.29
N LEU A 252 13.19 -21.54 -32.16
CA LEU A 252 13.01 -21.22 -33.58
C LEU A 252 11.93 -22.09 -34.21
N LYS A 253 11.12 -21.48 -35.08
CA LYS A 253 10.00 -22.16 -35.74
C LYS A 253 10.27 -22.33 -37.22
N THR B 2 44.60 -1.52 -1.02
CA THR B 2 43.27 -1.63 -0.44
C THR B 2 42.30 -2.20 -1.47
N LYS B 3 41.04 -2.36 -1.09
CA LYS B 3 40.07 -3.07 -1.91
C LYS B 3 39.77 -2.38 -3.24
N THR B 4 39.42 -3.19 -4.23
CA THR B 4 38.87 -2.71 -5.49
C THR B 4 37.36 -2.96 -5.44
N VAL B 5 36.55 -1.92 -5.60
CA VAL B 5 35.10 -2.07 -5.54
C VAL B 5 34.60 -3.00 -6.64
N PHE B 6 33.49 -3.68 -6.37
N PHE B 6 33.52 -3.71 -6.35
CA PHE B 6 33.04 -4.82 -7.17
CA PHE B 6 33.04 -4.80 -7.19
C PHE B 6 32.71 -4.51 -8.64
C PHE B 6 32.91 -4.37 -8.66
N HIS B 7 32.04 -3.39 -8.90
CA HIS B 7 31.66 -3.04 -10.26
C HIS B 7 32.55 -2.00 -10.93
N LEU B 8 32.97 -0.99 -10.19
CA LEU B 8 33.66 0.15 -10.81
C LEU B 8 35.12 -0.13 -11.16
N GLY B 9 35.73 -1.13 -10.53
CA GLY B 9 37.07 -1.55 -10.91
C GLY B 9 38.17 -0.57 -10.54
N VAL B 10 37.93 0.25 -9.52
CA VAL B 10 38.91 1.20 -9.04
C VAL B 10 39.13 1.04 -7.54
N THR B 11 40.27 1.52 -7.07
CA THR B 11 40.60 1.50 -5.65
C THR B 11 40.53 2.91 -5.10
N GLU B 12 40.57 3.04 -3.78
CA GLU B 12 40.57 4.36 -3.17
C GLU B 12 41.81 5.13 -3.62
N ALA B 13 42.96 4.45 -3.68
CA ALA B 13 44.20 5.10 -4.11
C ALA B 13 44.08 5.68 -5.52
N ASP B 14 43.34 5.00 -6.39
CA ASP B 14 43.15 5.46 -7.76
C ASP B 14 42.52 6.86 -7.81
N LEU B 15 41.75 7.22 -6.78
CA LEU B 15 40.99 8.47 -6.82
C LEU B 15 41.78 9.67 -6.32
N ASN B 16 43.00 9.43 -5.84
CA ASN B 16 43.88 10.50 -5.38
C ASN B 16 43.21 11.50 -4.44
N GLY B 17 42.42 10.98 -3.51
CA GLY B 17 41.82 11.79 -2.46
C GLY B 17 40.54 12.50 -2.84
N ALA B 18 39.98 12.21 -4.02
CA ALA B 18 38.77 12.88 -4.45
C ALA B 18 37.61 12.65 -3.47
N THR B 19 36.90 13.72 -3.14
CA THR B 19 35.68 13.56 -2.34
C THR B 19 34.44 14.03 -3.08
N LEU B 20 34.61 14.45 -4.34
CA LEU B 20 33.50 14.90 -5.17
C LEU B 20 33.54 14.16 -6.49
N ALA B 21 32.36 13.73 -6.94
CA ALA B 21 32.20 13.07 -8.24
C ALA B 21 31.16 13.79 -9.07
N ILE B 22 31.45 13.89 -10.36
CA ILE B 22 30.45 14.28 -11.35
C ILE B 22 29.99 12.97 -12.01
N ILE B 23 28.67 12.77 -12.06
CA ILE B 23 28.11 11.49 -12.48
C ILE B 23 27.11 11.64 -13.63
N PRO B 24 27.61 11.68 -14.88
CA PRO B 24 26.74 11.66 -16.04
C PRO B 24 26.18 10.23 -16.24
N GLY B 25 25.22 10.08 -17.13
CA GLY B 25 24.66 8.77 -17.40
C GLY B 25 25.46 7.95 -18.41
N ASP B 26 25.87 8.60 -19.48
CA ASP B 26 26.47 7.95 -20.63
C ASP B 26 27.98 7.82 -20.44
N PRO B 27 28.52 6.59 -20.50
CA PRO B 27 29.98 6.45 -20.36
C PRO B 27 30.78 7.31 -21.35
N ALA B 28 30.23 7.58 -22.52
CA ALA B 28 30.93 8.39 -23.52
C ALA B 28 31.07 9.86 -23.09
N ARG B 29 30.26 10.30 -22.13
CA ARG B 29 30.31 11.69 -21.69
C ARG B 29 31.42 11.89 -20.65
N VAL B 30 31.93 10.81 -20.08
CA VAL B 30 32.88 10.91 -18.97
C VAL B 30 34.16 11.63 -19.38
N GLN B 31 34.78 11.21 -20.48
CA GLN B 31 35.98 11.88 -20.95
C GLN B 31 35.72 13.33 -21.32
N LYS B 32 34.53 13.60 -21.85
CA LYS B 32 34.18 14.96 -22.27
CA LYS B 32 34.18 14.96 -22.27
C LYS B 32 34.10 15.91 -21.08
N ILE B 33 33.60 15.41 -19.95
CA ILE B 33 33.57 16.20 -18.73
C ILE B 33 34.98 16.32 -18.15
N ALA B 34 35.69 15.20 -18.09
CA ALA B 34 37.03 15.19 -17.49
C ALA B 34 37.97 16.18 -18.20
N GLU B 35 37.84 16.29 -19.51
CA GLU B 35 38.77 17.14 -20.28
C GLU B 35 38.50 18.63 -20.06
N LEU B 36 37.38 18.98 -19.43
CA LEU B 36 37.14 20.37 -19.03
C LEU B 36 37.93 20.74 -17.79
N MET B 37 38.57 19.75 -17.17
CA MET B 37 39.37 19.96 -15.98
C MET B 37 40.84 19.64 -16.28
N ASP B 38 41.70 19.67 -15.28
CA ASP B 38 43.14 19.48 -15.48
C ASP B 38 43.57 18.03 -15.29
N ASN B 39 44.55 17.61 -16.07
CA ASN B 39 45.17 16.29 -15.93
C ASN B 39 44.17 15.14 -15.86
N PRO B 40 43.24 15.08 -16.83
CA PRO B 40 42.31 13.95 -16.84
C PRO B 40 43.03 12.63 -17.12
N VAL B 41 42.70 11.60 -16.35
CA VAL B 41 43.29 10.29 -16.57
C VAL B 41 42.21 9.21 -16.49
N PHE B 42 42.19 8.34 -17.49
CA PHE B 42 41.30 7.19 -17.51
C PHE B 42 41.67 6.23 -16.40
N LEU B 43 40.68 5.77 -15.63
CA LEU B 43 40.92 4.80 -14.58
C LEU B 43 40.40 3.40 -14.94
N ALA B 44 39.16 3.29 -15.40
CA ALA B 44 38.57 1.99 -15.67
C ALA B 44 37.31 2.09 -16.50
N SER B 45 36.99 1.01 -17.20
N SER B 45 37.03 1.01 -17.21
CA SER B 45 35.70 0.90 -17.89
CA SER B 45 35.77 0.83 -17.91
C SER B 45 35.21 -0.54 -17.79
C SER B 45 35.27 -0.59 -17.66
N HIS B 46 34.02 -0.69 -17.21
CA HIS B 46 33.38 -1.99 -17.07
CA HIS B 46 33.38 -1.98 -17.02
C HIS B 46 31.88 -1.77 -17.18
N ARG B 47 31.24 -2.52 -18.07
CA ARG B 47 29.81 -2.37 -18.30
CA ARG B 47 29.81 -2.36 -18.31
C ARG B 47 29.50 -0.88 -18.56
N GLU B 48 28.46 -0.33 -17.93
CA GLU B 48 28.12 1.09 -18.16
C GLU B 48 28.95 2.07 -17.36
N TYR B 49 29.98 1.58 -16.67
CA TYR B 49 30.76 2.40 -15.76
C TYR B 49 32.14 2.74 -16.32
N THR B 50 32.30 3.99 -16.75
CA THR B 50 33.59 4.51 -17.15
C THR B 50 33.98 5.54 -16.10
N VAL B 51 35.23 5.45 -15.64
CA VAL B 51 35.71 6.27 -14.53
C VAL B 51 36.99 6.98 -14.93
N TYR B 52 37.01 8.30 -14.74
CA TYR B 52 38.20 9.14 -14.91
C TYR B 52 38.46 9.91 -13.62
N ARG B 53 39.69 10.31 -13.44
CA ARG B 53 40.03 11.30 -12.43
CA ARG B 53 40.05 11.27 -12.42
C ARG B 53 40.53 12.54 -13.13
N ALA B 54 40.37 13.69 -12.47
CA ALA B 54 40.92 14.94 -12.97
C ALA B 54 41.18 15.85 -11.79
N GLU B 55 41.68 17.04 -12.06
CA GLU B 55 41.93 18.02 -11.01
C GLU B 55 41.23 19.32 -11.33
N LEU B 56 40.60 19.90 -10.31
CA LEU B 56 39.84 21.13 -10.46
C LEU B 56 40.31 22.09 -9.39
N ASP B 57 40.92 23.19 -9.81
CA ASP B 57 41.53 24.13 -8.87
C ASP B 57 42.44 23.39 -7.89
N GLY B 58 43.18 22.41 -8.40
CA GLY B 58 44.17 21.69 -7.62
C GLY B 58 43.63 20.53 -6.81
N GLN B 59 42.31 20.34 -6.81
CA GLN B 59 41.70 19.26 -6.05
C GLN B 59 41.25 18.13 -6.94
N SER B 60 41.46 16.90 -6.49
N SER B 60 41.47 16.90 -6.50
CA SER B 60 41.05 15.73 -7.24
CA SER B 60 41.11 15.73 -7.27
C SER B 60 39.54 15.62 -7.31
C SER B 60 39.58 15.55 -7.31
N VAL B 61 39.06 15.27 -8.50
CA VAL B 61 37.64 15.06 -8.75
CA VAL B 61 37.66 14.99 -8.66
C VAL B 61 37.51 13.78 -9.56
N VAL B 62 36.44 13.03 -9.34
CA VAL B 62 36.14 11.82 -10.09
CA VAL B 62 36.21 11.86 -10.15
C VAL B 62 35.00 12.10 -11.06
N VAL B 63 35.08 11.53 -12.26
CA VAL B 63 33.94 11.53 -13.17
C VAL B 63 33.59 10.08 -13.43
N CYS B 64 32.33 9.71 -13.23
CA CYS B 64 31.93 8.30 -13.31
C CYS B 64 30.54 8.21 -13.90
N SER B 65 30.36 7.43 -14.97
CA SER B 65 29.03 7.26 -15.53
C SER B 65 28.17 6.33 -14.67
N THR B 66 26.86 6.47 -14.80
CA THR B 66 25.92 5.73 -13.95
C THR B 66 25.15 4.66 -14.71
N GLY B 67 25.11 4.76 -16.04
CA GLY B 67 24.14 4.01 -16.82
C GLY B 67 22.76 4.63 -16.69
N ILE B 68 21.79 4.02 -17.36
CA ILE B 68 20.41 4.43 -17.29
C ILE B 68 19.70 3.78 -16.10
N GLY B 69 19.07 4.60 -15.28
CA GLY B 69 18.18 4.12 -14.25
C GLY B 69 18.76 4.11 -12.85
N GLY B 70 17.86 4.11 -11.87
CA GLY B 70 18.23 4.06 -10.47
C GLY B 70 19.10 2.87 -10.07
N PRO B 71 18.79 1.66 -10.55
CA PRO B 71 19.58 0.52 -10.08
C PRO B 71 21.07 0.64 -10.42
N SER B 72 21.41 0.95 -11.66
N SER B 72 21.34 0.97 -11.68
CA SER B 72 22.84 1.07 -11.98
CA SER B 72 22.69 1.17 -12.17
C SER B 72 23.45 2.31 -11.33
C SER B 72 23.41 2.30 -11.41
N THR B 73 22.67 3.38 -11.18
CA THR B 73 23.15 4.55 -10.47
C THR B 73 23.49 4.23 -9.02
N SER B 74 22.63 3.44 -8.36
CA SER B 74 22.81 3.15 -6.95
C SER B 74 24.11 2.38 -6.69
N ILE B 75 24.52 1.55 -7.64
CA ILE B 75 25.77 0.81 -7.52
C ILE B 75 26.95 1.77 -7.60
N ALA B 76 26.93 2.68 -8.57
CA ALA B 76 28.05 3.60 -8.74
C ALA B 76 28.20 4.51 -7.52
N VAL B 77 27.09 5.04 -7.02
CA VAL B 77 27.15 5.94 -5.89
C VAL B 77 27.67 5.21 -4.65
N GLU B 78 27.14 4.02 -4.38
CA GLU B 78 27.61 3.25 -3.25
C GLU B 78 29.10 2.98 -3.31
N GLU B 79 29.57 2.51 -4.46
CA GLU B 79 30.97 2.11 -4.56
C GLU B 79 31.90 3.32 -4.50
N LEU B 80 31.49 4.45 -5.10
CA LEU B 80 32.27 5.68 -4.94
C LEU B 80 32.30 6.14 -3.47
N ALA B 81 31.17 6.01 -2.77
CA ALA B 81 31.13 6.39 -1.35
C ALA B 81 32.05 5.49 -0.53
N GLN B 82 32.12 4.20 -0.87
CA GLN B 82 33.04 3.30 -0.19
C GLN B 82 34.48 3.80 -0.32
N LEU B 83 34.76 4.48 -1.42
CA LEU B 83 36.12 4.95 -1.70
C LEU B 83 36.34 6.42 -1.32
N GLY B 84 35.43 6.99 -0.54
CA GLY B 84 35.65 8.31 0.02
C GLY B 84 34.87 9.45 -0.59
N VAL B 85 34.12 9.20 -1.65
CA VAL B 85 33.37 10.29 -2.29
C VAL B 85 32.14 10.63 -1.44
N ARG B 86 31.92 11.92 -1.23
CA ARG B 86 30.83 12.39 -0.38
C ARG B 86 29.85 13.33 -1.07
N THR B 87 30.25 13.88 -2.23
CA THR B 87 29.43 14.84 -2.95
C THR B 87 29.28 14.36 -4.39
N PHE B 88 28.03 14.34 -4.87
CA PHE B 88 27.68 13.79 -6.19
C PHE B 88 26.89 14.81 -6.99
N LEU B 89 27.42 15.20 -8.14
N LEU B 89 27.43 15.20 -8.14
CA LEU B 89 26.75 16.16 -9.01
CA LEU B 89 26.77 16.14 -9.02
C LEU B 89 26.32 15.48 -10.30
C LEU B 89 26.32 15.42 -10.27
N ARG B 90 25.01 15.29 -10.44
CA ARG B 90 24.43 14.65 -11.61
C ARG B 90 24.17 15.68 -12.69
N VAL B 91 24.57 15.34 -13.90
CA VAL B 91 24.28 16.12 -15.10
C VAL B 91 23.65 15.17 -16.12
N GLY B 92 22.76 15.70 -16.94
N GLY B 92 22.70 15.67 -16.90
CA GLY B 92 22.18 14.93 -18.02
CA GLY B 92 22.00 14.83 -17.86
C GLY B 92 21.20 15.77 -18.82
C GLY B 92 20.78 15.51 -18.43
N THR B 93 20.39 15.10 -19.62
CA THR B 93 19.33 15.76 -20.37
C THR B 93 17.96 15.28 -19.92
N THR B 94 16.93 15.98 -20.35
CA THR B 94 15.60 15.77 -19.79
C THR B 94 14.51 16.23 -20.76
N GLY B 95 13.29 15.78 -20.53
CA GLY B 95 12.12 16.25 -21.26
C GLY B 95 11.26 17.12 -20.37
N ALA B 96 10.98 18.34 -20.83
CA ALA B 96 10.12 19.25 -20.09
C ALA B 96 8.67 18.90 -20.33
N ILE B 97 7.83 19.15 -19.33
CA ILE B 97 6.40 18.95 -19.49
C ILE B 97 5.57 20.21 -19.32
N GLN B 98 6.22 21.32 -18.98
CA GLN B 98 5.55 22.62 -18.92
C GLN B 98 5.76 23.39 -20.22
N PRO B 99 4.72 24.05 -20.72
CA PRO B 99 4.88 24.71 -22.03
C PRO B 99 5.87 25.86 -22.02
N HIS B 100 6.14 26.47 -20.87
CA HIS B 100 7.00 27.64 -20.80
C HIS B 100 8.47 27.28 -20.67
N VAL B 101 8.77 26.00 -20.50
CA VAL B 101 10.14 25.54 -20.40
C VAL B 101 10.61 25.11 -21.77
N ASN B 102 11.66 25.75 -22.28
CA ASN B 102 12.07 25.56 -23.66
C ASN B 102 13.27 24.65 -23.81
N VAL B 103 13.37 24.00 -24.97
CA VAL B 103 14.57 23.26 -25.33
C VAL B 103 15.78 24.19 -25.17
N GLY B 104 16.83 23.68 -24.52
CA GLY B 104 18.01 24.47 -24.26
C GLY B 104 18.04 25.08 -22.87
N ASP B 105 16.87 25.17 -22.22
CA ASP B 105 16.83 25.64 -20.85
C ASP B 105 17.48 24.62 -19.94
N MET B 106 17.89 25.07 -18.75
N MET B 106 17.83 25.04 -18.73
CA MET B 106 18.41 24.19 -17.72
CA MET B 106 18.37 24.14 -17.74
C MET B 106 17.38 24.06 -16.59
C MET B 106 17.50 24.11 -16.50
N ILE B 107 17.37 22.91 -15.94
CA ILE B 107 16.54 22.69 -14.77
C ILE B 107 17.41 22.17 -13.64
N VAL B 108 17.29 22.79 -12.48
CA VAL B 108 17.89 22.28 -11.26
C VAL B 108 16.78 21.74 -10.37
N THR B 109 16.84 20.45 -10.07
CA THR B 109 15.78 19.77 -9.34
C THR B 109 15.81 20.15 -7.86
N THR B 110 14.67 20.62 -7.36
CA THR B 110 14.54 20.92 -5.93
C THR B 110 13.91 19.75 -5.15
N GLY B 111 13.33 18.80 -5.88
CA GLY B 111 12.74 17.61 -5.29
C GLY B 111 12.22 16.73 -6.41
N SER B 112 12.22 15.42 -6.20
CA SER B 112 11.76 14.51 -7.24
C SER B 112 10.53 13.72 -6.83
N VAL B 113 9.61 13.56 -7.78
CA VAL B 113 8.53 12.60 -7.65
C VAL B 113 9.15 11.20 -7.82
N ARG B 114 8.96 10.36 -6.82
CA ARG B 114 9.62 9.06 -6.78
C ARG B 114 8.82 8.01 -7.54
N LEU B 115 9.01 7.99 -8.86
CA LEU B 115 8.34 7.02 -9.73
C LEU B 115 9.31 5.87 -10.07
N ASP B 116 10.17 5.57 -9.10
CA ASP B 116 11.21 4.57 -9.21
C ASP B 116 11.04 3.51 -8.13
N GLY B 117 11.87 2.49 -8.17
CA GLY B 117 11.90 1.47 -7.16
C GLY B 117 13.09 1.54 -6.23
N ALA B 118 14.24 1.96 -6.74
CA ALA B 118 15.46 1.87 -5.93
C ALA B 118 15.45 2.83 -4.75
N SER B 119 14.78 3.98 -4.86
CA SER B 119 14.72 4.89 -3.74
C SER B 119 14.16 4.20 -2.49
N LEU B 120 13.20 3.31 -2.68
CA LEU B 120 12.56 2.58 -1.59
C LEU B 120 13.51 1.61 -0.88
N HIS B 121 14.64 1.30 -1.53
CA HIS B 121 15.63 0.45 -0.90
C HIS B 121 16.52 1.22 0.07
N PHE B 122 16.32 2.55 0.12
CA PHE B 122 17.06 3.43 1.03
C PHE B 122 16.18 4.14 2.06
N ALA B 123 14.94 4.47 1.68
CA ALA B 123 14.04 5.19 2.59
C ALA B 123 12.62 4.89 2.14
N PRO B 124 11.68 4.84 3.09
CA PRO B 124 10.29 4.60 2.70
C PRO B 124 9.74 5.78 1.89
N MET B 125 8.61 5.58 1.21
CA MET B 125 8.12 6.55 0.23
C MET B 125 7.87 7.94 0.81
N GLU B 126 7.56 8.02 2.09
CA GLU B 126 7.28 9.28 2.78
CA GLU B 126 7.25 9.31 2.69
C GLU B 126 8.47 10.23 2.79
N PHE B 127 9.68 9.67 2.68
CA PHE B 127 10.91 10.44 2.73
C PHE B 127 11.07 11.27 1.45
N PRO B 128 11.48 12.55 1.56
CA PRO B 128 11.57 13.40 0.37
C PRO B 128 12.83 13.16 -0.45
N ALA B 129 12.66 13.01 -1.76
CA ALA B 129 13.79 12.92 -2.68
C ALA B 129 14.28 14.34 -2.97
N VAL B 130 15.19 14.80 -2.12
N VAL B 130 15.06 14.92 -2.05
CA VAL B 130 15.57 16.21 -2.02
CA VAL B 130 15.49 16.30 -2.22
C VAL B 130 17.09 16.36 -2.19
C VAL B 130 17.00 16.39 -2.22
N PRO B 131 17.54 17.38 -2.95
CA PRO B 131 18.99 17.59 -3.05
C PRO B 131 19.54 18.24 -1.80
N ASP B 132 20.85 18.13 -1.64
CA ASP B 132 21.58 18.95 -0.70
C ASP B 132 21.43 20.42 -1.10
N PHE B 133 21.14 21.28 -0.14
CA PHE B 133 20.87 22.67 -0.44
C PHE B 133 22.07 23.42 -1.04
N ASP B 134 23.27 23.10 -0.56
CA ASP B 134 24.47 23.72 -1.11
C ASP B 134 24.68 23.32 -2.56
N VAL B 135 24.45 22.06 -2.88
CA VAL B 135 24.63 21.61 -4.26
C VAL B 135 23.61 22.29 -5.16
N ALA B 136 22.34 22.32 -4.75
CA ALA B 136 21.31 22.95 -5.58
C ALA B 136 21.63 24.43 -5.80
N THR B 137 22.11 25.08 -4.75
CA THR B 137 22.48 26.51 -4.82
C THR B 137 23.64 26.72 -5.80
N ALA B 138 24.64 25.87 -5.73
CA ALA B 138 25.79 25.94 -6.63
C ALA B 138 25.38 25.69 -8.08
N MET B 139 24.49 24.73 -8.29
CA MET B 139 24.03 24.43 -9.64
CA MET B 139 23.98 24.41 -9.63
C MET B 139 23.24 25.59 -10.22
N LYS B 140 22.37 26.20 -9.42
CA LYS B 140 21.61 27.36 -9.89
CA LYS B 140 21.62 27.36 -9.88
C LYS B 140 22.56 28.47 -10.30
N ALA B 141 23.53 28.78 -9.45
CA ALA B 141 24.48 29.86 -9.72
C ALA B 141 25.29 29.58 -10.99
N ALA B 142 25.80 28.37 -11.10
CA ALA B 142 26.59 28.00 -12.28
C ALA B 142 25.75 28.09 -13.53
N ALA B 143 24.52 27.61 -13.47
CA ALA B 143 23.63 27.62 -14.62
C ALA B 143 23.32 29.07 -15.05
N GLN B 144 23.00 29.93 -14.08
CA GLN B 144 22.72 31.32 -14.40
C GLN B 144 23.93 32.01 -15.00
N GLU B 145 25.10 31.77 -14.42
CA GLU B 145 26.32 32.43 -14.84
C GLU B 145 26.72 32.06 -16.26
N SER B 146 26.21 30.93 -16.75
CA SER B 146 26.52 30.50 -18.10
C SER B 146 25.67 31.23 -19.14
N GLY B 147 24.65 31.94 -18.69
CA GLY B 147 23.75 32.66 -19.59
C GLY B 147 22.49 31.87 -19.92
N ALA B 148 22.34 30.70 -19.32
CA ALA B 148 21.21 29.83 -19.60
C ALA B 148 19.96 30.36 -18.92
N THR B 149 18.81 29.98 -19.45
CA THR B 149 17.54 30.19 -18.75
C THR B 149 17.34 29.00 -17.82
N VAL B 150 17.20 29.30 -16.53
CA VAL B 150 17.24 28.28 -15.49
C VAL B 150 15.92 28.20 -14.75
N HIS B 151 15.47 26.96 -14.50
CA HIS B 151 14.26 26.73 -13.73
C HIS B 151 14.58 25.88 -12.52
N MET B 152 14.08 26.29 -11.36
CA MET B 152 14.16 25.48 -10.14
C MET B 152 12.81 24.83 -9.93
N GLY B 153 12.76 23.54 -9.66
CA GLY B 153 11.49 22.92 -9.36
C GLY B 153 11.50 21.42 -9.30
N VAL B 154 10.30 20.87 -9.27
CA VAL B 154 10.09 19.44 -9.07
C VAL B 154 10.25 18.66 -10.36
N THR B 155 10.91 17.52 -10.27
CA THR B 155 11.17 16.62 -11.40
C THR B 155 10.49 15.28 -11.17
N ALA B 156 9.80 14.75 -12.17
CA ALA B 156 9.23 13.40 -12.07
C ALA B 156 10.29 12.40 -12.55
N SER B 157 10.64 11.45 -11.68
CA SER B 157 11.77 10.57 -11.94
C SER B 157 11.26 9.14 -12.05
N SER B 158 11.30 8.62 -13.28
CA SER B 158 10.61 7.39 -13.65
C SER B 158 11.56 6.23 -13.94
N ASP B 159 11.18 5.03 -13.49
CA ASP B 159 11.92 3.81 -13.81
C ASP B 159 11.75 3.36 -15.26
N THR B 160 10.89 4.01 -16.04
CA THR B 160 10.80 3.73 -17.47
C THR B 160 10.86 5.01 -18.29
N PHE B 161 11.29 4.87 -19.52
CA PHE B 161 11.29 5.96 -20.48
C PHE B 161 9.93 6.06 -21.14
N TYR B 162 9.25 4.93 -21.28
CA TYR B 162 8.04 4.86 -22.08
C TYR B 162 6.75 4.98 -21.24
N PRO B 163 6.22 3.90 -20.63
CA PRO B 163 4.90 4.09 -19.98
C PRO B 163 4.91 5.03 -18.78
N GLY B 164 5.98 5.02 -17.98
CA GLY B 164 6.06 5.88 -16.82
C GLY B 164 6.20 7.36 -17.15
N GLN B 165 6.49 7.65 -18.42
CA GLN B 165 6.47 9.03 -18.91
C GLN B 165 5.28 9.24 -19.84
N GLU B 166 4.30 8.34 -19.74
CA GLU B 166 3.07 8.36 -20.52
C GLU B 166 3.29 8.58 -22.01
N ARG B 167 4.26 7.85 -22.57
CA ARG B 167 4.42 7.75 -24.02
C ARG B 167 3.51 6.67 -24.59
N TYR B 168 2.87 6.98 -25.72
CA TYR B 168 1.97 6.07 -26.40
C TYR B 168 2.46 5.55 -27.75
N ASP B 169 3.49 6.18 -28.31
CA ASP B 169 4.01 5.70 -29.59
C ASP B 169 4.98 4.55 -29.32
N THR B 170 4.39 3.43 -28.96
CA THR B 170 5.14 2.30 -28.42
C THR B 170 4.58 1.01 -29.03
N PHE B 171 5.24 -0.10 -28.72
CA PHE B 171 4.79 -1.39 -29.23
C PHE B 171 3.35 -1.70 -28.83
N THR B 172 3.00 -1.56 -27.55
CA THR B 172 1.64 -1.86 -27.13
C THR B 172 0.70 -0.68 -27.35
N GLY B 173 1.22 0.54 -27.35
CA GLY B 173 0.38 1.72 -27.45
C GLY B 173 -0.56 1.89 -26.27
N ARG B 174 -0.18 1.30 -25.14
CA ARG B 174 -1.00 1.25 -23.95
CA ARG B 174 -1.00 1.24 -23.93
C ARG B 174 -0.19 1.69 -22.73
N VAL B 175 -0.85 2.28 -21.74
CA VAL B 175 -0.21 2.68 -20.49
C VAL B 175 -1.08 2.17 -19.33
N VAL B 176 -0.45 1.51 -18.36
CA VAL B 176 -1.13 0.94 -17.21
C VAL B 176 -1.89 2.02 -16.42
N ARG B 177 -2.94 1.60 -15.72
CA ARG B 177 -3.83 2.51 -15.02
C ARG B 177 -3.09 3.58 -14.22
N ARG B 178 -2.10 3.17 -13.46
CA ARG B 178 -1.34 4.10 -12.62
C ARG B 178 -0.83 5.32 -13.39
N PHE B 179 -0.43 5.11 -14.64
CA PHE B 179 0.22 6.15 -15.42
C PHE B 179 -0.68 6.79 -16.48
N GLN B 180 -1.88 6.26 -16.69
CA GLN B 180 -2.84 6.92 -17.58
CA GLN B 180 -2.86 6.91 -17.57
C GLN B 180 -3.24 8.26 -17.01
N GLY B 181 -3.11 9.31 -17.82
CA GLY B 181 -3.43 10.65 -17.39
C GLY B 181 -2.39 11.28 -16.48
N SER B 182 -1.26 10.59 -16.28
CA SER B 182 -0.29 11.07 -15.30
C SER B 182 0.47 12.31 -15.77
N MET B 183 0.75 12.43 -17.06
CA MET B 183 1.49 13.61 -17.50
CA MET B 183 1.43 13.60 -17.58
C MET B 183 0.68 14.88 -17.20
N LYS B 184 -0.62 14.87 -17.47
CA LYS B 184 -1.47 16.01 -17.18
CA LYS B 184 -1.44 16.03 -17.18
C LYS B 184 -1.50 16.31 -15.68
N GLU B 185 -1.57 15.25 -14.88
CA GLU B 185 -1.57 15.42 -13.43
C GLU B 185 -0.28 16.10 -12.96
N TRP B 186 0.87 15.61 -13.42
CA TRP B 186 2.12 16.24 -13.01
C TRP B 186 2.21 17.69 -13.51
N GLN B 187 1.75 17.92 -14.73
N GLN B 187 1.72 17.92 -14.72
CA GLN B 187 1.72 19.27 -15.27
CA GLN B 187 1.74 19.26 -15.30
C GLN B 187 0.92 20.18 -14.36
C GLN B 187 0.88 20.21 -14.45
N ASP B 188 -0.27 19.74 -14.02
CA ASP B 188 -1.17 20.53 -13.20
C ASP B 188 -0.55 20.82 -11.83
N MET B 189 0.26 19.88 -11.33
CA MET B 189 0.93 20.04 -10.05
C MET B 189 2.23 20.83 -10.13
N GLY B 190 2.57 21.32 -11.32
CA GLY B 190 3.71 22.20 -11.48
C GLY B 190 5.04 21.50 -11.68
N VAL B 191 5.02 20.18 -11.88
CA VAL B 191 6.24 19.44 -12.16
C VAL B 191 6.85 19.93 -13.48
N LEU B 192 8.17 20.08 -13.52
CA LEU B 192 8.84 20.68 -14.67
C LEU B 192 9.20 19.70 -15.78
N ASN B 193 9.58 18.48 -15.41
CA ASN B 193 10.30 17.63 -16.34
C ASN B 193 10.30 16.18 -15.89
N PHE B 194 10.65 15.29 -16.83
CA PHE B 194 10.85 13.87 -16.61
C PHE B 194 12.33 13.50 -16.83
N GLU B 195 12.85 12.63 -15.98
CA GLU B 195 14.09 11.90 -16.24
C GLU B 195 14.01 10.60 -15.44
N MET B 196 15.13 9.90 -15.23
CA MET B 196 15.05 8.51 -14.77
C MET B 196 15.99 8.16 -13.60
N GLU B 197 16.80 9.08 -13.10
CA GLU B 197 17.75 8.73 -12.05
C GLU B 197 17.68 9.56 -10.77
N SER B 198 17.06 10.74 -10.82
CA SER B 198 17.14 11.66 -9.70
CA SER B 198 17.08 11.69 -9.72
C SER B 198 16.45 11.16 -8.43
N ALA B 199 15.32 10.47 -8.55
CA ALA B 199 14.67 10.00 -7.33
C ALA B 199 15.57 9.05 -6.56
N THR B 200 16.19 8.11 -7.27
CA THR B 200 17.10 7.19 -6.61
C THR B 200 18.28 7.93 -6.03
N LEU B 201 18.94 8.75 -6.84
CA LEU B 201 20.14 9.45 -6.39
C LEU B 201 19.85 10.31 -5.17
N LEU B 202 18.82 11.14 -5.27
CA LEU B 202 18.56 12.10 -4.20
C LEU B 202 18.12 11.41 -2.92
N THR B 203 17.28 10.39 -3.02
CA THR B 203 16.81 9.69 -1.83
C THR B 203 17.97 8.95 -1.17
N MET B 204 18.74 8.23 -1.96
CA MET B 204 19.84 7.47 -1.38
CA MET B 204 19.90 7.49 -1.46
C MET B 204 20.85 8.42 -0.71
N CYS B 205 21.18 9.54 -1.33
CA CYS B 205 22.16 10.43 -0.73
C CYS B 205 21.63 11.16 0.49
N ALA B 206 20.41 11.69 0.41
CA ALA B 206 19.83 12.44 1.51
C ALA B 206 19.60 11.59 2.75
N SER B 207 19.49 10.28 2.57
CA SER B 207 19.28 9.36 3.69
C SER B 207 20.57 8.65 4.12
N SER B 208 21.70 8.99 3.49
CA SER B 208 22.97 8.29 3.74
C SER B 208 24.14 9.21 4.05
N GLY B 209 23.89 10.49 4.31
CA GLY B 209 24.97 11.39 4.68
C GLY B 209 25.86 11.80 3.52
N LEU B 210 25.29 11.78 2.32
CA LEU B 210 25.98 12.20 1.10
C LEU B 210 25.27 13.42 0.53
N LYS B 211 26.03 14.29 -0.12
CA LYS B 211 25.47 15.50 -0.73
CA LYS B 211 25.46 15.50 -0.72
C LYS B 211 25.25 15.26 -2.21
N ALA B 212 24.05 15.53 -2.70
CA ALA B 212 23.77 15.32 -4.12
C ALA B 212 22.89 16.41 -4.69
N GLY B 213 22.98 16.60 -5.99
CA GLY B 213 22.07 17.47 -6.72
C GLY B 213 22.06 17.07 -8.18
N CYS B 214 21.09 17.61 -8.91
N CYS B 214 21.09 17.59 -8.93
CA CYS B 214 20.89 17.33 -10.32
CA CYS B 214 20.88 17.22 -10.35
C CYS B 214 20.69 18.60 -11.12
C CYS B 214 20.55 18.45 -11.21
N VAL B 215 21.34 18.67 -12.26
CA VAL B 215 21.09 19.72 -13.24
C VAL B 215 20.93 19.05 -14.60
N ALA B 216 20.01 19.54 -15.41
CA ALA B 216 19.69 18.90 -16.66
C ALA B 216 19.35 19.89 -17.75
N GLY B 217 19.81 19.61 -18.97
CA GLY B 217 19.43 20.39 -20.13
C GLY B 217 18.22 19.81 -20.83
N VAL B 218 17.29 20.68 -21.20
CA VAL B 218 16.04 20.26 -21.83
C VAL B 218 16.25 20.00 -23.31
N ILE B 219 15.92 18.79 -23.77
CA ILE B 219 16.10 18.45 -25.18
C ILE B 219 14.80 18.18 -25.92
N ILE B 220 13.68 18.17 -25.20
CA ILE B 220 12.36 17.99 -25.80
C ILE B 220 11.34 18.62 -24.87
N ASN B 221 10.28 19.16 -25.44
CA ASN B 221 9.12 19.57 -24.68
C ASN B 221 7.95 18.65 -25.02
N ARG B 222 7.45 17.93 -24.02
CA ARG B 222 6.43 16.91 -24.23
C ARG B 222 5.06 17.48 -24.58
N THR B 223 4.88 18.79 -24.47
CA THR B 223 3.64 19.37 -25.01
C THR B 223 3.69 19.43 -26.52
N GLN B 224 4.88 19.26 -27.10
CA GLN B 224 5.09 19.35 -28.54
C GLN B 224 5.11 17.98 -29.25
N LYS B 225 5.78 16.99 -28.65
CA LYS B 225 5.94 15.66 -29.27
C LYS B 225 6.51 14.68 -28.24
N GLU B 226 6.59 13.41 -28.61
CA GLU B 226 7.09 12.35 -27.71
C GLU B 226 8.57 12.03 -27.91
N ILE B 227 9.04 12.01 -29.15
CA ILE B 227 10.38 11.52 -29.48
C ILE B 227 11.34 12.69 -29.69
N PRO B 228 12.45 12.73 -28.93
CA PRO B 228 13.37 13.87 -29.13
C PRO B 228 14.03 13.85 -30.51
N LEU B 233 20.64 19.33 -29.68
CA LEU B 233 21.03 18.40 -28.62
C LEU B 233 22.52 18.56 -28.31
N LYS B 234 23.31 18.82 -29.35
CA LYS B 234 24.75 18.98 -29.20
C LYS B 234 25.07 20.15 -28.28
N GLU B 235 24.53 21.32 -28.60
CA GLU B 235 24.84 22.52 -27.84
C GLU B 235 24.25 22.46 -26.43
N THR B 236 23.10 21.80 -26.28
CA THR B 236 22.51 21.64 -24.95
C THR B 236 23.40 20.76 -24.07
N GLU B 237 23.91 19.67 -24.63
CA GLU B 237 24.77 18.76 -23.87
C GLU B 237 26.08 19.44 -23.50
N ALA B 238 26.65 20.19 -24.44
CA ALA B 238 27.92 20.87 -24.20
C ALA B 238 27.80 21.91 -23.10
N ARG B 239 26.72 22.69 -23.11
CA ARG B 239 26.52 23.72 -22.11
CA ARG B 239 26.55 23.73 -22.10
C ARG B 239 26.27 23.10 -20.74
N SER B 240 25.57 21.97 -20.71
N SER B 240 25.55 21.98 -20.71
CA SER B 240 25.23 21.32 -19.45
CA SER B 240 25.23 21.31 -19.46
C SER B 240 26.47 20.84 -18.69
C SER B 240 26.50 20.91 -18.70
N ILE B 241 27.48 20.36 -19.41
CA ILE B 241 28.68 19.87 -18.73
C ILE B 241 29.59 21.03 -18.30
N LYS B 242 29.62 22.12 -19.05
CA LYS B 242 30.34 23.30 -18.59
CA LYS B 242 30.32 23.32 -18.62
C LYS B 242 29.72 23.78 -17.29
N VAL B 243 28.39 23.78 -17.21
CA VAL B 243 27.69 24.20 -16.00
C VAL B 243 28.02 23.28 -14.82
N VAL B 244 27.99 21.97 -15.01
CA VAL B 244 28.21 21.08 -13.87
C VAL B 244 29.65 21.18 -13.34
N VAL B 245 30.60 21.43 -14.22
CA VAL B 245 31.98 21.61 -13.76
C VAL B 245 32.12 22.89 -12.94
N GLU B 246 31.45 23.96 -13.36
N GLU B 246 31.46 23.96 -13.37
CA GLU B 246 31.47 25.20 -12.57
CA GLU B 246 31.46 25.19 -12.59
C GLU B 246 30.73 25.03 -11.25
C GLU B 246 30.79 24.95 -11.23
N ALA B 247 29.70 24.19 -11.22
CA ALA B 247 29.01 23.90 -9.95
C ALA B 247 29.95 23.15 -9.02
N ALA B 248 30.73 22.22 -9.57
CA ALA B 248 31.73 21.50 -8.80
C ALA B 248 32.77 22.46 -8.22
N ARG B 249 33.23 23.41 -9.03
CA ARG B 249 34.19 24.39 -8.55
C ARG B 249 33.63 25.10 -7.32
N LYS B 250 32.36 25.49 -7.39
CA LYS B 250 31.71 26.20 -6.28
C LYS B 250 31.61 25.34 -5.02
N MET B 251 31.44 24.03 -5.20
CA MET B 251 31.34 23.13 -4.06
C MET B 251 32.69 22.88 -3.39
N LEU B 252 33.78 23.03 -4.14
CA LEU B 252 35.12 22.75 -3.63
C LEU B 252 35.77 23.97 -2.98
N LYS B 253 35.18 25.14 -3.17
CA LYS B 253 35.79 26.39 -2.73
C LYS B 253 35.94 26.43 -1.21
N LYS C 3 -17.20 35.67 -0.84
CA LYS C 3 -16.65 37.00 -0.56
C LYS C 3 -15.91 37.01 0.77
N THR C 4 -16.54 36.43 1.80
CA THR C 4 -15.89 36.18 3.07
C THR C 4 -15.68 34.67 3.19
N VAL C 5 -14.41 34.25 3.17
CA VAL C 5 -14.08 32.82 3.22
C VAL C 5 -14.68 32.14 4.44
N PHE C 6 -14.88 30.83 4.34
CA PHE C 6 -15.72 30.10 5.27
C PHE C 6 -15.24 30.09 6.72
N HIS C 7 -13.95 29.89 6.94
CA HIS C 7 -13.41 29.73 8.28
C HIS C 7 -12.71 30.98 8.81
N LEU C 8 -11.95 31.66 7.96
CA LEU C 8 -11.06 32.73 8.44
C LEU C 8 -11.76 34.06 8.78
N GLY C 9 -12.97 34.27 8.26
CA GLY C 9 -13.74 35.44 8.63
C GLY C 9 -13.20 36.76 8.11
N VAL C 10 -12.43 36.69 7.02
CA VAL C 10 -11.91 37.90 6.39
C VAL C 10 -12.25 37.91 4.90
N THR C 11 -12.21 39.11 4.31
CA THR C 11 -12.46 39.31 2.89
C THR C 11 -11.15 39.66 2.18
N GLU C 12 -11.19 39.66 0.85
CA GLU C 12 -10.01 40.06 0.09
C GLU C 12 -9.66 41.51 0.41
N ALA C 13 -10.68 42.37 0.51
CA ALA C 13 -10.46 43.78 0.81
C ALA C 13 -9.74 43.98 2.15
N ASP C 14 -10.04 43.11 3.13
CA ASP C 14 -9.41 43.20 4.44
C ASP C 14 -7.89 43.05 4.37
N LEU C 15 -7.38 42.37 3.35
CA LEU C 15 -5.95 42.09 3.25
CA LEU C 15 -5.95 42.08 3.27
C LEU C 15 -5.17 43.21 2.60
N ASN C 16 -5.88 44.22 2.10
CA ASN C 16 -5.25 45.39 1.49
CA ASN C 16 -5.25 45.39 1.49
C ASN C 16 -4.15 45.04 0.49
N GLY C 17 -4.42 44.06 -0.35
CA GLY C 17 -3.50 43.70 -1.42
C GLY C 17 -2.37 42.75 -1.03
N ALA C 18 -2.38 42.25 0.21
CA ALA C 18 -1.31 41.35 0.64
C ALA C 18 -1.24 40.10 -0.23
N THR C 19 -0.03 39.72 -0.64
CA THR C 19 0.15 38.46 -1.35
C THR C 19 1.09 37.51 -0.62
N LEU C 20 1.54 37.91 0.57
CA LEU C 20 2.42 37.10 1.40
C LEU C 20 1.82 37.00 2.78
N ALA C 21 1.84 35.79 3.34
CA ALA C 21 1.39 35.54 4.70
C ALA C 21 2.47 34.87 5.54
N ILE C 22 2.58 35.30 6.78
CA ILE C 22 3.34 34.59 7.79
C ILE C 22 2.33 33.77 8.59
N ILE C 23 2.59 32.47 8.73
CA ILE C 23 1.61 31.55 9.30
C ILE C 23 2.17 30.77 10.50
N PRO C 24 2.13 31.38 11.69
CA PRO C 24 2.49 30.66 12.90
C PRO C 24 1.38 29.68 13.29
N GLY C 25 1.63 28.81 14.25
CA GLY C 25 0.62 27.86 14.68
C GLY C 25 -0.34 28.40 15.72
N ASP C 26 0.21 29.12 16.69
CA ASP C 26 -0.55 29.54 17.86
C ASP C 26 -1.23 30.88 17.61
N PRO C 27 -2.56 30.94 17.76
CA PRO C 27 -3.22 32.24 17.54
C PRO C 27 -2.63 33.38 18.38
N ALA C 28 -2.09 33.07 19.56
CA ALA C 28 -1.56 34.09 20.45
C ALA C 28 -0.28 34.73 19.91
N ARG C 29 0.39 34.08 18.98
CA ARG C 29 1.65 34.61 18.47
C ARG C 29 1.45 35.52 17.26
N VAL C 30 0.23 35.55 16.72
CA VAL C 30 -0.08 36.36 15.55
C VAL C 30 0.16 37.86 15.83
N GLN C 31 -0.39 38.36 16.93
CA GLN C 31 -0.19 39.77 17.27
C GLN C 31 1.29 40.08 17.47
N LYS C 32 2.02 39.13 18.06
CA LYS C 32 3.44 39.33 18.34
C LYS C 32 4.25 39.51 17.06
N ILE C 33 3.92 38.73 16.05
CA ILE C 33 4.58 38.86 14.77
C ILE C 33 4.16 40.15 14.09
N ALA C 34 2.85 40.44 14.10
CA ALA C 34 2.34 41.64 13.45
C ALA C 34 2.99 42.90 13.99
N GLU C 35 3.25 42.93 15.30
CA GLU C 35 3.79 44.12 15.94
CA GLU C 35 3.80 44.13 15.93
C GLU C 35 5.28 44.32 15.65
N LEU C 36 5.91 43.33 15.01
CA LEU C 36 7.29 43.49 14.54
C LEU C 36 7.30 44.29 13.24
N MET C 37 6.13 44.52 12.68
CA MET C 37 5.99 45.26 11.43
C MET C 37 5.23 46.57 11.71
N ASP C 38 4.90 47.32 10.66
CA ASP C 38 4.30 48.64 10.82
C ASP C 38 2.79 48.57 10.75
N ASN C 39 2.12 49.43 11.53
CA ASN C 39 0.67 49.56 11.47
C ASN C 39 -0.09 48.23 11.53
N PRO C 40 0.18 47.43 12.57
CA PRO C 40 -0.56 46.18 12.70
C PRO C 40 -2.05 46.43 12.96
N VAL C 41 -2.90 45.63 12.33
CA VAL C 41 -4.34 45.77 12.45
C VAL C 41 -4.96 44.39 12.66
N PHE C 42 -5.71 44.25 13.75
CA PHE C 42 -6.47 43.03 14.03
C PHE C 42 -7.63 42.91 13.05
N LEU C 43 -7.71 41.78 12.36
CA LEU C 43 -8.79 41.56 11.39
C LEU C 43 -9.90 40.64 11.89
N ALA C 44 -9.55 39.49 12.46
CA ALA C 44 -10.58 38.55 12.89
C ALA C 44 -10.00 37.46 13.77
N SER C 45 -10.85 36.88 14.60
CA SER C 45 -10.48 35.68 15.34
CA SER C 45 -10.49 35.69 15.36
C SER C 45 -11.68 34.73 15.43
N HIS C 46 -11.45 33.47 15.07
CA HIS C 46 -12.46 32.43 15.11
C HIS C 46 -11.74 31.09 15.25
N ARG C 47 -12.13 30.28 16.22
CA ARG C 47 -11.49 29.00 16.45
CA ARG C 47 -11.47 29.00 16.47
C ARG C 47 -9.97 29.21 16.56
N GLU C 48 -9.16 28.37 15.90
CA GLU C 48 -7.70 28.52 15.97
C GLU C 48 -7.14 29.59 15.03
N TYR C 49 -8.01 30.34 14.36
CA TYR C 49 -7.60 31.29 13.32
C TYR C 49 -7.73 32.73 13.76
N THR C 50 -6.59 33.32 14.08
CA THR C 50 -6.49 34.74 14.35
C THR C 50 -5.73 35.37 13.19
N VAL C 51 -6.26 36.47 12.68
CA VAL C 51 -5.74 37.10 11.47
C VAL C 51 -5.47 38.59 11.73
N TYR C 52 -4.26 39.01 11.40
CA TYR C 52 -3.85 40.41 11.42
C TYR C 52 -3.29 40.78 10.06
N ARG C 53 -3.25 42.07 9.79
CA ARG C 53 -2.51 42.61 8.67
C ARG C 53 -1.49 43.60 9.24
N ALA C 54 -0.41 43.80 8.52
CA ALA C 54 0.55 44.83 8.86
C ALA C 54 1.26 45.26 7.60
N GLU C 55 2.17 46.21 7.73
CA GLU C 55 2.92 46.69 6.59
CA GLU C 55 2.92 46.72 6.59
C GLU C 55 4.40 46.50 6.80
N LEU C 56 5.07 46.04 5.74
CA LEU C 56 6.47 45.74 5.78
C LEU C 56 7.09 46.41 4.58
N ASP C 57 7.98 47.37 4.82
CA ASP C 57 8.55 48.17 3.76
C ASP C 57 7.45 48.70 2.83
N GLY C 58 6.34 49.13 3.42
CA GLY C 58 5.26 49.75 2.67
C GLY C 58 4.29 48.77 2.04
N GLN C 59 4.56 47.47 2.14
CA GLN C 59 3.70 46.46 1.53
C GLN C 59 2.88 45.72 2.55
N SER C 60 1.64 45.42 2.21
N SER C 60 1.64 45.40 2.21
CA SER C 60 0.77 44.69 3.13
CA SER C 60 0.75 44.70 3.12
C SER C 60 1.19 43.24 3.24
C SER C 60 1.13 43.23 3.25
N VAL C 61 1.18 42.75 4.48
CA VAL C 61 1.50 41.37 4.82
CA VAL C 61 1.45 41.35 4.77
C VAL C 61 0.41 40.86 5.76
N VAL C 62 -0.02 39.62 5.62
N VAL C 62 0.02 39.61 5.60
CA VAL C 62 -1.03 39.07 6.52
CA VAL C 62 -0.94 38.98 6.48
C VAL C 62 -0.40 38.01 7.43
C VAL C 62 -0.21 38.12 7.49
N VAL C 63 -0.74 38.06 8.71
CA VAL C 63 -0.28 37.08 9.68
C VAL C 63 -1.53 36.30 10.10
N CYS C 64 -1.48 34.97 9.98
CA CYS C 64 -2.64 34.13 10.24
C CYS C 64 -2.21 32.85 10.91
N SER C 65 -2.80 32.53 12.05
CA SER C 65 -2.46 31.27 12.70
C SER C 65 -3.09 30.07 11.96
N THR C 66 -2.49 28.91 12.17
CA THR C 66 -2.90 27.68 11.48
C THR C 66 -3.61 26.67 12.37
N GLY C 67 -3.41 26.79 13.67
CA GLY C 67 -3.72 25.70 14.58
C GLY C 67 -2.68 24.59 14.47
N ILE C 68 -2.86 23.55 15.25
CA ILE C 68 -1.99 22.39 15.23
C ILE C 68 -2.44 21.40 14.16
N GLY C 69 -1.50 21.01 13.30
CA GLY C 69 -1.73 19.93 12.37
C GLY C 69 -2.05 20.34 10.95
N GLY C 70 -1.80 19.41 10.04
CA GLY C 70 -2.09 19.59 8.64
C GLY C 70 -3.53 19.97 8.29
N PRO C 71 -4.51 19.32 8.93
CA PRO C 71 -5.89 19.64 8.53
C PRO C 71 -6.26 21.11 8.76
N SER C 72 -5.99 21.63 9.95
CA SER C 72 -6.33 23.03 10.17
CA SER C 72 -6.20 23.04 10.31
C SER C 72 -5.44 23.97 9.38
N THR C 73 -4.19 23.59 9.13
CA THR C 73 -3.29 24.36 8.29
C THR C 73 -3.82 24.44 6.85
N SER C 74 -4.31 23.31 6.34
CA SER C 74 -4.76 23.26 4.94
C SER C 74 -5.94 24.19 4.69
N ILE C 75 -6.80 24.35 5.69
CA ILE C 75 -7.93 25.27 5.56
C ILE C 75 -7.44 26.71 5.47
N ALA C 76 -6.50 27.08 6.35
CA ALA C 76 -6.01 28.46 6.36
C ALA C 76 -5.31 28.80 5.04
N VAL C 77 -4.46 27.90 4.57
CA VAL C 77 -3.71 28.17 3.34
C VAL C 77 -4.68 28.30 2.15
N GLU C 78 -5.64 27.40 2.06
CA GLU C 78 -6.59 27.45 0.96
C GLU C 78 -7.37 28.76 0.96
N GLU C 79 -7.88 29.15 2.13
CA GLU C 79 -8.72 30.34 2.20
C GLU C 79 -7.90 31.62 1.98
N LEU C 80 -6.67 31.65 2.47
CA LEU C 80 -5.80 32.78 2.15
C LEU C 80 -5.48 32.85 0.65
N ALA C 81 -5.28 31.69 0.02
CA ALA C 81 -5.02 31.66 -1.41
C ALA C 81 -6.25 32.15 -2.19
N GLN C 82 -7.45 31.81 -1.73
CA GLN C 82 -8.65 32.33 -2.37
C GLN C 82 -8.68 33.86 -2.35
N LEU C 83 -8.05 34.44 -1.34
CA LEU C 83 -8.05 35.89 -1.16
C LEU C 83 -6.79 36.56 -1.70
N GLY C 84 -6.00 35.81 -2.46
CA GLY C 84 -4.90 36.40 -3.21
C GLY C 84 -3.50 36.13 -2.68
N VAL C 85 -3.39 35.42 -1.55
CA VAL C 85 -2.06 35.15 -0.99
C VAL C 85 -1.38 34.04 -1.80
N ARG C 86 -0.12 34.26 -2.14
CA ARG C 86 0.64 33.31 -2.97
C ARG C 86 1.90 32.78 -2.31
N THR C 87 2.38 33.44 -1.26
CA THR C 87 3.61 33.07 -0.58
C THR C 87 3.30 32.89 0.91
N PHE C 88 3.76 31.78 1.47
CA PHE C 88 3.45 31.37 2.84
C PHE C 88 4.73 31.04 3.59
N LEU C 89 5.00 31.79 4.65
CA LEU C 89 6.18 31.58 5.47
CA LEU C 89 6.18 31.59 5.49
C LEU C 89 5.78 31.01 6.84
N ARG C 90 6.08 29.75 7.05
CA ARG C 90 5.77 29.08 8.31
C ARG C 90 6.91 29.30 9.30
N VAL C 91 6.54 29.69 10.52
CA VAL C 91 7.47 29.78 11.64
C VAL C 91 6.90 28.96 12.78
N GLY C 92 7.77 28.40 13.61
N GLY C 92 7.76 28.35 13.59
CA GLY C 92 7.35 27.70 14.79
CA GLY C 92 7.30 27.55 14.72
C GLY C 92 8.52 27.16 15.54
C GLY C 92 8.37 26.66 15.31
N THR C 93 8.25 26.25 16.46
N THR C 93 8.28 26.39 16.60
CA THR C 93 9.30 25.58 17.21
CA THR C 93 9.31 25.61 17.29
C THR C 93 9.25 24.08 16.96
C THR C 93 9.29 24.13 16.89
N THR C 94 10.31 23.40 17.35
CA THR C 94 10.51 22.03 16.90
C THR C 94 11.39 21.28 17.88
N GLY C 95 11.37 19.95 17.78
CA GLY C 95 12.26 19.11 18.55
C GLY C 95 13.32 18.49 17.63
N ALA C 96 14.58 18.70 17.97
CA ALA C 96 15.67 18.13 17.19
C ALA C 96 15.87 16.67 17.55
N ILE C 97 16.30 15.86 16.59
CA ILE C 97 16.62 14.48 16.88
C ILE C 97 18.09 14.13 16.64
N GLN C 98 18.88 15.09 16.17
CA GLN C 98 20.32 14.89 15.99
C GLN C 98 21.07 15.46 17.17
N PRO C 99 22.09 14.75 17.68
CA PRO C 99 22.80 15.24 18.86
C PRO C 99 23.53 16.58 18.64
N HIS C 100 23.91 16.88 17.39
CA HIS C 100 24.69 18.09 17.12
C HIS C 100 23.83 19.33 16.94
N VAL C 101 22.51 19.16 16.88
CA VAL C 101 21.58 20.27 16.77
C VAL C 101 21.12 20.68 18.16
N ASN C 102 21.42 21.92 18.54
CA ASN C 102 21.19 22.36 19.90
C ASN C 102 19.95 23.22 20.07
N VAL C 103 19.41 23.21 21.28
CA VAL C 103 18.34 24.13 21.63
C VAL C 103 18.79 25.55 21.30
N GLY C 104 17.91 26.31 20.67
CA GLY C 104 18.23 27.64 20.23
C GLY C 104 18.68 27.74 18.79
N ASP C 105 19.10 26.61 18.20
CA ASP C 105 19.46 26.61 16.79
C ASP C 105 18.19 26.79 15.95
N MET C 106 18.37 27.18 14.70
CA MET C 106 17.29 27.33 13.73
CA MET C 106 17.26 27.26 13.77
C MET C 106 17.43 26.27 12.64
N ILE C 107 16.31 25.74 12.17
CA ILE C 107 16.29 24.77 11.09
C ILE C 107 15.43 25.34 9.98
N VAL C 108 15.96 25.29 8.76
CA VAL C 108 15.18 25.58 7.57
C VAL C 108 15.00 24.27 6.81
N THR C 109 13.75 23.85 6.66
CA THR C 109 13.42 22.56 6.07
C THR C 109 13.66 22.56 4.56
N THR C 110 14.44 21.61 4.08
CA THR C 110 14.65 21.43 2.63
C THR C 110 13.70 20.39 2.04
N GLY C 111 13.07 19.60 2.90
CA GLY C 111 12.11 18.60 2.48
C GLY C 111 11.57 17.93 3.73
N SER C 112 10.32 17.46 3.66
CA SER C 112 9.70 16.82 4.80
C SER C 112 9.35 15.36 4.55
N VAL C 113 9.59 14.54 5.57
CA VAL C 113 9.06 13.19 5.62
C VAL C 113 7.56 13.30 5.89
N ARG C 114 6.76 12.76 4.98
CA ARG C 114 5.32 12.93 5.02
C ARG C 114 4.67 11.89 5.94
N LEU C 115 4.70 12.17 7.24
CA LEU C 115 4.08 11.30 8.25
C LEU C 115 2.71 11.85 8.63
N ASP C 116 2.06 12.46 7.64
CA ASP C 116 0.76 13.09 7.79
C ASP C 116 -0.25 12.45 6.84
N GLY C 117 -1.50 12.89 6.93
CA GLY C 117 -2.54 12.47 6.01
C GLY C 117 -2.95 13.53 5.00
N ALA C 118 -2.91 14.80 5.38
CA ALA C 118 -3.48 15.83 4.53
C ALA C 118 -2.67 16.03 3.26
N SER C 119 -1.36 15.80 3.31
CA SER C 119 -0.56 15.95 2.11
C SER C 119 -1.10 15.08 0.97
N LEU C 120 -1.59 13.89 1.31
CA LEU C 120 -2.13 12.94 0.34
C LEU C 120 -3.40 13.43 -0.32
N HIS C 121 -4.03 14.45 0.26
CA HIS C 121 -5.22 15.03 -0.34
C HIS C 121 -4.88 16.03 -1.45
N PHE C 122 -3.58 16.31 -1.62
CA PHE C 122 -3.08 17.20 -2.67
C PHE C 122 -2.18 16.52 -3.68
N ALA C 123 -1.43 15.51 -3.26
CA ALA C 123 -0.49 14.83 -4.15
C ALA C 123 -0.24 13.45 -3.60
N PRO C 124 -0.02 12.46 -4.49
CA PRO C 124 0.27 11.12 -4.00
C PRO C 124 1.62 11.09 -3.26
N MET C 125 1.87 10.03 -2.51
CA MET C 125 2.99 9.99 -1.59
CA MET C 125 3.00 10.00 -1.59
C MET C 125 4.35 10.16 -2.28
N GLU C 126 4.44 9.76 -3.54
CA GLU C 126 5.65 9.87 -4.33
CA GLU C 126 5.71 9.85 -4.24
C GLU C 126 6.13 11.31 -4.51
N PHE C 127 5.21 12.25 -4.43
CA PHE C 127 5.51 13.67 -4.63
C PHE C 127 6.30 14.23 -3.45
N PRO C 128 7.34 15.05 -3.73
CA PRO C 128 8.19 15.53 -2.62
C PRO C 128 7.59 16.70 -1.86
N ALA C 129 7.62 16.62 -0.53
CA ALA C 129 7.20 17.74 0.32
C ALA C 129 8.37 18.71 0.42
N VAL C 130 8.48 19.57 -0.59
CA VAL C 130 9.65 20.46 -0.65
CA VAL C 130 9.64 20.43 -0.82
C VAL C 130 9.24 21.91 -0.75
N PRO C 131 10.05 22.77 -0.12
CA PRO C 131 9.76 24.21 -0.15
C PRO C 131 10.07 24.82 -1.50
N ASP C 132 9.47 25.98 -1.75
CA ASP C 132 9.90 26.83 -2.84
C ASP C 132 11.34 27.26 -2.60
N PHE C 133 12.17 27.20 -3.65
CA PHE C 133 13.60 27.47 -3.49
C PHE C 133 13.87 28.91 -3.06
N ASP C 134 13.12 29.86 -3.58
CA ASP C 134 13.30 31.26 -3.18
C ASP C 134 12.97 31.45 -1.70
N VAL C 135 11.89 30.85 -1.23
CA VAL C 135 11.55 30.98 0.18
C VAL C 135 12.61 30.33 1.07
N ALA C 136 13.06 29.13 0.72
CA ALA C 136 14.08 28.47 1.52
C ALA C 136 15.36 29.30 1.55
N THR C 137 15.71 29.87 0.40
CA THR C 137 16.89 30.74 0.29
C THR C 137 16.77 31.98 1.18
N ALA C 138 15.60 32.60 1.18
CA ALA C 138 15.35 33.78 2.01
C ALA C 138 15.39 33.43 3.49
N MET C 139 14.83 32.28 3.86
CA MET C 139 14.82 31.86 5.25
CA MET C 139 14.81 31.82 5.24
C MET C 139 16.23 31.57 5.73
N LYS C 140 17.03 30.88 4.92
CA LYS C 140 18.41 30.63 5.29
CA LYS C 140 18.42 30.63 5.26
C LYS C 140 19.17 31.94 5.49
N ALA C 141 19.01 32.88 4.56
CA ALA C 141 19.72 34.15 4.65
C ALA C 141 19.29 34.93 5.89
N ALA C 142 17.99 34.99 6.14
CA ALA C 142 17.51 35.71 7.31
C ALA C 142 18.02 35.07 8.59
N ALA C 143 17.97 33.74 8.64
CA ALA C 143 18.39 33.03 9.84
C ALA C 143 19.89 33.23 10.08
N GLN C 144 20.69 33.12 9.02
CA GLN C 144 22.13 33.30 9.17
C GLN C 144 22.49 34.73 9.52
N GLU C 145 21.87 35.69 8.86
CA GLU C 145 22.16 37.10 9.13
C GLU C 145 21.83 37.48 10.57
N SER C 146 20.90 36.77 11.19
CA SER C 146 20.54 37.08 12.57
C SER C 146 21.64 36.68 13.55
N GLY C 147 22.61 35.88 13.11
CA GLY C 147 23.65 35.38 13.98
C GLY C 147 23.37 34.00 14.55
N ALA C 148 22.24 33.40 14.18
CA ALA C 148 21.84 32.09 14.67
C ALA C 148 22.71 31.00 14.06
N THR C 149 22.74 29.85 14.72
CA THR C 149 23.29 28.64 14.14
C THR C 149 22.16 27.98 13.37
N VAL C 150 22.38 27.77 12.07
CA VAL C 150 21.33 27.38 11.14
C VAL C 150 21.65 26.06 10.47
N HIS C 151 20.66 25.16 10.46
CA HIS C 151 20.78 23.87 9.78
C HIS C 151 19.77 23.80 8.64
N MET C 152 20.24 23.36 7.47
CA MET C 152 19.36 23.05 6.35
C MET C 152 19.21 21.54 6.32
N GLY C 153 17.99 21.03 6.19
CA GLY C 153 17.83 19.59 6.04
C GLY C 153 16.42 19.11 6.15
N VAL C 154 16.31 17.80 6.29
CA VAL C 154 15.03 17.10 6.24
C VAL C 154 14.34 17.11 7.60
N THR C 155 13.04 17.33 7.57
CA THR C 155 12.20 17.39 8.76
C THR C 155 11.16 16.27 8.71
N ALA C 156 10.98 15.54 9.81
CA ALA C 156 9.89 14.56 9.89
C ALA C 156 8.64 15.24 10.39
N SER C 157 7.57 15.17 9.61
CA SER C 157 6.36 15.93 9.88
C SER C 157 5.21 14.97 10.16
N SER C 158 4.80 14.95 11.42
CA SER C 158 3.91 13.93 11.97
C SER C 158 2.52 14.45 12.31
N ASP C 159 1.50 13.66 11.97
CA ASP C 159 0.12 13.95 12.38
C ASP C 159 -0.14 13.76 13.87
N THR C 160 0.83 13.25 14.63
CA THR C 160 0.70 13.21 16.10
C THR C 160 1.94 13.78 16.78
N PHE C 161 1.75 14.27 17.99
CA PHE C 161 2.85 14.71 18.83
C PHE C 161 3.46 13.53 19.57
N TYR C 162 2.64 12.52 19.87
CA TYR C 162 3.05 11.44 20.77
C TYR C 162 3.55 10.19 20.00
N PRO C 163 2.68 9.28 19.53
CA PRO C 163 3.26 8.05 18.96
C PRO C 163 4.05 8.26 17.66
N GLY C 164 3.63 9.20 16.82
CA GLY C 164 4.32 9.46 15.57
C GLY C 164 5.68 10.13 15.73
N GLN C 165 5.95 10.62 16.95
CA GLN C 165 7.28 11.11 17.31
C GLN C 165 7.97 10.15 18.28
N GLU C 166 7.46 8.93 18.33
CA GLU C 166 7.94 7.85 19.18
C GLU C 166 8.19 8.27 20.63
N ARG C 167 7.20 8.96 21.21
CA ARG C 167 7.17 9.25 22.64
C ARG C 167 6.52 8.08 23.39
N TYR C 168 7.12 7.70 24.51
CA TYR C 168 6.63 6.61 25.35
C TYR C 168 6.09 7.04 26.71
N ASP C 169 6.35 8.28 27.13
CA ASP C 169 5.81 8.74 28.41
C ASP C 169 4.38 9.21 28.18
N THR C 170 3.50 8.24 27.98
CA THR C 170 2.14 8.47 27.51
C THR C 170 1.18 7.58 28.28
N PHE C 171 -0.11 7.76 28.04
CA PHE C 171 -1.10 6.96 28.71
C PHE C 171 -0.93 5.47 28.42
N THR C 172 -0.77 5.07 27.16
CA THR C 172 -0.60 3.65 26.87
C THR C 172 0.85 3.19 27.01
N GLY C 173 1.81 4.09 26.86
CA GLY C 173 3.22 3.72 26.90
C GLY C 173 3.62 2.79 25.77
N ARG C 174 2.87 2.82 24.67
CA ARG C 174 3.16 1.94 23.55
CA ARG C 174 2.98 1.92 23.53
C ARG C 174 3.03 2.73 22.25
N VAL C 175 3.70 2.21 21.23
CA VAL C 175 3.71 2.84 19.91
C VAL C 175 3.46 1.75 18.87
N VAL C 176 2.55 2.02 17.94
CA VAL C 176 2.16 1.09 16.88
C VAL C 176 3.39 0.67 16.06
N ARG C 177 3.32 -0.51 15.46
CA ARG C 177 4.44 -1.11 14.74
C ARG C 177 5.15 -0.13 13.81
N ARG C 178 4.37 0.60 13.02
CA ARG C 178 4.92 1.55 12.05
C ARG C 178 5.94 2.49 12.67
N PHE C 179 5.67 2.92 13.91
CA PHE C 179 6.47 3.95 14.54
C PHE C 179 7.45 3.42 15.59
N GLN C 180 7.37 2.13 15.91
CA GLN C 180 8.34 1.53 16.82
C GLN C 180 9.70 1.54 16.15
N GLY C 181 10.70 2.10 16.82
CA GLY C 181 12.04 2.20 16.27
C GLY C 181 12.22 3.32 15.26
N SER C 182 11.18 4.12 15.05
CA SER C 182 11.24 5.11 13.98
C SER C 182 12.17 6.29 14.27
N MET C 183 12.27 6.72 15.52
CA MET C 183 13.16 7.85 15.80
CA MET C 183 13.17 7.82 15.88
C MET C 183 14.60 7.50 15.43
N LYS C 184 15.05 6.31 15.80
CA LYS C 184 16.40 5.88 15.45
C LYS C 184 16.58 5.79 13.94
N GLU C 185 15.57 5.30 13.24
CA GLU C 185 15.63 5.23 11.79
C GLU C 185 15.77 6.62 11.18
N TRP C 186 14.95 7.57 11.60
CA TRP C 186 15.07 8.91 11.04
C TRP C 186 16.43 9.52 11.40
N GLN C 187 16.89 9.26 12.62
CA GLN C 187 18.20 9.78 13.03
CA GLN C 187 18.20 9.77 13.03
C GLN C 187 19.29 9.23 12.13
N ASP C 188 19.24 7.93 11.87
CA ASP C 188 20.22 7.29 11.00
C ASP C 188 20.18 7.85 9.57
N MET C 189 18.99 8.23 9.12
CA MET C 189 18.80 8.79 7.79
CA MET C 189 18.81 8.78 7.78
C MET C 189 19.12 10.29 7.71
N GLY C 190 19.57 10.86 8.82
CA GLY C 190 19.98 12.26 8.81
C GLY C 190 18.89 13.30 8.99
N VAL C 191 17.69 12.85 9.34
CA VAL C 191 16.58 13.77 9.59
C VAL C 191 16.92 14.65 10.80
N LEU C 192 16.61 15.95 10.71
CA LEU C 192 17.04 16.89 11.74
C LEU C 192 16.08 17.02 12.92
N ASN C 193 14.77 16.94 12.66
CA ASN C 193 13.79 17.41 13.62
C ASN C 193 12.40 16.86 13.33
N PHE C 194 11.53 16.99 14.34
CA PHE C 194 10.11 16.67 14.25
C PHE C 194 9.26 17.94 14.41
N GLU C 195 8.23 18.05 13.60
CA GLU C 195 7.12 18.97 13.86
C GLU C 195 5.87 18.36 13.20
N MET C 196 4.82 19.14 12.97
CA MET C 196 3.51 18.56 12.67
C MET C 196 2.76 19.22 11.50
N GLU C 197 3.31 20.23 10.85
CA GLU C 197 2.57 20.91 9.77
C GLU C 197 3.29 21.01 8.43
N SER C 198 4.60 20.83 8.40
CA SER C 198 5.35 21.11 7.18
CA SER C 198 5.40 21.07 7.20
C SER C 198 5.03 20.18 6.02
N ALA C 199 4.79 18.89 6.27
CA ALA C 199 4.49 18.01 5.15
C ALA C 199 3.23 18.46 4.42
N THR C 200 2.20 18.79 5.19
CA THR C 200 0.96 19.24 4.58
C THR C 200 1.20 20.56 3.84
N LEU C 201 1.80 21.54 4.52
CA LEU C 201 2.00 22.85 3.91
C LEU C 201 2.83 22.77 2.64
N LEU C 202 3.97 22.08 2.72
CA LEU C 202 4.88 22.07 1.59
C LEU C 202 4.29 21.29 0.41
N THR C 203 3.65 20.16 0.68
CA THR C 203 3.08 19.38 -0.41
C THR C 203 1.94 20.13 -1.07
N MET C 204 1.04 20.69 -0.26
CA MET C 204 -0.08 21.45 -0.76
CA MET C 204 -0.08 21.43 -0.80
C MET C 204 0.41 22.59 -1.67
N CYS C 205 1.38 23.35 -1.17
CA CYS C 205 1.81 24.53 -1.93
C CYS C 205 2.62 24.15 -3.19
N ALA C 206 3.51 23.17 -3.07
CA ALA C 206 4.36 22.78 -4.19
C ALA C 206 3.55 22.17 -5.33
N SER C 207 2.36 21.65 -5.03
CA SER C 207 1.51 21.04 -6.04
C SER C 207 0.36 21.95 -6.47
N SER C 208 0.33 23.19 -5.98
CA SER C 208 -0.79 24.10 -6.21
C SER C 208 -0.38 25.50 -6.68
N GLY C 209 0.88 25.68 -7.05
CA GLY C 209 1.34 26.96 -7.56
C GLY C 209 1.47 28.04 -6.50
N LEU C 210 1.74 27.62 -5.27
CA LEU C 210 1.98 28.53 -4.16
C LEU C 210 3.42 28.35 -3.67
N LYS C 211 4.02 29.42 -3.16
CA LYS C 211 5.37 29.38 -2.65
CA LYS C 211 5.38 29.37 -2.65
C LYS C 211 5.36 29.26 -1.14
N ALA C 212 6.04 28.25 -0.60
CA ALA C 212 6.06 28.05 0.84
C ALA C 212 7.43 27.64 1.34
N GLY C 213 7.67 27.90 2.63
CA GLY C 213 8.84 27.39 3.32
C GLY C 213 8.60 27.39 4.81
N CYS C 214 9.50 26.74 5.55
CA CYS C 214 9.41 26.57 7.00
CA CYS C 214 9.38 26.56 6.99
C CYS C 214 10.72 26.83 7.68
N VAL C 215 10.69 27.68 8.72
CA VAL C 215 11.83 27.92 9.59
C VAL C 215 11.36 27.64 11.02
N ALA C 216 12.22 27.03 11.83
CA ALA C 216 11.81 26.62 13.17
C ALA C 216 12.95 26.76 14.17
N GLY C 217 12.62 27.17 15.38
CA GLY C 217 13.59 27.22 16.46
C GLY C 217 13.51 25.96 17.31
N VAL C 218 14.66 25.42 17.66
CA VAL C 218 14.73 24.15 18.40
C VAL C 218 14.53 24.42 19.89
N ILE C 219 13.55 23.76 20.49
CA ILE C 219 13.28 23.95 21.91
C ILE C 219 13.50 22.71 22.77
N ILE C 220 13.82 21.59 22.12
CA ILE C 220 14.15 20.35 22.82
C ILE C 220 15.03 19.52 21.91
N ASN C 221 15.93 18.75 22.50
CA ASN C 221 16.67 17.74 21.78
C ASN C 221 16.24 16.37 22.29
N ARG C 222 15.65 15.58 21.40
CA ARG C 222 15.07 14.30 21.78
C ARG C 222 16.11 13.24 22.16
N THR C 223 17.40 13.49 21.93
CA THR C 223 18.40 12.60 22.47
C THR C 223 18.56 12.81 23.98
N GLN C 224 18.04 13.92 24.48
CA GLN C 224 18.15 14.29 25.90
C GLN C 224 16.93 13.92 26.73
N LYS C 225 15.73 14.15 26.21
CA LYS C 225 14.48 13.88 26.94
C LYS C 225 13.29 13.97 25.99
N GLU C 226 12.09 13.63 26.47
CA GLU C 226 10.86 13.66 25.66
C GLU C 226 10.04 14.95 25.76
N ILE C 227 9.94 15.50 26.97
CA ILE C 227 8.99 16.59 27.26
C ILE C 227 9.73 17.91 27.27
N PRO C 228 9.29 18.87 26.45
CA PRO C 228 9.96 20.18 26.50
C PRO C 228 9.60 20.95 27.77
N ASP C 229 10.43 21.91 28.13
CA ASP C 229 10.21 22.73 29.33
C ASP C 229 9.15 23.79 29.07
N LYS C 234 11.09 30.90 25.66
CA LYS C 234 10.62 32.23 25.28
C LYS C 234 11.61 32.87 24.32
N GLU C 235 12.90 32.75 24.62
CA GLU C 235 13.94 33.41 23.83
C GLU C 235 14.01 32.84 22.42
N THR C 236 13.96 31.52 22.30
CA THR C 236 14.03 30.88 21.00
C THR C 236 12.84 31.32 20.14
N GLU C 237 11.66 31.39 20.75
CA GLU C 237 10.47 31.83 20.04
C GLU C 237 10.62 33.26 19.53
N ALA C 238 11.15 34.13 20.38
CA ALA C 238 11.29 35.54 20.02
C ALA C 238 12.26 35.69 18.84
N ARG C 239 13.35 34.94 18.86
CA ARG C 239 14.33 35.04 17.80
C ARG C 239 13.77 34.49 16.48
N SER C 240 12.97 33.43 16.58
N SER C 240 13.00 33.42 16.58
CA SER C 240 12.41 32.79 15.39
CA SER C 240 12.41 32.80 15.40
C SER C 240 11.44 33.70 14.64
C SER C 240 11.50 33.77 14.64
N ILE C 241 10.66 34.51 15.35
CA ILE C 241 9.73 35.40 14.65
C ILE C 241 10.43 36.63 14.07
N LYS C 242 11.51 37.08 14.69
CA LYS C 242 12.29 38.15 14.06
C LYS C 242 12.89 37.64 12.74
N VAL C 243 13.37 36.40 12.75
CA VAL C 243 13.91 35.80 11.53
C VAL C 243 12.86 35.69 10.42
N VAL C 244 11.65 35.23 10.76
CA VAL C 244 10.66 35.04 9.71
C VAL C 244 10.21 36.37 9.11
N VAL C 245 10.17 37.44 9.93
CA VAL C 245 9.82 38.75 9.39
C VAL C 245 10.92 39.24 8.43
N GLU C 246 12.19 39.00 8.76
CA GLU C 246 13.28 39.36 7.85
CA GLU C 246 13.26 39.38 7.84
C GLU C 246 13.21 38.53 6.57
N ALA C 247 12.84 37.25 6.69
CA ALA C 247 12.67 36.43 5.49
C ALA C 247 11.55 36.99 4.61
N ALA C 248 10.46 37.44 5.23
CA ALA C 248 9.39 38.09 4.47
C ALA C 248 9.91 39.32 3.74
N ARG C 249 10.71 40.14 4.41
CA ARG C 249 11.29 41.31 3.79
CA ARG C 249 11.30 41.32 3.78
C ARG C 249 12.05 40.92 2.53
N LYS C 250 12.79 39.82 2.61
CA LYS C 250 13.60 39.35 1.48
C LYS C 250 12.75 38.82 0.33
N MET C 251 11.52 38.39 0.63
CA MET C 251 10.63 37.88 -0.41
C MET C 251 9.85 38.99 -1.11
N LEU C 252 9.73 40.15 -0.48
CA LEU C 252 8.97 41.25 -1.07
C LEU C 252 9.62 41.73 -2.37
N LYS C 253 8.80 42.02 -3.36
CA LYS C 253 9.29 42.44 -4.67
C LYS C 253 8.96 43.90 -4.94
N THR D 2 1.30 15.01 39.44
CA THR D 2 1.49 16.40 39.81
C THR D 2 1.84 17.27 38.59
N LYS D 3 2.18 16.62 37.49
CA LYS D 3 2.62 17.33 36.30
C LYS D 3 1.50 18.18 35.70
N THR D 4 1.91 19.20 34.94
CA THR D 4 1.00 19.97 34.10
C THR D 4 1.24 19.52 32.67
N VAL D 5 0.21 19.04 31.99
CA VAL D 5 0.39 18.51 30.64
C VAL D 5 0.80 19.62 29.68
N PHE D 6 1.59 19.26 28.68
CA PHE D 6 2.33 20.23 27.89
C PHE D 6 1.47 21.19 27.08
N HIS D 7 0.44 20.67 26.40
CA HIS D 7 -0.41 21.52 25.58
C HIS D 7 -1.63 22.09 26.33
N LEU D 8 -2.33 21.26 27.09
CA LEU D 8 -3.57 21.69 27.71
C LEU D 8 -3.35 22.58 28.94
N GLY D 9 -2.19 22.47 29.57
CA GLY D 9 -1.83 23.35 30.67
C GLY D 9 -2.64 23.14 31.94
N VAL D 10 -3.12 21.91 32.15
CA VAL D 10 -3.85 21.57 33.36
C VAL D 10 -3.18 20.39 34.06
N THR D 11 -3.53 20.22 35.32
CA THR D 11 -3.03 19.13 36.14
C THR D 11 -4.16 18.15 36.43
N GLU D 12 -3.82 16.99 36.94
N GLU D 12 -3.82 17.00 36.96
CA GLU D 12 -4.84 16.02 37.32
CA GLU D 12 -4.83 16.01 37.33
C GLU D 12 -5.75 16.60 38.40
C GLU D 12 -5.74 16.56 38.42
N ALA D 13 -5.16 17.27 39.39
CA ALA D 13 -5.94 17.84 40.47
C ALA D 13 -6.98 18.85 39.94
N ASP D 14 -6.63 19.56 38.87
CA ASP D 14 -7.55 20.53 38.27
C ASP D 14 -8.86 19.89 37.83
N LEU D 15 -8.83 18.61 37.49
CA LEU D 15 -9.99 17.93 36.93
C LEU D 15 -10.93 17.37 38.00
N ASN D 16 -10.52 17.47 39.26
CA ASN D 16 -11.37 17.04 40.38
C ASN D 16 -11.98 15.65 40.19
N GLY D 17 -11.16 14.73 39.71
CA GLY D 17 -11.59 13.34 39.61
C GLY D 17 -12.38 12.96 38.38
N ALA D 18 -12.50 13.87 37.42
CA ALA D 18 -13.28 13.59 36.21
C ALA D 18 -12.71 12.41 35.46
N THR D 19 -13.60 11.50 35.02
CA THR D 19 -13.17 10.42 34.15
C THR D 19 -13.85 10.48 32.77
N LEU D 20 -14.67 11.51 32.57
CA LEU D 20 -15.39 11.69 31.31
C LEU D 20 -15.17 13.11 30.81
N ALA D 21 -14.92 13.25 29.51
CA ALA D 21 -14.79 14.54 28.87
C ALA D 21 -15.76 14.66 27.71
N ILE D 22 -16.34 15.85 27.56
CA ILE D 22 -17.05 16.23 26.36
C ILE D 22 -16.08 17.09 25.56
N ILE D 23 -15.91 16.75 24.27
CA ILE D 23 -14.88 17.34 23.44
C ILE D 23 -15.44 17.95 22.14
N PRO D 24 -15.92 19.19 22.22
CA PRO D 24 -16.31 19.90 21.00
C PRO D 24 -15.08 20.34 20.21
N GLY D 25 -15.26 20.79 18.98
CA GLY D 25 -14.16 21.30 18.19
C GLY D 25 -13.79 22.75 18.50
N ASP D 26 -14.80 23.58 18.62
CA ASP D 26 -14.63 25.04 18.75
C ASP D 26 -14.42 25.44 20.19
N PRO D 27 -13.29 26.11 20.51
CA PRO D 27 -13.10 26.57 21.89
C PRO D 27 -14.24 27.41 22.44
N ALA D 28 -14.92 28.18 21.60
CA ALA D 28 -16.01 29.03 22.06
C ALA D 28 -17.22 28.22 22.54
N ARG D 29 -17.31 26.96 22.15
CA ARG D 29 -18.44 26.13 22.53
C ARG D 29 -18.25 25.48 23.90
N VAL D 30 -17.02 25.53 24.42
CA VAL D 30 -16.71 24.85 25.68
C VAL D 30 -17.54 25.42 26.84
N GLN D 31 -17.56 26.75 26.98
CA GLN D 31 -18.32 27.35 28.06
C GLN D 31 -19.81 27.07 27.88
N LYS D 32 -20.28 27.01 26.64
CA LYS D 32 -21.69 26.81 26.34
CA LYS D 32 -21.69 26.83 26.37
C LYS D 32 -22.15 25.44 26.81
N ILE D 33 -21.28 24.45 26.64
CA ILE D 33 -21.56 23.10 27.12
C ILE D 33 -21.45 23.05 28.64
N ALA D 34 -20.40 23.64 29.18
CA ALA D 34 -20.16 23.57 30.62
C ALA D 34 -21.32 24.18 31.40
N GLU D 35 -21.92 25.26 30.87
CA GLU D 35 -22.97 25.95 31.61
C GLU D 35 -24.28 25.16 31.65
N LEU D 36 -24.38 24.09 30.87
CA LEU D 36 -25.54 23.20 30.97
C LEU D 36 -25.41 22.27 32.17
N MET D 37 -24.25 22.28 32.81
CA MET D 37 -24.01 21.46 33.98
C MET D 37 -23.84 22.34 35.22
N ASP D 38 -23.55 21.75 36.36
CA ASP D 38 -23.43 22.50 37.61
C ASP D 38 -22.00 22.98 37.84
N ASN D 39 -21.89 24.14 38.47
CA ASN D 39 -20.60 24.65 38.91
C ASN D 39 -19.51 24.65 37.84
N PRO D 40 -19.82 25.20 36.65
CA PRO D 40 -18.78 25.27 35.63
C PRO D 40 -17.65 26.21 36.04
N VAL D 41 -16.41 25.80 35.80
CA VAL D 41 -15.24 26.61 36.13
C VAL D 41 -14.22 26.52 35.01
N PHE D 42 -13.77 27.68 34.56
CA PHE D 42 -12.70 27.80 33.58
C PHE D 42 -11.40 27.29 34.17
N LEU D 43 -10.72 26.40 33.45
CA LEU D 43 -9.41 25.90 33.89
C LEU D 43 -8.25 26.53 33.13
N ALA D 44 -8.32 26.55 31.81
CA ALA D 44 -7.19 27.04 31.02
C ALA D 44 -7.60 27.23 29.57
N SER D 45 -6.86 28.10 28.89
CA SER D 45 -6.97 28.26 27.45
CA SER D 45 -6.98 28.25 27.45
C SER D 45 -5.58 28.44 26.86
N HIS D 46 -5.18 27.53 25.98
CA HIS D 46 -3.91 27.59 25.27
C HIS D 46 -4.18 27.13 23.85
N ARG D 47 -3.76 27.92 22.85
CA ARG D 47 -3.98 27.56 21.47
CA ARG D 47 -3.98 27.57 21.46
C ARG D 47 -5.46 27.24 21.26
N GLU D 48 -5.78 26.15 20.56
CA GLU D 48 -7.18 25.79 20.30
C GLU D 48 -7.83 25.04 21.46
N TYR D 49 -7.15 24.94 22.59
CA TYR D 49 -7.62 24.15 23.72
C TYR D 49 -8.13 25.02 24.87
N THR D 50 -9.44 25.08 24.98
CA THR D 50 -10.09 25.70 26.12
C THR D 50 -10.68 24.59 26.97
N VAL D 51 -10.41 24.64 28.26
CA VAL D 51 -10.74 23.57 29.18
C VAL D 51 -11.55 24.12 30.36
N TYR D 52 -12.72 23.52 30.59
CA TYR D 52 -13.55 23.79 31.76
C TYR D 52 -13.79 22.50 32.52
N ARG D 53 -14.13 22.63 33.79
CA ARG D 53 -14.66 21.54 34.58
CA ARG D 53 -14.68 21.52 34.56
C ARG D 53 -16.10 21.89 34.98
N ALA D 54 -16.91 20.87 35.22
CA ALA D 54 -18.27 21.09 35.72
C ALA D 54 -18.68 19.83 36.45
N GLU D 55 -19.91 19.82 36.96
CA GLU D 55 -20.42 18.69 37.71
C GLU D 55 -21.77 18.27 37.15
N LEU D 56 -21.93 16.97 36.95
CA LEU D 56 -23.13 16.41 36.38
C LEU D 56 -23.62 15.33 37.32
N ASP D 57 -24.79 15.53 37.90
CA ASP D 57 -25.31 14.62 38.92
C ASP D 57 -24.26 14.32 39.97
N GLY D 58 -23.51 15.35 40.36
CA GLY D 58 -22.54 15.23 41.43
C GLY D 58 -21.17 14.75 41.00
N GLN D 59 -21.02 14.36 39.75
CA GLN D 59 -19.74 13.84 39.27
C GLN D 59 -19.02 14.84 38.40
N SER D 60 -17.70 14.94 38.57
CA SER D 60 -16.90 15.88 37.79
CA SER D 60 -16.90 15.87 37.79
C SER D 60 -16.82 15.45 36.32
N VAL D 61 -16.97 16.43 35.44
CA VAL D 61 -16.87 16.23 34.00
C VAL D 61 -15.97 17.34 33.45
N VAL D 62 -15.14 17.00 32.46
CA VAL D 62 -14.30 17.97 31.77
CA VAL D 62 -14.35 18.03 31.82
C VAL D 62 -14.92 18.32 30.44
N VAL D 63 -14.81 19.58 30.02
CA VAL D 63 -15.16 19.98 28.67
C VAL D 63 -13.90 20.59 28.08
N CYS D 64 -13.48 20.09 26.91
CA CYS D 64 -12.21 20.50 26.34
C CYS D 64 -12.34 20.55 24.83
N SER D 65 -12.01 21.68 24.22
CA SER D 65 -12.04 21.75 22.76
C SER D 65 -10.86 21.01 22.14
N THR D 66 -11.04 20.61 20.88
CA THR D 66 -10.04 19.81 20.17
C THR D 66 -9.32 20.55 19.08
N GLY D 67 -9.88 21.68 18.62
CA GLY D 67 -9.47 22.26 17.37
C GLY D 67 -9.97 21.43 16.18
N ILE D 68 -9.59 21.86 14.99
CA ILE D 68 -9.95 21.17 13.76
C ILE D 68 -8.90 20.12 13.42
N GLY D 69 -9.37 18.90 13.16
CA GLY D 69 -8.54 17.85 12.64
C GLY D 69 -8.04 16.84 13.64
N GLY D 70 -7.69 15.66 13.14
CA GLY D 70 -7.18 14.60 13.98
C GLY D 70 -5.94 14.94 14.78
N PRO D 71 -4.97 15.65 14.19
CA PRO D 71 -3.74 15.89 14.95
C PRO D 71 -3.99 16.66 16.26
N SER D 72 -4.73 17.76 16.20
N SER D 72 -4.74 17.74 16.13
CA SER D 72 -4.96 18.50 17.44
CA SER D 72 -5.11 18.58 17.26
C SER D 72 -5.89 17.73 18.37
C SER D 72 -5.88 17.77 18.31
N THR D 73 -6.82 16.96 17.81
CA THR D 73 -7.67 16.12 18.63
C THR D 73 -6.84 15.08 19.40
N SER D 74 -5.87 14.47 18.73
CA SER D 74 -5.08 13.41 19.32
C SER D 74 -4.30 13.89 20.54
N ILE D 75 -3.85 15.15 20.51
CA ILE D 75 -3.12 15.73 21.64
C ILE D 75 -4.06 15.91 22.84
N ALA D 76 -5.24 16.46 22.60
CA ALA D 76 -6.17 16.67 23.70
C ALA D 76 -6.57 15.35 24.36
N VAL D 77 -6.90 14.36 23.54
CA VAL D 77 -7.32 13.08 24.09
C VAL D 77 -6.20 12.45 24.89
N GLU D 78 -4.98 12.46 24.36
CA GLU D 78 -3.85 11.85 25.06
C GLU D 78 -3.60 12.53 26.40
N GLU D 79 -3.56 13.86 26.40
CA GLU D 79 -3.21 14.58 27.61
C GLU D 79 -4.32 14.44 28.66
N LEU D 80 -5.58 14.46 28.24
CA LEU D 80 -6.66 14.16 29.18
C LEU D 80 -6.58 12.73 29.72
N ALA D 81 -6.22 11.77 28.88
CA ALA D 81 -6.09 10.39 29.35
C ALA D 81 -4.97 10.26 30.38
N GLN D 82 -3.87 10.99 30.17
CA GLN D 82 -2.79 11.01 31.15
C GLN D 82 -3.28 11.48 32.51
N LEU D 83 -4.32 12.30 32.51
CA LEU D 83 -4.84 12.90 33.73
C LEU D 83 -6.10 12.17 34.23
N GLY D 84 -6.34 10.98 33.69
CA GLY D 84 -7.36 10.09 34.22
C GLY D 84 -8.67 9.99 33.45
N VAL D 85 -8.82 10.74 32.37
CA VAL D 85 -10.06 10.67 31.60
C VAL D 85 -10.10 9.40 30.75
N ARG D 86 -11.22 8.70 30.79
CA ARG D 86 -11.35 7.42 30.10
C ARG D 86 -12.48 7.36 29.06
N THR D 87 -13.40 8.32 29.11
CA THR D 87 -14.54 8.36 28.21
C THR D 87 -14.59 9.73 27.55
N PHE D 88 -14.76 9.74 26.23
CA PHE D 88 -14.70 10.94 25.40
C PHE D 88 -15.94 11.02 24.52
N LEU D 89 -16.75 12.06 24.72
N LEU D 89 -16.74 12.07 24.73
CA LEU D 89 -17.96 12.25 23.93
CA LEU D 89 -17.94 12.30 23.93
C LEU D 89 -17.79 13.45 23.01
C LEU D 89 -17.70 13.48 23.01
N ARG D 90 -17.66 13.19 21.71
CA ARG D 90 -17.51 14.27 20.77
CA ARG D 90 -17.49 14.20 20.68
C ARG D 90 -18.86 14.76 20.26
N VAL D 91 -18.99 16.09 20.21
CA VAL D 91 -20.18 16.75 19.69
C VAL D 91 -19.73 17.78 18.67
N GLY D 92 -20.65 18.07 17.74
N GLY D 92 -20.47 17.97 17.60
CA GLY D 92 -20.55 19.16 16.79
CA GLY D 92 -19.95 18.86 16.57
C GLY D 92 -21.78 19.27 15.89
C GLY D 92 -20.79 18.92 15.34
N THR D 93 -21.67 20.10 14.86
N THR D 93 -20.46 19.86 14.46
CA THR D 93 -22.68 20.15 13.81
CA THR D 93 -21.23 20.08 13.25
C THR D 93 -22.01 19.74 12.51
C THR D 93 -20.78 19.14 12.15
N THR D 94 -22.79 19.32 11.52
N THR D 94 -21.65 18.94 11.17
CA THR D 94 -22.22 18.74 10.34
CA THR D 94 -21.34 18.06 10.05
C THR D 94 -23.12 18.93 9.14
C THR D 94 -22.14 18.45 8.81
N GLY D 95 -22.52 18.78 7.97
N GLY D 95 -21.67 18.03 7.64
CA GLY D 95 -23.29 18.60 6.77
CA GLY D 95 -22.42 18.21 6.41
C GLY D 95 -23.61 17.12 6.69
C GLY D 95 -22.96 16.87 5.94
N ALA D 96 -24.24 16.78 5.58
CA ALA D 96 -24.77 15.47 5.26
C ALA D 96 -24.62 15.33 3.76
N ILE D 97 -24.54 14.09 3.29
CA ILE D 97 -24.39 13.83 1.86
C ILE D 97 -25.46 12.89 1.32
N GLN D 98 -26.49 12.61 2.13
CA GLN D 98 -27.61 11.77 1.72
C GLN D 98 -28.89 12.60 1.66
N PRO D 99 -29.72 12.39 0.62
CA PRO D 99 -30.93 13.19 0.48
C PRO D 99 -31.96 13.01 1.60
N HIS D 100 -31.92 11.88 2.30
CA HIS D 100 -32.93 11.61 3.33
C HIS D 100 -32.56 12.17 4.69
N VAL D 101 -31.38 12.76 4.78
CA VAL D 101 -30.93 13.40 6.02
C VAL D 101 -31.19 14.89 5.90
N ASN D 102 -31.92 15.44 6.87
CA ASN D 102 -32.29 16.84 6.80
C ASN D 102 -31.53 17.70 7.79
N VAL D 103 -31.36 18.97 7.43
CA VAL D 103 -30.82 19.94 8.35
C VAL D 103 -31.67 19.91 9.62
N GLY D 104 -31.01 19.81 10.78
CA GLY D 104 -31.71 19.70 12.04
C GLY D 104 -31.69 18.29 12.60
N ASP D 105 -31.47 17.30 11.73
CA ASP D 105 -31.35 15.92 12.18
C ASP D 105 -30.04 15.73 12.92
N MET D 106 -29.94 14.61 13.63
CA MET D 106 -28.74 14.23 14.37
CA MET D 106 -28.70 14.28 14.28
C MET D 106 -28.15 12.97 13.76
N ILE D 107 -26.83 12.87 13.76
CA ILE D 107 -26.15 11.67 13.30
C ILE D 107 -25.30 11.15 14.44
N VAL D 108 -25.43 9.86 14.73
CA VAL D 108 -24.52 9.17 15.64
C VAL D 108 -23.69 8.21 14.81
N THR D 109 -22.37 8.40 14.85
CA THR D 109 -21.46 7.63 14.02
C THR D 109 -21.28 6.21 14.53
N THR D 110 -21.52 5.22 13.67
CA THR D 110 -21.32 3.82 14.02
C THR D 110 -19.95 3.31 13.55
N GLY D 111 -19.32 4.07 12.66
CA GLY D 111 -17.99 3.76 12.16
C GLY D 111 -17.57 4.88 11.22
N SER D 112 -16.27 5.11 11.10
CA SER D 112 -15.77 6.16 10.24
C SER D 112 -14.88 5.64 9.13
N VAL D 113 -15.04 6.24 7.95
CA VAL D 113 -14.10 6.04 6.86
C VAL D 113 -12.85 6.85 7.20
N ARG D 114 -11.72 6.16 7.23
CA ARG D 114 -10.47 6.75 7.71
C ARG D 114 -9.74 7.49 6.57
N LEU D 115 -10.19 8.71 6.29
CA LEU D 115 -9.58 9.56 5.27
C LEU D 115 -8.62 10.57 5.92
N ASP D 116 -8.01 10.12 7.02
CA ASP D 116 -7.12 10.89 7.85
C ASP D 116 -5.74 10.22 7.92
N GLY D 117 -4.81 10.88 8.58
CA GLY D 117 -3.51 10.31 8.82
C GLY D 117 -3.27 9.90 10.25
N ALA D 118 -3.85 10.62 11.21
CA ALA D 118 -3.49 10.39 12.60
C ALA D 118 -3.98 9.03 13.10
N SER D 119 -5.08 8.53 12.56
CA SER D 119 -5.57 7.22 12.99
C SER D 119 -4.48 6.15 12.80
N LEU D 120 -3.69 6.27 11.74
CA LEU D 120 -2.62 5.33 11.42
C LEU D 120 -1.47 5.37 12.43
N HIS D 121 -1.43 6.41 13.26
CA HIS D 121 -0.43 6.49 14.32
C HIS D 121 -0.82 5.69 15.54
N PHE D 122 -2.03 5.13 15.52
CA PHE D 122 -2.54 4.27 16.60
C PHE D 122 -2.83 2.84 16.18
N ALA D 123 -3.29 2.65 14.95
CA ALA D 123 -3.63 1.31 14.47
C ALA D 123 -3.51 1.31 12.96
N PRO D 124 -3.13 0.16 12.38
CA PRO D 124 -3.04 0.10 10.91
C PRO D 124 -4.42 0.24 10.28
N MET D 125 -4.46 0.49 8.99
CA MET D 125 -5.71 0.88 8.32
C MET D 125 -6.81 -0.17 8.42
N GLU D 126 -6.43 -1.44 8.56
CA GLU D 126 -7.37 -2.56 8.69
CA GLU D 126 -7.44 -2.50 8.63
C GLU D 126 -8.26 -2.45 9.92
N PHE D 127 -7.77 -1.75 10.95
CA PHE D 127 -8.49 -1.63 12.21
C PHE D 127 -9.72 -0.72 12.03
N PRO D 128 -10.87 -1.08 12.62
CA PRO D 128 -12.08 -0.29 12.40
C PRO D 128 -12.15 0.96 13.28
N ALA D 129 -12.48 2.10 12.67
CA ALA D 129 -12.70 3.33 13.43
C ALA D 129 -14.13 3.28 13.95
N VAL D 130 -14.30 2.63 15.09
CA VAL D 130 -15.58 2.26 15.67
CA VAL D 130 -15.64 2.43 15.63
C VAL D 130 -15.77 2.91 17.06
N PRO D 131 -16.98 3.38 17.40
CA PRO D 131 -17.21 3.89 18.75
C PRO D 131 -17.39 2.77 19.76
N ASP D 132 -17.22 3.13 21.02
CA ASP D 132 -17.65 2.26 22.11
C ASP D 132 -19.17 2.09 22.02
N PHE D 133 -19.65 0.86 22.18
CA PHE D 133 -21.08 0.59 21.98
C PHE D 133 -21.96 1.27 23.02
N ASP D 134 -21.49 1.37 24.26
CA ASP D 134 -22.26 2.05 25.29
C ASP D 134 -22.40 3.54 24.98
N VAL D 135 -21.33 4.17 24.51
CA VAL D 135 -21.40 5.58 24.17
C VAL D 135 -22.35 5.79 23.00
N ALA D 136 -22.23 4.99 21.95
CA ALA D 136 -23.13 5.13 20.80
C ALA D 136 -24.59 4.94 21.21
N THR D 137 -24.83 3.96 22.07
CA THR D 137 -26.17 3.68 22.57
C THR D 137 -26.73 4.86 23.37
N ALA D 138 -25.91 5.45 24.23
CA ALA D 138 -26.31 6.61 25.04
C ALA D 138 -26.59 7.82 24.17
N MET D 139 -25.77 8.02 23.15
CA MET D 139 -25.96 9.13 22.23
CA MET D 139 -25.94 9.10 22.18
C MET D 139 -27.26 8.97 21.43
N LYS D 140 -27.53 7.76 20.96
CA LYS D 140 -28.78 7.54 20.23
C LYS D 140 -29.98 7.85 21.13
N ALA D 141 -29.94 7.32 22.35
CA ALA D 141 -31.05 7.52 23.29
C ALA D 141 -31.25 9.00 23.60
N ALA D 142 -30.16 9.70 23.91
CA ALA D 142 -30.24 11.11 24.23
C ALA D 142 -30.78 11.90 23.03
N ALA D 143 -30.31 11.57 21.83
CA ALA D 143 -30.73 12.27 20.63
C ALA D 143 -32.23 12.05 20.40
N GLN D 144 -32.69 10.81 20.53
CA GLN D 144 -34.10 10.52 20.33
C GLN D 144 -34.98 11.21 21.37
N GLU D 145 -34.50 11.25 22.62
CA GLU D 145 -35.27 11.85 23.70
C GLU D 145 -35.41 13.36 23.56
N SER D 146 -34.53 13.98 22.75
CA SER D 146 -34.63 15.42 22.53
C SER D 146 -35.67 15.74 21.46
N GLY D 147 -36.18 14.71 20.79
CA GLY D 147 -37.20 14.88 19.78
C GLY D 147 -36.66 14.93 18.36
N ALA D 148 -35.34 14.83 18.22
CA ALA D 148 -34.71 14.93 16.91
C ALA D 148 -34.89 13.63 16.14
N THR D 149 -34.86 13.73 14.82
CA THR D 149 -34.73 12.55 13.97
C THR D 149 -33.25 12.16 13.97
N VAL D 150 -32.96 10.91 14.31
CA VAL D 150 -31.61 10.41 14.52
CA VAL D 150 -31.58 10.48 14.46
C VAL D 150 -31.24 9.38 13.46
N HIS D 151 -30.04 9.49 12.90
CA HIS D 151 -29.51 8.53 11.95
C HIS D 151 -28.27 7.88 12.54
N MET D 152 -28.23 6.56 12.53
CA MET D 152 -27.05 5.80 12.90
C MET D 152 -26.36 5.38 11.62
N GLY D 153 -25.06 5.64 11.50
CA GLY D 153 -24.38 5.18 10.31
C GLY D 153 -22.95 5.64 10.17
N VAL D 154 -22.42 5.42 8.98
CA VAL D 154 -21.03 5.65 8.69
C VAL D 154 -20.76 7.11 8.30
N THR D 155 -19.66 7.63 8.81
CA THR D 155 -19.22 8.99 8.59
C THR D 155 -17.87 8.96 7.88
N ALA D 156 -17.69 9.81 6.86
CA ALA D 156 -16.40 9.95 6.20
C ALA D 156 -15.59 11.03 6.91
N SER D 157 -14.41 10.68 7.38
CA SER D 157 -13.63 11.56 8.23
C SER D 157 -12.33 11.95 7.53
N SER D 158 -12.29 13.20 7.08
CA SER D 158 -11.28 13.70 6.15
C SER D 158 -10.28 14.66 6.81
N ASP D 159 -9.01 14.50 6.45
CA ASP D 159 -7.96 15.44 6.88
C ASP D 159 -8.04 16.79 6.19
N THR D 160 -8.91 16.96 5.19
CA THR D 160 -9.12 18.25 4.59
C THR D 160 -10.61 18.60 4.48
N PHE D 161 -10.88 19.89 4.45
CA PHE D 161 -12.24 20.38 4.26
C PHE D 161 -12.55 20.44 2.76
N TYR D 162 -11.51 20.62 1.95
CA TYR D 162 -11.69 20.94 0.54
C TYR D 162 -11.51 19.69 -0.37
N PRO D 163 -10.28 19.33 -0.78
CA PRO D 163 -10.23 18.24 -1.77
C PRO D 163 -10.71 16.88 -1.26
N GLY D 164 -10.47 16.58 0.01
CA GLY D 164 -10.89 15.32 0.58
C GLY D 164 -12.40 15.19 0.74
N GLN D 165 -13.12 16.30 0.61
CA GLN D 165 -14.58 16.29 0.56
C GLN D 165 -15.08 16.59 -0.87
N GLU D 166 -14.18 16.41 -1.82
CA GLU D 166 -14.44 16.65 -3.25
C GLU D 166 -15.11 18.01 -3.51
N ARG D 167 -14.55 19.05 -2.91
CA ARG D 167 -14.92 20.43 -3.25
C ARG D 167 -14.03 20.96 -4.37
N TYR D 168 -14.67 21.53 -5.39
CA TYR D 168 -13.97 22.10 -6.53
C TYR D 168 -13.96 23.63 -6.55
N ASP D 169 -14.72 24.25 -5.64
N ASP D 169 -14.78 24.26 -5.71
CA ASP D 169 -14.82 25.71 -5.59
CA ASP D 169 -14.79 25.71 -5.64
C ASP D 169 -13.66 26.31 -4.79
C ASP D 169 -13.65 26.12 -4.72
N THR D 170 -12.45 26.08 -5.30
CA THR D 170 -11.23 26.33 -4.56
C THR D 170 -10.23 27.11 -5.41
N PHE D 171 -9.11 27.47 -4.80
CA PHE D 171 -8.10 28.23 -5.50
C PHE D 171 -7.65 27.54 -6.78
N THR D 172 -7.35 26.25 -6.73
CA THR D 172 -6.91 25.56 -7.95
C THR D 172 -8.05 24.92 -8.74
N GLY D 173 -9.15 24.63 -8.08
CA GLY D 173 -10.23 23.88 -8.71
C GLY D 173 -9.87 22.43 -9.01
N ARG D 174 -8.74 21.97 -8.48
CA ARG D 174 -8.19 20.63 -8.73
CA ARG D 174 -8.29 20.61 -8.74
C ARG D 174 -8.52 19.69 -7.57
N VAL D 175 -8.84 18.45 -7.88
CA VAL D 175 -8.92 17.41 -6.85
C VAL D 175 -8.08 16.23 -7.34
N VAL D 176 -7.16 15.80 -6.48
CA VAL D 176 -6.25 14.72 -6.80
C VAL D 176 -7.03 13.44 -7.15
N ARG D 177 -6.41 12.58 -7.95
CA ARG D 177 -7.03 11.37 -8.47
C ARG D 177 -7.80 10.58 -7.40
N ARG D 178 -7.17 10.37 -6.26
CA ARG D 178 -7.76 9.60 -5.16
C ARG D 178 -9.18 10.09 -4.81
N PHE D 179 -9.41 11.39 -4.90
CA PHE D 179 -10.67 11.97 -4.44
C PHE D 179 -11.63 12.36 -5.56
N GLN D 180 -11.21 12.29 -6.81
CA GLN D 180 -12.12 12.52 -7.92
CA GLN D 180 -12.13 12.52 -7.92
C GLN D 180 -13.18 11.42 -7.91
N GLY D 181 -14.45 11.82 -7.97
CA GLY D 181 -15.55 10.88 -7.95
C GLY D 181 -15.85 10.28 -6.58
N SER D 182 -15.13 10.73 -5.55
CA SER D 182 -15.26 10.10 -4.23
C SER D 182 -16.58 10.40 -3.53
N MET D 183 -17.15 11.60 -3.69
CA MET D 183 -18.41 11.91 -3.05
CA MET D 183 -18.40 11.88 -3.01
C MET D 183 -19.48 10.91 -3.47
N LYS D 184 -19.61 10.70 -4.78
CA LYS D 184 -20.60 9.76 -5.30
C LYS D 184 -20.35 8.36 -4.76
N GLU D 185 -19.09 7.97 -4.69
CA GLU D 185 -18.74 6.66 -4.16
C GLU D 185 -19.22 6.48 -2.72
N TRP D 186 -18.90 7.46 -1.85
CA TRP D 186 -19.37 7.35 -0.48
C TRP D 186 -20.89 7.40 -0.39
N GLN D 187 -21.52 8.23 -1.21
CA GLN D 187 -22.98 8.29 -1.21
C GLN D 187 -23.56 6.92 -1.56
N ASP D 188 -23.03 6.29 -2.60
CA ASP D 188 -23.55 5.01 -3.04
C ASP D 188 -23.30 3.91 -2.01
N MET D 189 -22.27 4.08 -1.19
CA MET D 189 -21.95 3.14 -0.10
C MET D 189 -22.72 3.43 1.18
N GLY D 190 -23.57 4.45 1.18
CA GLY D 190 -24.46 4.72 2.30
C GLY D 190 -23.89 5.62 3.37
N VAL D 191 -22.74 6.24 3.12
CA VAL D 191 -22.13 7.14 4.08
C VAL D 191 -23.02 8.35 4.28
N LEU D 192 -23.17 8.78 5.53
CA LEU D 192 -24.14 9.82 5.87
C LEU D 192 -23.62 11.25 5.74
N ASN D 193 -22.35 11.45 6.05
CA ASN D 193 -21.83 12.79 6.29
C ASN D 193 -20.31 12.82 6.26
N PHE D 194 -19.77 14.03 6.14
CA PHE D 194 -18.35 14.30 6.27
C PHE D 194 -18.09 15.11 7.54
N GLU D 195 -16.98 14.80 8.21
CA GLU D 195 -16.40 15.69 9.19
C GLU D 195 -14.89 15.41 9.22
N MET D 196 -14.17 15.91 10.21
CA MET D 196 -12.71 15.93 10.13
C MET D 196 -11.96 15.43 11.37
N GLU D 197 -12.65 14.82 12.33
CA GLU D 197 -11.97 14.35 13.56
C GLU D 197 -12.30 12.93 14.00
N SER D 198 -13.42 12.36 13.55
CA SER D 198 -13.90 11.11 14.13
C SER D 198 -13.00 9.92 13.86
N ALA D 199 -12.39 9.83 12.68
CA ALA D 199 -11.56 8.66 12.40
C ALA D 199 -10.41 8.60 13.40
N THR D 200 -9.78 9.74 13.63
CA THR D 200 -8.67 9.80 14.58
C THR D 200 -9.17 9.45 15.98
N LEU D 201 -10.22 10.13 16.42
CA LEU D 201 -10.74 9.92 17.77
C LEU D 201 -11.11 8.46 18.00
N LEU D 202 -11.91 7.90 17.11
CA LEU D 202 -12.47 6.57 17.33
C LEU D 202 -11.37 5.51 17.25
N THR D 203 -10.44 5.65 16.31
CA THR D 203 -9.37 4.66 16.17
C THR D 203 -8.45 4.73 17.37
N MET D 204 -8.06 5.93 17.77
CA MET D 204 -7.19 6.12 18.93
CA MET D 204 -7.15 6.05 18.90
C MET D 204 -7.81 5.49 20.16
N CYS D 205 -9.08 5.80 20.41
CA CYS D 205 -9.70 5.32 21.64
C CYS D 205 -9.97 3.82 21.62
N ALA D 206 -10.48 3.30 20.51
CA ALA D 206 -10.82 1.88 20.41
C ALA D 206 -9.59 0.98 20.51
N SER D 207 -8.42 1.51 20.21
CA SER D 207 -7.18 0.76 20.26
C SER D 207 -6.34 1.05 21.50
N SER D 208 -6.86 1.90 22.40
CA SER D 208 -6.11 2.36 23.59
C SER D 208 -6.86 2.18 24.91
N GLY D 209 -7.98 1.47 24.89
CA GLY D 209 -8.71 1.22 26.12
C GLY D 209 -9.49 2.42 26.62
N LEU D 210 -9.89 3.28 25.70
CA LEU D 210 -10.71 4.45 26.02
C LEU D 210 -12.06 4.30 25.34
N LYS D 211 -13.10 4.85 25.93
CA LYS D 211 -14.44 4.80 25.35
C LYS D 211 -14.72 6.10 24.63
N ALA D 212 -15.17 6.03 23.37
CA ALA D 212 -15.48 7.24 22.63
C ALA D 212 -16.69 7.07 21.74
N GLY D 213 -17.32 8.19 21.39
CA GLY D 213 -18.38 8.21 20.42
C GLY D 213 -18.53 9.62 19.89
N CYS D 214 -19.30 9.75 18.81
CA CYS D 214 -19.53 11.04 18.13
CA CYS D 214 -19.52 11.03 18.14
C CYS D 214 -20.99 11.23 17.80
N VAL D 215 -21.50 12.42 18.12
CA VAL D 215 -22.85 12.83 17.75
C VAL D 215 -22.76 14.22 17.11
N ALA D 216 -23.59 14.48 16.10
CA ALA D 216 -23.51 15.74 15.38
C ALA D 216 -24.88 16.18 14.91
N GLY D 217 -25.12 17.49 14.96
CA GLY D 217 -26.30 18.07 14.36
C GLY D 217 -26.02 18.45 12.92
N VAL D 218 -26.97 18.16 12.03
CA VAL D 218 -26.79 18.46 10.60
C VAL D 218 -27.19 19.91 10.32
N ILE D 219 -26.28 20.73 9.81
N ILE D 219 -26.23 20.66 9.78
CA ILE D 219 -26.65 22.12 9.55
CA ILE D 219 -26.38 22.09 9.50
C ILE D 219 -26.70 22.46 8.05
C ILE D 219 -26.29 22.44 8.01
N ILE D 220 -26.28 21.51 7.22
N ILE D 220 -26.01 21.44 7.16
CA ILE D 220 -26.37 21.69 5.77
CA ILE D 220 -25.98 21.66 5.73
C ILE D 220 -26.30 20.32 5.12
C ILE D 220 -25.99 20.31 5.02
N ASN D 221 -26.53 20.28 3.81
CA ASN D 221 -26.60 19.04 3.07
C ASN D 221 -26.10 19.27 1.65
N ARG D 222 -25.02 18.57 1.27
CA ARG D 222 -24.37 18.75 -0.03
C ARG D 222 -25.34 18.49 -1.19
N THR D 223 -26.44 17.77 -0.93
CA THR D 223 -27.36 17.37 -2.01
C THR D 223 -28.61 18.26 -2.10
N GLN D 224 -28.75 19.20 -1.17
CA GLN D 224 -29.89 20.11 -1.15
C GLN D 224 -29.41 21.56 -1.38
N LYS D 225 -29.96 22.19 -2.42
CA LYS D 225 -29.50 23.51 -2.84
C LYS D 225 -30.07 24.63 -1.96
N GLU D 226 -31.17 24.35 -1.28
CA GLU D 226 -31.84 25.35 -0.45
C GLU D 226 -30.91 25.84 0.67
N ILE D 227 -31.03 27.13 1.00
CA ILE D 227 -30.23 27.72 2.07
C ILE D 227 -30.84 27.34 3.42
N PRO D 228 -30.05 26.71 4.29
CA PRO D 228 -30.55 26.30 5.61
C PRO D 228 -31.16 27.46 6.39
N ASP D 229 -32.30 27.21 7.03
CA ASP D 229 -33.01 28.24 7.78
C ASP D 229 -32.22 28.66 9.01
N HIS D 230 -32.15 29.98 9.23
CA HIS D 230 -31.37 30.54 10.34
C HIS D 230 -31.84 30.03 11.69
N ALA D 231 -33.16 30.04 11.89
CA ALA D 231 -33.75 29.61 13.15
C ALA D 231 -33.43 28.14 13.41
N THR D 232 -33.49 27.34 12.35
CA THR D 232 -33.21 25.91 12.47
C THR D 232 -31.77 25.69 12.91
N LEU D 233 -30.85 26.48 12.38
CA LEU D 233 -29.44 26.34 12.73
C LEU D 233 -29.19 26.64 14.20
N LYS D 234 -29.78 27.73 14.69
CA LYS D 234 -29.66 28.08 16.11
C LYS D 234 -30.21 26.95 16.98
N GLU D 235 -31.37 26.44 16.60
CA GLU D 235 -32.00 25.37 17.35
CA GLU D 235 -32.02 25.36 17.33
C GLU D 235 -31.13 24.11 17.33
N THR D 236 -30.49 23.86 16.20
CA THR D 236 -29.66 22.67 16.05
C THR D 236 -28.41 22.74 16.92
N GLU D 237 -27.77 23.91 16.96
CA GLU D 237 -26.61 24.15 17.82
CA GLU D 237 -26.60 24.09 17.81
C GLU D 237 -26.97 23.79 19.25
N ALA D 238 -28.06 24.39 19.72
CA ALA D 238 -28.50 24.23 21.11
C ALA D 238 -28.85 22.78 21.40
N ARG D 239 -29.57 22.14 20.49
CA ARG D 239 -30.00 20.77 20.74
CA ARG D 239 -30.00 20.76 20.70
C ARG D 239 -28.81 19.81 20.79
N SER D 240 -27.81 20.05 19.95
N SER D 240 -27.81 20.04 19.93
CA SER D 240 -26.67 19.13 19.88
CA SER D 240 -26.66 19.16 19.90
C SER D 240 -25.89 19.08 21.19
C SER D 240 -26.00 19.06 21.26
N ILE D 241 -25.77 20.22 21.88
CA ILE D 241 -25.05 20.23 23.15
C ILE D 241 -25.94 19.76 24.31
N LYS D 242 -27.25 20.01 24.24
CA LYS D 242 -28.15 19.42 25.22
C LYS D 242 -28.06 17.90 25.13
N VAL D 243 -28.04 17.38 23.91
CA VAL D 243 -27.98 15.94 23.69
C VAL D 243 -26.68 15.35 24.23
N VAL D 244 -25.55 15.97 23.96
CA VAL D 244 -24.29 15.36 24.41
C VAL D 244 -24.19 15.35 25.94
N VAL D 245 -24.74 16.36 26.60
CA VAL D 245 -24.75 16.38 28.06
C VAL D 245 -25.64 15.25 28.61
N GLU D 246 -26.79 15.04 27.99
CA GLU D 246 -27.66 13.95 28.40
CA GLU D 246 -27.67 13.94 28.40
C GLU D 246 -27.01 12.59 28.13
N ALA D 247 -26.26 12.48 27.04
CA ALA D 247 -25.53 11.24 26.78
C ALA D 247 -24.47 11.01 27.86
N ALA D 248 -23.80 12.08 28.29
CA ALA D 248 -22.84 11.99 29.39
C ALA D 248 -23.52 11.50 30.66
N ARG D 249 -24.71 12.04 30.94
CA ARG D 249 -25.45 11.63 32.13
C ARG D 249 -25.70 10.13 32.10
N LYS D 250 -26.09 9.62 30.93
CA LYS D 250 -26.35 8.19 30.76
C LYS D 250 -25.09 7.34 30.95
N MET D 251 -23.92 7.87 30.58
CA MET D 251 -22.67 7.13 30.73
C MET D 251 -22.17 7.08 32.18
N LEU D 252 -22.58 8.06 32.98
N LEU D 252 -22.56 8.07 32.98
CA LEU D 252 -22.11 8.18 34.36
CA LEU D 252 -22.09 8.14 34.36
C LEU D 252 -23.10 7.60 35.36
C LEU D 252 -23.05 7.50 35.34
N LYS D 253 -24.25 7.14 34.88
CA LYS D 253 -25.27 6.58 35.76
C LYS D 253 -24.79 5.28 36.38
N LYS E 3 -36.71 -15.70 -10.24
CA LYS E 3 -35.35 -15.64 -10.76
C LYS E 3 -34.49 -16.74 -10.14
N THR E 4 -33.36 -17.02 -10.78
CA THR E 4 -32.41 -18.00 -10.27
C THR E 4 -31.07 -17.35 -9.95
N VAL E 5 -30.20 -18.08 -9.28
CA VAL E 5 -28.87 -17.61 -8.93
C VAL E 5 -27.84 -18.66 -9.33
N PHE E 6 -26.57 -18.29 -9.33
CA PHE E 6 -25.54 -19.16 -9.90
C PHE E 6 -25.12 -20.32 -8.99
N HIS E 7 -25.15 -20.14 -7.67
CA HIS E 7 -24.57 -21.13 -6.74
C HIS E 7 -25.55 -21.74 -5.74
N LEU E 8 -26.48 -20.96 -5.19
CA LEU E 8 -27.27 -21.43 -4.04
C LEU E 8 -28.34 -22.47 -4.34
N GLY E 9 -28.80 -22.57 -5.58
CA GLY E 9 -29.74 -23.62 -5.96
C GLY E 9 -31.16 -23.42 -5.45
N VAL E 10 -31.49 -22.17 -5.11
CA VAL E 10 -32.84 -21.82 -4.68
C VAL E 10 -33.35 -20.66 -5.53
N THR E 11 -34.66 -20.52 -5.56
CA THR E 11 -35.31 -19.44 -6.30
C THR E 11 -35.94 -18.48 -5.32
N GLU E 12 -36.39 -17.33 -5.81
CA GLU E 12 -37.07 -16.37 -4.95
CA GLU E 12 -37.07 -16.37 -4.95
C GLU E 12 -38.33 -17.00 -4.36
N ALA E 13 -39.05 -17.76 -5.17
CA ALA E 13 -40.27 -18.41 -4.70
C ALA E 13 -39.98 -19.35 -3.53
N ASP E 14 -38.84 -20.02 -3.54
CA ASP E 14 -38.47 -20.93 -2.46
C ASP E 14 -38.39 -20.26 -1.10
N LEU E 15 -38.09 -18.95 -1.09
CA LEU E 15 -37.89 -18.24 0.17
C LEU E 15 -39.20 -17.73 0.79
N ASN E 16 -40.31 -17.86 0.06
CA ASN E 16 -41.63 -17.47 0.56
CA ASN E 16 -41.63 -17.48 0.54
C ASN E 16 -41.65 -16.08 1.17
N GLY E 17 -41.01 -15.13 0.51
CA GLY E 17 -41.02 -13.75 0.95
C GLY E 17 -40.04 -13.37 2.04
N ALA E 18 -39.16 -14.28 2.43
CA ALA E 18 -38.19 -13.99 3.49
C ALA E 18 -37.32 -12.79 3.12
N THR E 19 -37.12 -11.89 4.06
CA THR E 19 -36.18 -10.79 3.86
C THR E 19 -35.04 -10.81 4.90
N LEU E 20 -35.03 -11.83 5.77
CA LEU E 20 -34.01 -11.98 6.79
C LEU E 20 -33.43 -13.38 6.68
N ALA E 21 -32.10 -13.46 6.74
CA ALA E 21 -31.38 -14.73 6.74
C ALA E 21 -30.51 -14.85 7.96
N ILE E 22 -30.48 -16.05 8.52
CA ILE E 22 -29.48 -16.43 9.51
C ILE E 22 -28.42 -17.23 8.77
N ILE E 23 -27.15 -16.84 8.91
CA ILE E 23 -26.08 -17.38 8.09
C ILE E 23 -24.95 -17.96 8.93
N PRO E 24 -25.09 -19.22 9.37
CA PRO E 24 -23.98 -19.90 10.04
C PRO E 24 -22.90 -20.28 9.04
N GLY E 25 -21.76 -20.71 9.52
CA GLY E 25 -20.71 -21.17 8.63
C GLY E 25 -20.85 -22.61 8.19
N ASP E 26 -21.14 -23.49 9.14
CA ASP E 26 -21.16 -24.94 8.92
C ASP E 26 -22.51 -25.37 8.34
N PRO E 27 -22.50 -26.01 7.16
CA PRO E 27 -23.78 -26.51 6.60
C PRO E 27 -24.59 -27.37 7.58
N ALA E 28 -23.91 -28.13 8.45
CA ALA E 28 -24.62 -28.99 9.40
C ALA E 28 -25.41 -28.20 10.43
N ARG E 29 -25.09 -26.93 10.63
CA ARG E 29 -25.75 -26.12 11.64
C ARG E 29 -27.09 -25.57 11.12
N VAL E 30 -27.29 -25.61 9.80
CA VAL E 30 -28.45 -24.98 9.20
C VAL E 30 -29.74 -25.62 9.68
N GLN E 31 -29.81 -26.95 9.61
CA GLN E 31 -31.00 -27.65 10.05
C GLN E 31 -31.26 -27.41 11.55
N LYS E 32 -30.18 -27.37 12.33
CA LYS E 32 -30.30 -27.17 13.77
C LYS E 32 -30.94 -25.83 14.08
N ILE E 33 -30.55 -24.79 13.35
CA ILE E 33 -31.14 -23.48 13.52
C ILE E 33 -32.58 -23.47 13.03
N ALA E 34 -32.83 -24.03 11.85
CA ALA E 34 -34.17 -24.03 11.28
C ALA E 34 -35.18 -24.70 12.22
N GLU E 35 -34.76 -25.77 12.88
CA GLU E 35 -35.67 -26.52 13.73
CA GLU E 35 -35.67 -26.52 13.73
C GLU E 35 -36.00 -25.81 15.05
N LEU E 36 -35.31 -24.71 15.33
CA LEU E 36 -35.69 -23.86 16.46
C LEU E 36 -36.88 -22.96 16.11
N MET E 37 -37.27 -22.97 14.85
CA MET E 37 -38.37 -22.16 14.37
C MET E 37 -39.50 -23.09 13.89
N ASP E 38 -40.57 -22.51 13.36
CA ASP E 38 -41.74 -23.29 12.94
C ASP E 38 -41.64 -23.72 11.49
N ASN E 39 -42.19 -24.90 11.20
CA ASN E 39 -42.29 -25.37 9.83
C ASN E 39 -40.98 -25.31 9.05
N PRO E 40 -39.91 -25.88 9.60
CA PRO E 40 -38.64 -25.89 8.85
C PRO E 40 -38.75 -26.75 7.61
N VAL E 41 -38.20 -26.26 6.51
CA VAL E 41 -38.23 -26.96 5.23
C VAL E 41 -36.86 -26.91 4.58
N PHE E 42 -36.34 -28.09 4.23
CA PHE E 42 -35.10 -28.20 3.46
C PHE E 42 -35.32 -27.71 2.04
N LEU E 43 -34.50 -26.76 1.59
CA LEU E 43 -34.61 -26.23 0.23
C LEU E 43 -33.56 -26.79 -0.73
N ALA E 44 -32.29 -26.78 -0.34
CA ALA E 44 -31.24 -27.23 -1.24
C ALA E 44 -29.91 -27.39 -0.52
N SER E 45 -29.06 -28.23 -1.08
CA SER E 45 -27.68 -28.34 -0.65
CA SER E 45 -27.67 -28.37 -0.64
C SER E 45 -26.78 -28.49 -1.86
N HIS E 46 -25.79 -27.61 -1.97
CA HIS E 46 -24.79 -27.65 -3.05
C HIS E 46 -23.51 -27.06 -2.50
N ARG E 47 -22.41 -27.78 -2.66
CA ARG E 47 -21.13 -27.34 -2.12
CA ARG E 47 -21.13 -27.35 -2.10
C ARG E 47 -21.32 -26.99 -0.63
N GLU E 48 -20.75 -25.88 -0.18
CA GLU E 48 -20.87 -25.50 1.24
C GLU E 48 -22.19 -24.82 1.58
N TYR E 49 -23.13 -24.78 0.64
CA TYR E 49 -24.38 -24.04 0.82
C TYR E 49 -25.57 -24.97 1.03
N THR E 50 -25.98 -25.07 2.28
CA THR E 50 -27.22 -25.74 2.65
C THR E 50 -28.21 -24.66 3.03
N VAL E 51 -29.42 -24.77 2.50
CA VAL E 51 -30.43 -23.73 2.64
C VAL E 51 -31.74 -24.36 3.13
N TYR E 52 -32.27 -23.78 4.20
CA TYR E 52 -33.59 -24.11 4.75
C TYR E 52 -34.42 -22.84 4.82
N ARG E 53 -35.72 -23.02 4.90
CA ARG E 53 -36.63 -21.95 5.26
C ARG E 53 -37.37 -22.37 6.52
N ALA E 54 -37.82 -21.41 7.30
CA ALA E 54 -38.69 -21.67 8.43
C ALA E 54 -39.55 -20.44 8.68
N GLU E 55 -40.39 -20.51 9.70
CA GLU E 55 -41.26 -19.40 10.04
C GLU E 55 -41.04 -19.00 11.49
N LEU E 56 -40.94 -17.69 11.69
CA LEU E 56 -40.69 -17.13 13.00
C LEU E 56 -41.76 -16.07 13.24
N ASP E 57 -42.60 -16.28 14.25
CA ASP E 57 -43.74 -15.41 14.50
C ASP E 57 -44.51 -15.16 13.20
N GLY E 58 -44.67 -16.21 12.41
CA GLY E 58 -45.46 -16.14 11.19
C GLY E 58 -44.74 -15.62 9.96
N GLN E 59 -43.50 -15.18 10.11
CA GLN E 59 -42.76 -14.62 8.99
C GLN E 59 -41.68 -15.58 8.50
N SER E 60 -41.52 -15.68 7.19
N SER E 60 -41.51 -15.66 7.19
CA SER E 60 -40.51 -16.55 6.62
CA SER E 60 -40.51 -16.53 6.60
C SER E 60 -39.10 -16.04 6.90
C SER E 60 -39.09 -16.04 6.88
N VAL E 61 -38.23 -16.97 7.27
CA VAL E 61 -36.83 -16.69 7.53
C VAL E 61 -36.03 -17.75 6.79
N VAL E 62 -34.93 -17.34 6.18
CA VAL E 62 -34.02 -18.25 5.48
CA VAL E 62 -34.08 -18.31 5.51
C VAL E 62 -32.83 -18.55 6.38
N VAL E 63 -32.35 -19.79 6.34
CA VAL E 63 -31.12 -20.17 7.02
C VAL E 63 -30.21 -20.73 5.93
N CYS E 64 -29.00 -20.19 5.79
CA CYS E 64 -28.10 -20.56 4.71
C CYS E 64 -26.68 -20.56 5.21
N SER E 65 -25.96 -21.67 5.01
CA SER E 65 -24.57 -21.69 5.41
C SER E 65 -23.69 -20.89 4.46
N THR E 66 -22.55 -20.43 4.96
CA THR E 66 -21.65 -19.59 4.18
C THR E 66 -20.40 -20.30 3.68
N GLY E 67 -20.06 -21.43 4.29
CA GLY E 67 -18.72 -21.98 4.15
C GLY E 67 -17.73 -21.16 4.95
N ILE E 68 -16.46 -21.56 4.88
CA ILE E 68 -15.38 -20.89 5.57
C ILE E 68 -14.80 -19.79 4.68
N GLY E 69 -14.72 -18.59 5.23
CA GLY E 69 -14.03 -17.49 4.57
C GLY E 69 -14.92 -16.49 3.87
N GLY E 70 -14.36 -15.30 3.68
CA GLY E 70 -15.01 -14.22 2.98
C GLY E 70 -15.49 -14.56 1.57
N PRO E 71 -14.65 -15.23 0.77
CA PRO E 71 -15.10 -15.47 -0.61
C PRO E 71 -16.41 -16.26 -0.71
N SER E 72 -16.49 -17.39 -0.01
CA SER E 72 -17.72 -18.17 -0.08
CA SER E 72 -17.68 -18.24 0.07
C SER E 72 -18.88 -17.44 0.59
N THR E 73 -18.61 -16.68 1.64
CA THR E 73 -19.62 -15.87 2.29
C THR E 73 -20.18 -14.83 1.32
N SER E 74 -19.30 -14.18 0.55
CA SER E 74 -19.71 -13.11 -0.33
C SER E 74 -20.67 -13.59 -1.42
N ILE E 75 -20.48 -14.83 -1.89
CA ILE E 75 -21.39 -15.40 -2.87
C ILE E 75 -22.77 -15.62 -2.25
N ALA E 76 -22.82 -16.21 -1.07
CA ALA E 76 -24.10 -16.47 -0.43
C ALA E 76 -24.87 -15.18 -0.16
N VAL E 77 -24.20 -14.16 0.36
CA VAL E 77 -24.87 -12.91 0.69
C VAL E 77 -25.39 -12.25 -0.59
N GLU E 78 -24.57 -12.20 -1.62
CA GLU E 78 -25.00 -11.58 -2.88
C GLU E 78 -26.22 -12.30 -3.45
N GLU E 79 -26.18 -13.63 -3.50
CA GLU E 79 -27.24 -14.37 -4.14
C GLU E 79 -28.52 -14.32 -3.30
N LEU E 80 -28.40 -14.34 -1.97
CA LEU E 80 -29.57 -14.13 -1.13
C LEU E 80 -30.16 -12.74 -1.34
N ALA E 81 -29.30 -11.72 -1.48
CA ALA E 81 -29.79 -10.37 -1.73
C ALA E 81 -30.50 -10.30 -3.09
N GLN E 82 -29.99 -11.00 -4.09
CA GLN E 82 -30.69 -11.05 -5.38
C GLN E 82 -32.09 -11.62 -5.24
N LEU E 83 -32.28 -12.49 -4.24
CA LEU E 83 -33.57 -13.14 -4.01
C LEU E 83 -34.40 -12.44 -2.94
N GLY E 84 -33.97 -11.24 -2.54
CA GLY E 84 -34.81 -10.38 -1.71
C GLY E 84 -34.39 -10.24 -0.25
N VAL E 85 -33.34 -10.94 0.17
CA VAL E 85 -32.91 -10.85 1.57
C VAL E 85 -32.18 -9.52 1.81
N ARG E 86 -32.50 -8.86 2.91
CA ARG E 86 -31.93 -7.55 3.22
C ARG E 86 -31.22 -7.50 4.57
N THR E 87 -31.47 -8.49 5.44
CA THR E 87 -30.90 -8.52 6.77
C THR E 87 -30.23 -9.87 6.98
N PHE E 88 -28.99 -9.83 7.47
CA PHE E 88 -28.15 -11.02 7.61
C PHE E 88 -27.60 -11.12 9.03
N LEU E 89 -27.96 -12.20 9.72
CA LEU E 89 -27.49 -12.44 11.08
C LEU E 89 -26.51 -13.60 11.07
N ARG E 90 -25.24 -13.28 11.29
CA ARG E 90 -24.19 -14.28 11.34
C ARG E 90 -24.05 -14.84 12.76
N VAL E 91 -24.03 -16.16 12.86
CA VAL E 91 -23.69 -16.85 14.09
C VAL E 91 -22.53 -17.77 13.77
N GLY E 92 -21.57 -17.90 14.69
N GLY E 92 -21.64 -17.95 14.73
CA GLY E 92 -20.41 -18.74 14.44
CA GLY E 92 -20.57 -18.91 14.58
C GLY E 92 -19.45 -18.74 15.61
C GLY E 92 -19.83 -19.08 15.88
N THR E 93 -18.76 -19.85 15.81
CA THR E 93 -17.85 -19.99 16.94
C THR E 93 -16.60 -19.15 16.75
N THR E 94 -15.88 -18.91 17.83
CA THR E 94 -14.72 -18.04 17.76
C THR E 94 -13.68 -18.42 18.81
N GLY E 95 -12.45 -17.95 18.59
CA GLY E 95 -11.38 -18.06 19.56
C GLY E 95 -11.08 -16.70 20.17
N ALA E 96 -11.19 -16.59 21.49
CA ALA E 96 -10.88 -15.34 22.18
C ALA E 96 -9.38 -15.18 22.35
N ILE E 97 -8.92 -13.93 22.41
CA ILE E 97 -7.51 -13.65 22.61
C ILE E 97 -7.22 -12.83 23.86
N GLN E 98 -8.26 -12.43 24.59
CA GLN E 98 -8.10 -11.64 25.81
C GLN E 98 -8.25 -12.54 27.03
N PRO E 99 -7.38 -12.37 28.03
CA PRO E 99 -7.51 -13.21 29.23
C PRO E 99 -8.84 -13.05 29.96
N HIS E 100 -9.50 -11.89 29.84
CA HIS E 100 -10.75 -11.66 30.59
C HIS E 100 -11.99 -12.24 29.90
N VAL E 101 -11.82 -12.71 28.66
CA VAL E 101 -12.92 -13.33 27.93
C VAL E 101 -12.83 -14.83 28.07
N ASN E 102 -13.80 -15.43 28.75
CA ASN E 102 -13.75 -16.85 29.06
C ASN E 102 -14.41 -17.72 28.01
N VAL E 103 -13.91 -18.95 27.91
CA VAL E 103 -14.60 -19.96 27.15
C VAL E 103 -16.05 -20.04 27.64
N GLY E 104 -16.99 -20.03 26.71
CA GLY E 104 -18.41 -20.04 27.04
C GLY E 104 -19.05 -18.65 27.05
N ASP E 105 -18.25 -17.60 27.05
CA ASP E 105 -18.79 -16.26 26.87
C ASP E 105 -19.27 -16.06 25.42
N MET E 106 -19.99 -14.98 25.19
CA MET E 106 -20.42 -14.61 23.85
CA MET E 106 -20.47 -14.59 23.87
C MET E 106 -19.86 -13.25 23.47
N ILE E 107 -19.66 -13.05 22.17
CA ILE E 107 -19.15 -11.80 21.64
C ILE E 107 -20.08 -11.30 20.55
N VAL E 108 -20.43 -10.02 20.62
CA VAL E 108 -21.10 -9.34 19.53
C VAL E 108 -20.12 -8.32 18.96
N THR E 109 -19.79 -8.47 17.68
CA THR E 109 -18.78 -7.65 17.03
C THR E 109 -19.28 -6.23 16.76
N THR E 110 -18.54 -5.24 17.23
CA THR E 110 -18.88 -3.84 16.97
C THR E 110 -18.10 -3.29 15.76
N GLY E 111 -17.04 -4.00 15.36
CA GLY E 111 -16.26 -3.65 14.19
C GLY E 111 -15.21 -4.72 14.00
N SER E 112 -14.77 -4.92 12.76
CA SER E 112 -13.78 -5.95 12.47
C SER E 112 -12.50 -5.39 11.91
N VAL E 113 -11.38 -5.96 12.35
CA VAL E 113 -10.10 -5.72 11.72
C VAL E 113 -10.09 -6.51 10.42
N ARG E 114 -9.88 -5.81 9.31
CA ARG E 114 -10.01 -6.38 7.98
C ARG E 114 -8.72 -7.07 7.54
N LEU E 115 -8.54 -8.30 8.01
CA LEU E 115 -7.37 -9.12 7.67
C LEU E 115 -7.75 -10.10 6.55
N ASP E 116 -8.64 -9.65 5.69
CA ASP E 116 -9.20 -10.43 4.59
C ASP E 116 -8.94 -9.71 3.26
N GLY E 117 -9.33 -10.36 2.18
CA GLY E 117 -9.23 -9.77 0.86
C GLY E 117 -10.58 -9.37 0.27
N ALA E 118 -11.64 -10.12 0.58
CA ALA E 118 -12.91 -9.88 -0.11
C ALA E 118 -13.54 -8.54 0.27
N SER E 119 -13.31 -8.08 1.49
CA SER E 119 -13.86 -6.78 1.88
C SER E 119 -13.44 -5.69 0.91
N LEU E 120 -12.20 -5.76 0.42
CA LEU E 120 -11.65 -4.78 -0.50
C LEU E 120 -12.33 -4.79 -1.87
N HIS E 121 -13.08 -5.86 -2.15
CA HIS E 121 -13.84 -5.93 -3.39
C HIS E 121 -15.14 -5.15 -3.31
N PHE E 122 -15.47 -4.64 -2.12
CA PHE E 122 -16.67 -3.84 -1.88
C PHE E 122 -16.38 -2.41 -1.45
N ALA E 123 -15.29 -2.20 -0.73
CA ALA E 123 -14.96 -0.86 -0.24
C ALA E 123 -13.46 -0.84 0.03
N PRO E 124 -12.82 0.32 -0.16
CA PRO E 124 -11.39 0.42 0.12
C PRO E 124 -11.14 0.25 1.62
N MET E 125 -9.87 0.01 1.99
CA MET E 125 -9.53 -0.40 3.35
C MET E 125 -9.96 0.62 4.41
N GLU E 126 -10.00 1.90 4.04
CA GLU E 126 -10.39 2.99 4.94
CA GLU E 126 -10.36 2.92 5.02
C GLU E 126 -11.81 2.84 5.49
N PHE E 127 -12.67 2.13 4.76
CA PHE E 127 -14.07 1.97 5.12
C PHE E 127 -14.19 1.02 6.32
N PRO E 128 -15.05 1.36 7.30
CA PRO E 128 -15.13 0.54 8.51
C PRO E 128 -15.96 -0.73 8.32
N ALA E 129 -15.43 -1.86 8.77
CA ALA E 129 -16.18 -3.12 8.78
C ALA E 129 -17.07 -3.12 10.02
N VAL E 130 -18.22 -2.44 9.95
N VAL E 130 -18.27 -2.57 9.84
CA VAL E 130 -19.06 -2.31 11.14
CA VAL E 130 -19.15 -2.18 10.93
C VAL E 130 -20.45 -2.84 10.86
C VAL E 130 -20.54 -2.85 10.79
N PRO E 131 -21.10 -3.38 11.89
CA PRO E 131 -22.45 -3.92 11.77
C PRO E 131 -23.50 -2.82 11.69
N ASP E 132 -24.67 -3.19 11.20
CA ASP E 132 -25.85 -2.38 11.37
C ASP E 132 -26.16 -2.24 12.86
N PHE E 133 -26.48 -1.04 13.29
CA PHE E 133 -26.67 -0.78 14.72
C PHE E 133 -27.87 -1.52 15.29
N ASP E 134 -28.94 -1.64 14.51
CA ASP E 134 -30.11 -2.37 15.00
C ASP E 134 -29.80 -3.85 15.17
N VAL E 135 -29.07 -4.44 14.23
CA VAL E 135 -28.73 -5.85 14.38
C VAL E 135 -27.81 -6.06 15.58
N ALA E 136 -26.78 -5.22 15.73
CA ALA E 136 -25.89 -5.37 16.88
C ALA E 136 -26.65 -5.23 18.20
N THR E 137 -27.58 -4.28 18.24
CA THR E 137 -28.40 -4.05 19.41
C THR E 137 -29.27 -5.27 19.73
N ALA E 138 -29.88 -5.84 18.70
CA ALA E 138 -30.71 -7.03 18.86
C ALA E 138 -29.88 -8.22 19.33
N MET E 139 -28.68 -8.37 18.78
CA MET E 139 -27.81 -9.47 19.19
CA MET E 139 -27.77 -9.45 19.17
C MET E 139 -27.36 -9.33 20.63
N LYS E 140 -27.00 -8.12 21.04
CA LYS E 140 -26.62 -7.87 22.43
CA LYS E 140 -26.61 -7.89 22.42
C LYS E 140 -27.77 -8.23 23.36
N ALA E 141 -28.97 -7.77 23.02
CA ALA E 141 -30.13 -8.00 23.87
C ALA E 141 -30.43 -9.49 23.97
N ALA E 142 -30.44 -10.19 22.84
CA ALA E 142 -30.74 -11.62 22.86
C ALA E 142 -29.66 -12.37 23.65
N ALA E 143 -28.40 -12.00 23.45
CA ALA E 143 -27.32 -12.69 24.14
C ALA E 143 -27.41 -12.46 25.66
N GLN E 144 -27.65 -11.22 26.07
CA GLN E 144 -27.77 -10.94 27.49
C GLN E 144 -29.01 -11.60 28.11
N GLU E 145 -30.13 -11.59 27.39
CA GLU E 145 -31.34 -12.19 27.92
C GLU E 145 -31.18 -13.69 28.16
N SER E 146 -30.28 -14.33 27.42
CA SER E 146 -30.05 -15.77 27.58
C SER E 146 -29.32 -16.10 28.88
N GLY E 147 -28.75 -15.09 29.52
CA GLY E 147 -27.99 -15.28 30.74
C GLY E 147 -26.48 -15.38 30.51
N ALA E 148 -26.06 -15.26 29.26
CA ALA E 148 -24.65 -15.36 28.91
C ALA E 148 -23.88 -14.12 29.38
N THR E 149 -22.57 -14.30 29.56
CA THR E 149 -21.66 -13.18 29.73
C THR E 149 -21.28 -12.71 28.33
N VAL E 150 -21.61 -11.44 28.04
CA VAL E 150 -21.53 -10.92 26.69
C VAL E 150 -20.52 -9.77 26.59
N HIS E 151 -19.65 -9.83 25.58
CA HIS E 151 -18.69 -8.77 25.30
C HIS E 151 -19.02 -8.10 23.98
N MET E 152 -19.02 -6.78 23.98
CA MET E 152 -19.13 -5.99 22.76
C MET E 152 -17.72 -5.52 22.41
N GLY E 153 -17.28 -5.68 21.18
CA GLY E 153 -15.97 -5.18 20.82
C GLY E 153 -15.47 -5.60 19.46
N VAL E 154 -14.19 -5.33 19.25
CA VAL E 154 -13.56 -5.51 17.96
C VAL E 154 -13.09 -6.95 17.76
N THR E 155 -13.32 -7.45 16.56
CA THR E 155 -12.97 -8.82 16.17
C THR E 155 -11.95 -8.76 15.04
N ALA E 156 -10.89 -9.56 15.14
CA ALA E 156 -9.94 -9.68 14.04
C ALA E 156 -10.43 -10.77 13.08
N SER E 157 -10.59 -10.41 11.82
CA SER E 157 -11.22 -11.28 10.83
C SER E 157 -10.20 -11.61 9.74
N SER E 158 -9.74 -12.86 9.75
CA SER E 158 -8.57 -13.29 8.98
C SER E 158 -8.92 -14.23 7.83
N ASP E 159 -8.26 -14.04 6.69
CA ASP E 159 -8.38 -14.97 5.56
C ASP E 159 -7.69 -16.32 5.78
N THR E 160 -6.94 -16.47 6.87
CA THR E 160 -6.40 -17.79 7.21
C THR E 160 -6.69 -18.13 8.67
N PHE E 161 -6.68 -19.43 8.94
CA PHE E 161 -6.80 -19.93 10.29
C PHE E 161 -5.43 -19.97 10.97
N TYR E 162 -4.39 -20.15 10.17
CA TYR E 162 -3.05 -20.45 10.68
C TYR E 162 -2.15 -19.19 10.75
N PRO E 163 -1.44 -18.80 9.67
CA PRO E 163 -0.50 -17.69 9.87
C PRO E 163 -1.15 -16.34 10.23
N GLY E 164 -2.32 -16.06 9.66
CA GLY E 164 -3.02 -14.81 9.93
C GLY E 164 -3.56 -14.71 11.34
N GLN E 165 -3.54 -15.82 12.07
CA GLN E 165 -3.89 -15.82 13.49
C GLN E 165 -2.65 -16.12 14.34
N GLU E 166 -1.48 -15.95 13.71
CA GLU E 166 -0.17 -16.19 14.33
C GLU E 166 -0.09 -17.54 15.05
N ARG E 167 -0.54 -18.60 14.39
CA ARG E 167 -0.29 -19.96 14.84
C ARG E 167 1.04 -20.45 14.28
N TYR E 168 1.88 -20.99 15.16
CA TYR E 168 3.19 -21.55 14.78
C TYR E 168 3.25 -23.07 14.75
N ASP E 169 2.23 -23.74 15.29
CA ASP E 169 2.26 -25.22 15.33
C ASP E 169 1.70 -25.74 14.02
N THR E 170 2.49 -25.58 12.98
CA THR E 170 2.08 -25.80 11.60
C THR E 170 3.16 -26.57 10.85
N PHE E 171 2.85 -26.91 9.61
CA PHE E 171 3.80 -27.62 8.75
C PHE E 171 5.15 -26.91 8.66
N THR E 172 5.15 -25.61 8.36
CA THR E 172 6.43 -24.89 8.26
C THR E 172 6.88 -24.27 9.57
N GLY E 173 5.95 -23.98 10.47
CA GLY E 173 6.28 -23.27 11.69
C GLY E 173 6.66 -21.80 11.46
N ARG E 174 6.42 -21.30 10.26
N ARG E 174 6.40 -21.33 10.24
CA ARG E 174 6.78 -19.93 9.95
CA ARG E 174 6.76 -19.98 9.77
C ARG E 174 5.54 -19.07 9.84
C ARG E 174 5.54 -19.06 9.77
N VAL E 175 5.71 -17.80 10.15
CA VAL E 175 4.67 -16.80 9.97
C VAL E 175 5.31 -15.60 9.26
N VAL E 176 4.71 -15.16 8.17
CA VAL E 176 5.20 -14.05 7.38
C VAL E 176 5.33 -12.79 8.24
N ARG E 177 6.26 -11.92 7.87
CA ARG E 177 6.58 -10.73 8.64
C ARG E 177 5.35 -9.94 9.12
N ARG E 178 4.40 -9.73 8.22
CA ARG E 178 3.19 -8.97 8.54
C ARG E 178 2.51 -9.47 9.80
N PHE E 179 2.54 -10.79 10.02
CA PHE E 179 1.79 -11.39 11.10
C PHE E 179 2.64 -11.79 12.31
N GLN E 180 3.97 -11.69 12.21
CA GLN E 180 4.84 -11.92 13.36
CA GLN E 180 4.80 -11.95 13.37
C GLN E 180 4.57 -10.85 14.40
N GLY E 181 4.29 -11.26 15.65
CA GLY E 181 3.99 -10.34 16.72
C GLY E 181 2.59 -9.76 16.67
N SER E 182 1.76 -10.21 15.72
CA SER E 182 0.45 -9.60 15.53
C SER E 182 -0.55 -9.95 16.63
N MET E 183 -0.50 -11.16 17.19
CA MET E 183 -1.39 -11.54 18.28
CA MET E 183 -1.46 -11.47 18.24
C MET E 183 -1.25 -10.54 19.44
N LYS E 184 -0.01 -10.29 19.83
CA LYS E 184 0.27 -9.37 20.92
CA LYS E 184 0.26 -9.37 20.93
CA LYS E 184 0.27 -9.36 20.92
C LYS E 184 -0.23 -7.97 20.60
N GLU E 185 -0.04 -7.53 19.36
CA GLU E 185 -0.53 -6.22 18.95
C GLU E 185 -2.05 -6.12 19.08
N TRP E 186 -2.77 -7.09 18.54
CA TRP E 186 -4.23 -7.04 18.65
C TRP E 186 -4.66 -7.12 20.13
N GLN E 187 -3.99 -7.94 20.92
CA GLN E 187 -4.31 -8.02 22.35
C GLN E 187 -4.15 -6.65 23.00
N ASP E 188 -3.02 -5.99 22.72
CA ASP E 188 -2.75 -4.67 23.29
C ASP E 188 -3.78 -3.64 22.86
N MET E 189 -4.30 -3.79 21.64
CA MET E 189 -5.29 -2.87 21.10
C MET E 189 -6.72 -3.19 21.53
N GLY E 190 -6.90 -4.23 22.34
CA GLY E 190 -8.19 -4.54 22.91
C GLY E 190 -9.09 -5.42 22.05
N VAL E 191 -8.54 -5.98 20.97
CA VAL E 191 -9.30 -6.88 20.12
C VAL E 191 -9.70 -8.13 20.93
N LEU E 192 -10.93 -8.58 20.76
CA LEU E 192 -11.46 -9.65 21.60
C LEU E 192 -11.16 -11.06 21.11
N ASN E 193 -11.16 -11.25 19.79
CA ASN E 193 -11.31 -12.58 19.22
C ASN E 193 -10.93 -12.63 17.76
N PHE E 194 -10.74 -13.86 17.27
CA PHE E 194 -10.50 -14.15 15.85
C PHE E 194 -11.62 -14.97 15.25
N GLU E 195 -11.97 -14.64 14.01
CA GLU E 195 -12.75 -15.54 13.17
C GLU E 195 -12.38 -15.18 11.72
N MET E 196 -13.16 -15.62 10.74
CA MET E 196 -12.69 -15.60 9.34
C MET E 196 -13.70 -15.07 8.32
N GLU E 197 -14.85 -14.54 8.76
CA GLU E 197 -15.88 -14.09 7.80
C GLU E 197 -16.43 -12.69 8.04
N SER E 198 -16.29 -12.16 9.24
CA SER E 198 -16.99 -10.92 9.59
CA SER E 198 -16.95 -10.91 9.63
C SER E 198 -16.52 -9.70 8.81
N ALA E 199 -15.22 -9.58 8.52
CA ALA E 199 -14.78 -8.41 7.80
C ALA E 199 -15.44 -8.33 6.43
N THR E 200 -15.49 -9.46 5.74
CA THR E 200 -16.12 -9.49 4.44
C THR E 200 -17.62 -9.20 4.59
N LEU E 201 -18.29 -9.91 5.48
CA LEU E 201 -19.73 -9.74 5.63
C LEU E 201 -20.10 -8.30 5.97
N LEU E 202 -19.45 -7.76 6.98
CA LEU E 202 -19.84 -6.45 7.48
C LEU E 202 -19.51 -5.36 6.47
N THR E 203 -18.35 -5.44 5.81
CA THR E 203 -17.99 -4.43 4.83
C THR E 203 -18.92 -4.48 3.63
N MET E 204 -19.15 -5.69 3.11
CA MET E 204 -20.05 -5.87 1.98
CA MET E 204 -20.02 -5.80 1.95
C MET E 204 -21.43 -5.29 2.27
N CYS E 205 -21.97 -5.63 3.44
CA CYS E 205 -23.34 -5.20 3.76
C CYS E 205 -23.43 -3.71 4.04
N ALA E 206 -22.48 -3.17 4.82
CA ALA E 206 -22.51 -1.77 5.21
C ALA E 206 -22.33 -0.83 4.02
N SER E 207 -21.72 -1.33 2.95
CA SER E 207 -21.48 -0.54 1.75
C SER E 207 -22.50 -0.83 0.64
N SER E 208 -23.46 -1.71 0.91
CA SER E 208 -24.41 -2.15 -0.11
C SER E 208 -25.88 -2.05 0.30
N GLY E 209 -26.17 -1.34 1.37
CA GLY E 209 -27.55 -1.15 1.79
C GLY E 209 -28.19 -2.39 2.38
N LEU E 210 -27.37 -3.27 2.96
CA LEU E 210 -27.85 -4.48 3.63
C LEU E 210 -27.52 -4.35 5.12
N LYS E 211 -28.37 -4.93 5.96
CA LYS E 211 -28.14 -4.90 7.40
CA LYS E 211 -28.15 -4.89 7.41
C LYS E 211 -27.50 -6.19 7.87
N ALA E 212 -26.39 -6.10 8.59
CA ALA E 212 -25.69 -7.29 9.04
C ALA E 212 -25.15 -7.13 10.45
N GLY E 213 -24.98 -8.26 11.13
CA GLY E 213 -24.28 -8.30 12.40
C GLY E 213 -23.75 -9.69 12.64
N CYS E 214 -22.88 -9.80 13.65
CA CYS E 214 -22.24 -11.07 14.01
CA CYS E 214 -22.24 -11.07 13.99
C CYS E 214 -22.27 -11.31 15.50
N VAL E 215 -22.68 -12.53 15.90
CA VAL E 215 -22.65 -12.97 17.29
C VAL E 215 -21.93 -14.32 17.31
N ALA E 216 -21.17 -14.58 18.37
CA ALA E 216 -20.33 -15.77 18.42
C ALA E 216 -20.19 -16.31 19.82
N GLY E 217 -20.12 -17.63 19.93
CA GLY E 217 -19.76 -18.27 21.17
C GLY E 217 -18.27 -18.56 21.22
N VAL E 218 -17.67 -18.30 22.37
CA VAL E 218 -16.24 -18.51 22.55
C VAL E 218 -15.97 -19.97 22.87
N ILE E 219 -15.30 -20.67 21.96
CA ILE E 219 -15.05 -22.10 22.16
C ILE E 219 -13.61 -22.40 22.61
N ILE E 220 -12.68 -21.49 22.33
CA ILE E 220 -11.33 -21.59 22.86
CA ILE E 220 -11.33 -21.59 22.86
C ILE E 220 -10.83 -20.20 23.22
N ASN E 221 -9.82 -20.16 24.09
CA ASN E 221 -9.10 -18.94 24.38
C ASN E 221 -7.64 -19.22 24.05
N ARG E 222 -7.04 -18.39 23.19
N ARG E 222 -7.08 -18.42 23.14
CA ARG E 222 -5.65 -18.56 22.75
CA ARG E 222 -5.76 -18.68 22.59
C ARG E 222 -4.61 -18.31 23.84
C ARG E 222 -4.66 -18.67 23.65
N THR E 223 -5.04 -17.79 24.98
N THR E 223 -4.88 -17.93 24.72
CA THR E 223 -4.14 -17.66 26.13
CA THR E 223 -3.88 -17.85 25.80
C THR E 223 -4.20 -18.94 26.99
C THR E 223 -3.94 -19.09 26.68
N GLN E 224 -4.88 -19.99 26.51
N GLN E 224 -4.90 -19.97 26.40
CA GLN E 224 -5.14 -21.20 27.32
CA GLN E 224 -5.11 -21.16 27.22
C GLN E 224 -4.88 -22.54 26.61
C GLN E 224 -4.81 -22.43 26.42
N LYS E 225 -5.82 -23.03 25.80
CA LYS E 225 -5.61 -24.29 25.08
C LYS E 225 -6.41 -24.32 23.78
N GLU E 226 -5.96 -25.15 22.84
CA GLU E 226 -6.59 -25.24 21.52
C GLU E 226 -7.69 -26.28 21.45
N ILE E 227 -7.69 -27.25 22.35
CA ILE E 227 -8.60 -28.39 22.29
C ILE E 227 -9.77 -28.18 23.26
N PRO E 228 -10.97 -27.92 22.72
CA PRO E 228 -12.11 -27.66 23.61
C PRO E 228 -12.64 -28.90 24.32
N ASP E 229 -13.23 -28.66 25.50
CA ASP E 229 -13.94 -29.70 26.22
C ASP E 229 -15.33 -29.90 25.61
N HIS E 230 -15.70 -31.15 25.39
CA HIS E 230 -16.87 -31.45 24.56
C HIS E 230 -18.20 -30.94 25.13
N ALA E 231 -18.43 -31.11 26.42
CA ALA E 231 -19.72 -30.71 26.99
C ALA E 231 -19.84 -29.18 27.00
N THR E 232 -18.75 -28.51 27.34
CA THR E 232 -18.72 -27.06 27.34
C THR E 232 -18.99 -26.51 25.93
N LEU E 233 -18.32 -27.09 24.94
CA LEU E 233 -18.53 -26.66 23.56
CA LEU E 233 -18.52 -26.71 23.55
C LEU E 233 -19.98 -26.86 23.12
N LYS E 234 -20.55 -28.02 23.45
N LYS E 234 -20.56 -28.00 23.48
CA LYS E 234 -21.93 -28.31 23.08
CA LYS E 234 -21.92 -28.34 23.09
C LYS E 234 -22.89 -27.28 23.67
C LYS E 234 -22.92 -27.35 23.68
N GLU E 235 -22.69 -26.95 24.93
CA GLU E 235 -23.56 -25.99 25.61
CA GLU E 235 -23.58 -26.00 25.58
C GLU E 235 -23.45 -24.62 24.94
N THR E 236 -22.23 -24.20 24.65
CA THR E 236 -22.00 -22.92 24.01
C THR E 236 -22.67 -22.87 22.64
N GLU E 237 -22.48 -23.91 21.85
CA GLU E 237 -23.05 -23.92 20.51
C GLU E 237 -24.58 -23.89 20.54
N ALA E 238 -25.19 -24.62 21.47
CA ALA E 238 -26.64 -24.66 21.58
C ALA E 238 -27.18 -23.30 21.99
N ARG E 239 -26.54 -22.63 22.93
CA ARG E 239 -26.97 -21.32 23.36
CA ARG E 239 -27.00 -21.32 23.35
C ARG E 239 -26.87 -20.30 22.21
N SER E 240 -25.80 -20.42 21.42
N SER E 240 -25.79 -20.38 21.43
CA SER E 240 -25.53 -19.45 20.37
CA SER E 240 -25.59 -19.41 20.38
C SER E 240 -26.59 -19.45 19.27
C SER E 240 -26.71 -19.43 19.36
N ILE E 241 -27.16 -20.62 18.97
CA ILE E 241 -28.20 -20.69 17.96
C ILE E 241 -29.55 -20.27 18.52
N LYS E 242 -29.83 -20.55 19.79
CA LYS E 242 -31.02 -20.00 20.41
C LYS E 242 -30.96 -18.47 20.41
N VAL E 243 -29.79 -17.91 20.72
CA VAL E 243 -29.62 -16.47 20.77
C VAL E 243 -29.84 -15.84 19.38
N VAL E 244 -29.29 -16.43 18.33
CA VAL E 244 -29.41 -15.79 17.02
C VAL E 244 -30.86 -15.82 16.54
N VAL E 245 -31.60 -16.86 16.89
CA VAL E 245 -33.02 -16.91 16.53
C VAL E 245 -33.80 -15.82 17.30
N GLU E 246 -33.48 -15.62 18.57
CA GLU E 246 -34.13 -14.54 19.32
CA GLU E 246 -34.12 -14.54 19.33
C GLU E 246 -33.75 -13.16 18.77
N ALA E 247 -32.50 -13.01 18.32
CA ALA E 247 -32.10 -11.75 17.69
C ALA E 247 -32.89 -11.54 16.40
N ALA E 248 -33.10 -12.60 15.64
CA ALA E 248 -33.95 -12.52 14.45
C ALA E 248 -35.37 -12.06 14.81
N ARG E 249 -35.92 -12.62 15.87
CA ARG E 249 -37.25 -12.24 16.34
CA ARG E 249 -37.26 -12.24 16.32
C ARG E 249 -37.32 -10.73 16.59
N LYS E 250 -36.27 -10.20 17.21
CA LYS E 250 -36.22 -8.78 17.54
C LYS E 250 -36.10 -7.90 16.29
N MET E 251 -35.55 -8.44 15.22
CA MET E 251 -35.41 -7.68 13.98
C MET E 251 -36.68 -7.67 13.12
N LEU E 252 -37.57 -8.65 13.31
CA LEU E 252 -38.78 -8.75 12.50
CA LEU E 252 -38.77 -8.73 12.48
C LEU E 252 -39.67 -7.52 12.70
N LYS E 253 -40.29 -7.07 11.62
CA LYS E 253 -41.18 -5.91 11.66
C LYS E 253 -42.62 -6.36 11.48
N THR F 2 -1.92 -41.01 17.45
CA THR F 2 -2.75 -40.47 16.40
C THR F 2 -2.44 -39.00 16.14
N LYS F 3 -2.05 -38.66 14.93
CA LYS F 3 -1.90 -37.27 14.56
C LYS F 3 -3.19 -36.79 13.91
N THR F 4 -3.75 -35.73 14.48
CA THR F 4 -5.03 -35.20 14.02
C THR F 4 -4.88 -33.75 13.58
N VAL F 5 -5.92 -33.25 12.93
CA VAL F 5 -5.95 -31.88 12.45
C VAL F 5 -7.27 -31.25 12.90
N PHE F 6 -7.37 -29.93 12.77
CA PHE F 6 -8.51 -29.22 13.38
C PHE F 6 -9.81 -29.30 12.56
N HIS F 7 -9.72 -29.39 11.23
CA HIS F 7 -10.91 -29.32 10.38
C HIS F 7 -11.20 -30.55 9.53
N LEU F 8 -10.17 -31.18 8.95
CA LEU F 8 -10.42 -32.21 7.93
C LEU F 8 -10.97 -33.54 8.44
N GLY F 9 -10.81 -33.85 9.72
CA GLY F 9 -11.41 -35.05 10.28
C GLY F 9 -10.73 -36.34 9.89
N VAL F 10 -9.49 -36.25 9.43
CA VAL F 10 -8.71 -37.42 9.09
C VAL F 10 -7.39 -37.43 9.85
N THR F 11 -6.79 -38.60 9.97
CA THR F 11 -5.52 -38.76 10.65
C THR F 11 -4.46 -39.09 9.63
N GLU F 12 -3.20 -39.04 10.04
CA GLU F 12 -2.12 -39.39 9.12
CA GLU F 12 -2.09 -39.40 9.16
C GLU F 12 -2.27 -40.85 8.69
N ALA F 13 -2.63 -41.72 9.63
CA ALA F 13 -2.81 -43.14 9.30
C ALA F 13 -3.87 -43.33 8.21
N ASP F 14 -4.93 -42.52 8.22
CA ASP F 14 -5.99 -42.63 7.23
C ASP F 14 -5.47 -42.47 5.80
N LEU F 15 -4.38 -41.73 5.63
CA LEU F 15 -3.90 -41.41 4.29
CA LEU F 15 -3.87 -41.40 4.30
C LEU F 15 -2.98 -42.48 3.71
N ASN F 16 -2.65 -43.49 4.52
CA ASN F 16 -1.82 -44.63 4.07
CA ASN F 16 -1.83 -44.62 4.07
C ASN F 16 -0.56 -44.20 3.30
N GLY F 17 0.11 -43.17 3.80
CA GLY F 17 1.38 -42.76 3.25
C GLY F 17 1.31 -41.83 2.05
N ALA F 18 0.12 -41.37 1.69
CA ALA F 18 -0.01 -40.50 0.53
C ALA F 18 0.83 -39.24 0.67
N THR F 19 1.52 -38.88 -0.40
CA THR F 19 2.25 -37.61 -0.45
C THR F 19 1.69 -36.67 -1.52
N LEU F 20 0.70 -37.11 -2.28
CA LEU F 20 0.08 -36.30 -3.32
C LEU F 20 -1.42 -36.25 -3.11
N ALA F 21 -1.98 -35.05 -3.24
CA ALA F 21 -3.42 -34.83 -3.16
C ALA F 21 -3.93 -34.17 -4.44
N ILE F 22 -5.10 -34.63 -4.88
CA ILE F 22 -5.87 -33.93 -5.89
C ILE F 22 -6.95 -33.15 -5.13
N ILE F 23 -7.06 -31.84 -5.42
CA ILE F 23 -7.89 -30.95 -4.63
C ILE F 23 -8.89 -30.18 -5.49
N PRO F 24 -10.04 -30.80 -5.78
CA PRO F 24 -11.11 -30.08 -6.46
C PRO F 24 -11.78 -29.09 -5.50
N GLY F 25 -12.63 -28.23 -6.01
CA GLY F 25 -13.36 -27.31 -5.15
C GLY F 25 -14.60 -27.88 -4.50
N ASP F 26 -15.40 -28.58 -5.32
CA ASP F 26 -16.70 -29.08 -4.94
C ASP F 26 -16.60 -30.43 -4.23
N PRO F 27 -17.10 -30.56 -2.99
CA PRO F 27 -17.07 -31.86 -2.32
C PRO F 27 -17.67 -33.01 -3.15
N ALA F 28 -18.67 -32.73 -3.97
CA ALA F 28 -19.31 -33.76 -4.78
C ALA F 28 -18.38 -34.33 -5.85
N ARG F 29 -17.32 -33.61 -6.19
N ARG F 29 -17.33 -33.61 -6.20
CA ARG F 29 -16.41 -34.06 -7.23
CA ARG F 29 -16.40 -34.07 -7.23
C ARG F 29 -15.35 -35.02 -6.69
C ARG F 29 -15.40 -35.08 -6.69
N VAL F 30 -15.24 -35.11 -5.36
CA VAL F 30 -14.20 -35.92 -4.75
C VAL F 30 -14.35 -37.41 -5.07
N GLN F 31 -15.53 -37.95 -4.86
CA GLN F 31 -15.77 -39.36 -5.17
C GLN F 31 -15.60 -39.62 -6.66
N LYS F 32 -15.96 -38.66 -7.49
CA LYS F 32 -15.88 -38.82 -8.95
CA LYS F 32 -15.88 -38.86 -8.94
C LYS F 32 -14.43 -38.96 -9.40
N ILE F 33 -13.55 -38.21 -8.76
CA ILE F 33 -12.13 -38.31 -9.05
C ILE F 33 -11.57 -39.61 -8.47
N ALA F 34 -11.93 -39.91 -7.22
CA ALA F 34 -11.38 -41.08 -6.55
C ALA F 34 -11.71 -42.36 -7.31
N GLU F 35 -12.90 -42.44 -7.90
CA GLU F 35 -13.31 -43.67 -8.55
C GLU F 35 -12.56 -43.92 -9.87
N LEU F 36 -11.83 -42.92 -10.36
CA LEU F 36 -10.95 -43.12 -11.51
C LEU F 36 -9.66 -43.85 -11.13
N MET F 37 -9.44 -44.04 -9.84
CA MET F 37 -8.26 -44.72 -9.34
C MET F 37 -8.66 -46.04 -8.68
N ASP F 38 -7.71 -46.75 -8.09
CA ASP F 38 -7.99 -48.06 -7.50
C ASP F 38 -8.36 -47.95 -6.02
N ASN F 39 -9.23 -48.85 -5.58
CA ASN F 39 -9.59 -48.94 -4.16
C ASN F 39 -9.93 -47.62 -3.49
N PRO F 40 -10.83 -46.83 -4.11
CA PRO F 40 -11.24 -45.60 -3.45
C PRO F 40 -11.99 -45.87 -2.15
N VAL F 41 -11.66 -45.12 -1.10
CA VAL F 41 -12.33 -45.25 0.18
C VAL F 41 -12.64 -43.88 0.76
N PHE F 42 -13.90 -43.71 1.17
CA PHE F 42 -14.34 -42.51 1.86
C PHE F 42 -13.67 -42.42 3.22
N LEU F 43 -13.10 -41.26 3.53
CA LEU F 43 -12.47 -41.06 4.84
C LEU F 43 -13.30 -40.17 5.75
N ALA F 44 -13.76 -39.02 5.26
CA ALA F 44 -14.47 -38.09 6.10
C ALA F 44 -15.16 -37.01 5.29
N SER F 45 -16.19 -36.44 5.90
CA SER F 45 -16.83 -35.25 5.36
CA SER F 45 -16.83 -35.25 5.36
CA SER F 45 -16.85 -35.26 5.36
C SER F 45 -17.20 -34.33 6.52
N HIS F 46 -16.66 -33.13 6.49
CA HIS F 46 -16.94 -32.10 7.50
C HIS F 46 -16.94 -30.77 6.78
N ARG F 47 -18.02 -30.01 6.93
CA ARG F 47 -18.15 -28.73 6.25
CA ARG F 47 -18.15 -28.73 6.25
C ARG F 47 -17.90 -28.94 4.76
N GLU F 48 -17.12 -28.06 4.12
CA GLU F 48 -16.85 -28.21 2.68
C GLU F 48 -15.77 -29.22 2.34
N TYR F 49 -15.30 -29.98 3.33
CA TYR F 49 -14.17 -30.88 3.14
C TYR F 49 -14.59 -32.33 3.12
N THR F 50 -14.59 -32.90 1.92
CA THR F 50 -14.82 -34.33 1.72
C THR F 50 -13.49 -34.92 1.30
N VAL F 51 -13.12 -36.02 1.94
CA VAL F 51 -11.80 -36.62 1.79
C VAL F 51 -11.94 -38.10 1.48
N TYR F 52 -11.30 -38.54 0.39
CA TYR F 52 -11.16 -39.94 0.03
C TYR F 52 -9.68 -40.27 -0.14
N ARG F 53 -9.37 -41.56 -0.01
CA ARG F 53 -8.08 -42.08 -0.40
CA ARG F 53 -8.07 -42.06 -0.43
C ARG F 53 -8.29 -43.02 -1.59
N ALA F 54 -7.26 -43.17 -2.42
CA ALA F 54 -7.29 -44.16 -3.48
C ALA F 54 -5.85 -44.54 -3.79
N GLU F 55 -5.67 -45.44 -4.75
CA GLU F 55 -4.36 -45.91 -5.14
C GLU F 55 -4.16 -45.72 -6.62
N LEU F 56 -3.02 -45.18 -6.99
CA LEU F 56 -2.68 -44.90 -8.38
C LEU F 56 -1.34 -45.55 -8.66
N ASP F 57 -1.35 -46.54 -9.55
CA ASP F 57 -0.16 -47.33 -9.83
C ASP F 57 0.50 -47.81 -8.55
N GLY F 58 -0.32 -48.23 -7.59
CA GLY F 58 0.17 -48.81 -6.36
C GLY F 58 0.50 -47.81 -5.25
N GLN F 59 0.43 -46.52 -5.55
CA GLN F 59 0.75 -45.50 -4.56
C GLN F 59 -0.50 -44.81 -4.03
N SER F 60 -0.55 -44.56 -2.73
CA SER F 60 -1.69 -43.89 -2.12
CA SER F 60 -1.68 -43.89 -2.13
C SER F 60 -1.76 -42.43 -2.55
N VAL F 61 -2.97 -42.00 -2.86
CA VAL F 61 -3.28 -40.62 -3.25
CA VAL F 61 -3.22 -40.60 -3.15
C VAL F 61 -4.48 -40.17 -2.44
N VAL F 62 -4.51 -38.91 -2.02
N VAL F 62 -4.51 -38.89 -2.07
CA VAL F 62 -5.69 -38.41 -1.33
CA VAL F 62 -5.63 -38.29 -1.41
C VAL F 62 -6.43 -37.40 -2.22
C VAL F 62 -6.44 -37.49 -2.41
N VAL F 63 -7.75 -37.46 -2.21
CA VAL F 63 -8.60 -36.50 -2.91
C VAL F 63 -9.36 -35.72 -1.84
N CYS F 64 -9.28 -34.39 -1.86
CA CYS F 64 -9.85 -33.58 -0.81
C CYS F 64 -10.42 -32.29 -1.40
N SER F 65 -11.68 -32.01 -1.13
CA SER F 65 -12.24 -30.75 -1.63
C SER F 65 -11.74 -29.57 -0.81
N THR F 66 -11.75 -28.38 -1.44
CA THR F 66 -11.23 -27.17 -0.81
C THR F 66 -12.31 -26.21 -0.34
N GLY F 67 -13.52 -26.34 -0.88
CA GLY F 67 -14.50 -25.27 -0.78
C GLY F 67 -14.16 -24.15 -1.73
N ILE F 68 -14.99 -23.11 -1.70
CA ILE F 68 -14.79 -21.93 -2.52
C ILE F 68 -13.90 -20.94 -1.78
N GLY F 69 -12.85 -20.48 -2.45
CA GLY F 69 -12.02 -19.41 -1.96
C GLY F 69 -10.72 -19.81 -1.31
N GLY F 70 -9.80 -18.85 -1.28
CA GLY F 70 -8.51 -19.03 -0.66
C GLY F 70 -8.55 -19.43 0.80
N PRO F 71 -9.42 -18.80 1.61
CA PRO F 71 -9.38 -19.15 3.03
C PRO F 71 -9.66 -20.63 3.31
N SER F 72 -10.71 -21.18 2.73
CA SER F 72 -10.99 -22.58 2.99
CA SER F 72 -11.09 -22.57 2.85
C SER F 72 -9.96 -23.48 2.32
N THR F 73 -9.43 -23.07 1.19
CA THR F 73 -8.35 -23.80 0.53
C THR F 73 -7.11 -23.86 1.42
N SER F 74 -6.78 -22.74 2.05
CA SER F 74 -5.56 -22.67 2.87
C SER F 74 -5.61 -23.63 4.05
N ILE F 75 -6.79 -23.82 4.62
CA ILE F 75 -6.94 -24.76 5.72
C ILE F 75 -6.71 -26.19 5.23
N ALA F 76 -7.31 -26.57 4.11
CA ALA F 76 -7.15 -27.93 3.61
C ALA F 76 -5.70 -28.23 3.27
N VAL F 77 -5.03 -27.31 2.59
CA VAL F 77 -3.65 -27.53 2.18
C VAL F 77 -2.75 -27.65 3.41
N GLU F 78 -2.91 -26.76 4.39
CA GLU F 78 -2.10 -26.81 5.59
C GLU F 78 -2.29 -28.13 6.33
N GLU F 79 -3.55 -28.54 6.51
CA GLU F 79 -3.81 -29.72 7.31
C GLU F 79 -3.36 -30.98 6.58
N LEU F 80 -3.54 -31.04 5.26
CA LEU F 80 -2.97 -32.14 4.50
C LEU F 80 -1.44 -32.17 4.59
N ALA F 81 -0.80 -31.00 4.55
CA ALA F 81 0.65 -30.95 4.70
C ALA F 81 1.10 -31.44 6.08
N GLN F 82 0.33 -31.11 7.13
CA GLN F 82 0.61 -31.63 8.46
C GLN F 82 0.59 -33.16 8.48
N LEU F 83 -0.22 -33.75 7.60
CA LEU F 83 -0.37 -35.19 7.55
C LEU F 83 0.50 -35.83 6.46
N GLY F 84 1.43 -35.08 5.91
CA GLY F 84 2.46 -35.62 5.04
C GLY F 84 2.34 -35.34 3.56
N VAL F 85 1.27 -34.66 3.14
CA VAL F 85 1.09 -34.38 1.71
C VAL F 85 2.05 -33.26 1.29
N ARG F 86 2.69 -33.44 0.14
CA ARG F 86 3.68 -32.48 -0.35
C ARG F 86 3.39 -31.93 -1.74
N THR F 87 2.50 -32.59 -2.49
CA THR F 87 2.16 -32.19 -3.85
C THR F 87 0.64 -32.07 -3.97
N PHE F 88 0.19 -30.96 -4.56
CA PHE F 88 -1.22 -30.60 -4.62
C PHE F 88 -1.59 -30.27 -6.06
N LEU F 89 -2.51 -31.04 -6.62
CA LEU F 89 -2.99 -30.83 -7.99
C LEU F 89 -4.42 -30.32 -7.94
N ARG F 90 -4.61 -29.05 -8.27
CA ARG F 90 -5.92 -28.42 -8.31
C ARG F 90 -6.58 -28.65 -9.66
N VAL F 91 -7.82 -29.09 -9.63
CA VAL F 91 -8.66 -29.16 -10.81
C VAL F 91 -9.93 -28.38 -10.51
N GLY F 92 -10.47 -27.66 -11.49
N GLY F 92 -10.51 -27.78 -11.53
CA GLY F 92 -11.62 -26.81 -11.24
CA GLY F 92 -11.79 -27.15 -11.39
C GLY F 92 -12.02 -26.03 -12.47
C GLY F 92 -12.28 -26.59 -12.71
N THR F 93 -13.31 -25.77 -12.62
CA THR F 93 -13.83 -25.08 -13.78
C THR F 93 -13.49 -23.58 -13.74
N THR F 94 -13.60 -22.93 -14.88
CA THR F 94 -13.19 -21.55 -14.98
C THR F 94 -13.96 -20.81 -16.06
N GLY F 95 -13.94 -19.49 -15.96
CA GLY F 95 -14.49 -18.60 -16.99
C GLY F 95 -13.37 -17.92 -17.74
N ALA F 96 -13.33 -18.12 -19.05
CA ALA F 96 -12.32 -17.47 -19.90
C ALA F 96 -12.70 -16.03 -20.18
N ILE F 97 -11.70 -15.19 -20.38
CA ILE F 97 -11.94 -13.79 -20.73
C ILE F 97 -11.33 -13.37 -22.07
N GLN F 98 -10.64 -14.28 -22.75
CA GLN F 98 -10.05 -14.00 -24.05
C GLN F 98 -10.93 -14.55 -25.16
N PRO F 99 -11.13 -13.77 -26.23
CA PRO F 99 -11.97 -14.27 -27.32
C PRO F 99 -11.44 -15.55 -27.98
N HIS F 100 -10.14 -15.79 -27.93
CA HIS F 100 -9.54 -16.95 -28.60
C HIS F 100 -9.59 -18.23 -27.76
N VAL F 101 -9.96 -18.10 -26.50
N VAL F 101 -10.06 -18.12 -26.52
CA VAL F 101 -10.18 -19.25 -25.66
CA VAL F 101 -10.13 -19.27 -25.62
C VAL F 101 -11.63 -19.64 -25.83
C VAL F 101 -11.57 -19.77 -25.52
N ASN F 102 -11.86 -20.88 -26.19
CA ASN F 102 -13.23 -21.37 -26.34
C ASN F 102 -13.73 -22.19 -25.18
N VAL F 103 -15.04 -22.13 -24.97
CA VAL F 103 -15.70 -23.05 -24.07
CA VAL F 103 -15.65 -23.05 -24.03
C VAL F 103 -15.30 -24.47 -24.45
N GLY F 104 -14.89 -25.27 -23.47
CA GLY F 104 -14.42 -26.63 -23.70
C GLY F 104 -12.91 -26.76 -23.81
N ASP F 105 -12.20 -25.64 -23.94
CA ASP F 105 -10.75 -25.68 -23.89
C ASP F 105 -10.29 -25.92 -22.45
N MET F 106 -9.00 -26.20 -22.28
CA MET F 106 -8.42 -26.33 -20.95
CA MET F 106 -8.38 -26.37 -20.97
C MET F 106 -7.31 -25.31 -20.75
N ILE F 107 -7.11 -24.91 -19.50
CA ILE F 107 -6.09 -23.94 -19.14
C ILE F 107 -5.22 -24.52 -18.05
N VAL F 108 -3.91 -24.40 -18.23
CA VAL F 108 -2.95 -24.70 -17.17
C VAL F 108 -2.32 -23.37 -16.76
N THR F 109 -2.48 -23.01 -15.49
CA THR F 109 -2.04 -21.71 -15.00
C THR F 109 -0.52 -21.67 -14.83
N THR F 110 0.12 -20.69 -15.45
CA THR F 110 1.57 -20.49 -15.29
C THR F 110 1.90 -19.44 -14.22
N GLY F 111 0.90 -18.66 -13.82
CA GLY F 111 1.03 -17.67 -12.77
C GLY F 111 -0.33 -17.06 -12.54
N SER F 112 -0.57 -16.59 -11.32
CA SER F 112 -1.86 -15.98 -10.99
C SER F 112 -1.74 -14.53 -10.58
N VAL F 113 -2.69 -13.74 -11.05
CA VAL F 113 -2.89 -12.40 -10.54
C VAL F 113 -3.54 -12.53 -9.16
N ARG F 114 -2.88 -11.96 -8.16
CA ARG F 114 -3.27 -12.16 -6.76
C ARG F 114 -4.35 -11.14 -6.36
N LEU F 115 -5.59 -11.44 -6.71
CA LEU F 115 -6.74 -10.60 -6.36
C LEU F 115 -7.45 -11.17 -5.14
N ASP F 116 -6.66 -11.78 -4.26
CA ASP F 116 -7.11 -12.45 -3.05
C ASP F 116 -6.46 -11.82 -1.82
N GLY F 117 -6.85 -12.29 -0.65
CA GLY F 117 -6.22 -11.87 0.59
C GLY F 117 -5.35 -12.93 1.23
N ALA F 118 -5.69 -14.21 1.07
CA ALA F 118 -4.98 -15.24 1.82
C ALA F 118 -3.54 -15.41 1.36
N SER F 119 -3.26 -15.14 0.08
CA SER F 119 -1.88 -15.26 -0.39
C SER F 119 -0.94 -14.40 0.44
N LEU F 120 -1.42 -13.23 0.86
CA LEU F 120 -0.63 -12.27 1.63
C LEU F 120 -0.32 -12.77 3.04
N HIS F 121 -1.01 -13.82 3.47
CA HIS F 121 -0.72 -14.41 4.77
C HIS F 121 0.44 -15.38 4.70
N PHE F 122 0.94 -15.62 3.48
CA PHE F 122 2.10 -16.49 3.25
C PHE F 122 3.31 -15.76 2.67
N ALA F 123 3.07 -14.76 1.83
CA ALA F 123 4.16 -14.02 1.20
C ALA F 123 3.65 -12.65 0.82
N PRO F 124 4.52 -11.63 0.87
CA PRO F 124 4.08 -10.28 0.47
C PRO F 124 3.73 -10.26 -1.02
N MET F 125 3.03 -9.22 -1.45
CA MET F 125 2.44 -9.18 -2.79
C MET F 125 3.47 -9.34 -3.91
N GLU F 126 4.70 -8.91 -3.67
CA GLU F 126 5.80 -8.98 -4.64
CA GLU F 126 5.73 -8.98 -4.71
C GLU F 126 6.12 -10.42 -5.06
N PHE F 127 5.81 -11.38 -4.20
CA PHE F 127 6.14 -12.78 -4.44
C PHE F 127 5.22 -13.35 -5.53
N PRO F 128 5.77 -14.14 -6.47
CA PRO F 128 4.94 -14.62 -7.59
C PRO F 128 4.06 -15.81 -7.21
N ALA F 129 2.79 -15.74 -7.58
CA ALA F 129 1.88 -16.87 -7.42
C ALA F 129 2.11 -17.83 -8.61
N VAL F 130 3.11 -18.68 -8.47
CA VAL F 130 3.47 -19.54 -9.60
CA VAL F 130 3.66 -19.51 -9.54
C VAL F 130 3.49 -21.00 -9.19
N PRO F 131 3.15 -21.86 -10.17
CA PRO F 131 3.12 -23.30 -9.91
C PRO F 131 4.51 -23.90 -9.89
N ASP F 132 4.61 -25.09 -9.30
CA ASP F 132 5.77 -25.94 -9.47
C ASP F 132 5.88 -26.32 -10.95
N PHE F 133 7.09 -26.26 -11.49
CA PHE F 133 7.28 -26.47 -12.92
C PHE F 133 6.99 -27.90 -13.35
N ASP F 134 7.31 -28.88 -12.50
CA ASP F 134 6.98 -30.27 -12.82
C ASP F 134 5.48 -30.48 -12.87
N VAL F 135 4.75 -29.90 -11.93
CA VAL F 135 3.31 -30.07 -11.93
C VAL F 135 2.69 -29.42 -13.17
N ALA F 136 3.11 -28.20 -13.49
CA ALA F 136 2.58 -27.53 -14.68
C ALA F 136 2.89 -28.32 -15.95
N THR F 137 4.10 -28.86 -16.02
CA THR F 137 4.52 -29.66 -17.16
C THR F 137 3.66 -30.93 -17.30
N ALA F 138 3.40 -31.60 -16.18
CA ALA F 138 2.59 -32.80 -16.17
C ALA F 138 1.14 -32.49 -16.57
N MET F 139 0.62 -31.38 -16.07
CA MET F 139 -0.74 -30.98 -16.41
CA MET F 139 -0.73 -30.93 -16.39
C MET F 139 -0.87 -30.65 -17.88
N LYS F 140 0.11 -29.95 -18.44
CA LYS F 140 0.07 -29.65 -19.87
C LYS F 140 0.06 -30.94 -20.68
N ALA F 141 0.94 -31.87 -20.34
CA ALA F 141 1.05 -33.11 -21.10
C ALA F 141 -0.24 -33.90 -21.01
N ALA F 142 -0.77 -34.06 -19.79
CA ALA F 142 -2.02 -34.80 -19.61
C ALA F 142 -3.17 -34.14 -20.36
N ALA F 143 -3.25 -32.82 -20.30
CA ALA F 143 -4.32 -32.12 -21.00
C ALA F 143 -4.20 -32.29 -22.50
N GLN F 144 -3.00 -32.17 -23.04
CA GLN F 144 -2.81 -32.37 -24.48
C GLN F 144 -3.17 -33.80 -24.90
N GLU F 145 -2.77 -34.77 -24.09
CA GLU F 145 -2.97 -36.17 -24.43
C GLU F 145 -4.46 -36.53 -24.45
N SER F 146 -5.29 -35.76 -23.77
CA SER F 146 -6.74 -36.01 -23.77
C SER F 146 -7.42 -35.51 -25.06
N GLY F 147 -6.69 -34.79 -25.89
CA GLY F 147 -7.25 -34.26 -27.13
C GLY F 147 -7.77 -32.83 -27.01
N ALA F 148 -7.68 -32.27 -25.81
CA ALA F 148 -8.18 -30.92 -25.55
C ALA F 148 -7.29 -29.88 -26.22
N THR F 149 -7.88 -28.72 -26.51
CA THR F 149 -7.11 -27.54 -26.85
C THR F 149 -6.69 -26.88 -25.54
N VAL F 150 -5.38 -26.74 -25.36
CA VAL F 150 -4.79 -26.36 -24.07
C VAL F 150 -4.10 -25.01 -24.19
N HIS F 151 -4.35 -24.14 -23.21
CA HIS F 151 -3.68 -22.84 -23.12
C HIS F 151 -2.86 -22.80 -21.85
N MET F 152 -1.63 -22.33 -21.98
CA MET F 152 -0.77 -22.04 -20.84
C MET F 152 -0.80 -20.54 -20.64
N GLY F 153 -1.01 -20.06 -19.42
CA GLY F 153 -0.93 -18.64 -19.19
C GLY F 153 -1.41 -18.17 -17.85
N VAL F 154 -1.59 -16.86 -17.75
CA VAL F 154 -1.88 -16.21 -16.49
C VAL F 154 -3.37 -16.23 -16.20
N THR F 155 -3.69 -16.51 -14.93
CA THR F 155 -5.06 -16.58 -14.44
C THR F 155 -5.29 -15.49 -13.40
N ALA F 156 -6.42 -14.79 -13.47
CA ALA F 156 -6.81 -13.83 -12.45
C ALA F 156 -7.59 -14.56 -11.36
N SER F 157 -7.11 -14.45 -10.11
CA SER F 157 -7.66 -15.24 -9.02
C SER F 157 -8.23 -14.30 -7.97
N SER F 158 -9.57 -14.30 -7.89
CA SER F 158 -10.32 -13.29 -7.16
C SER F 158 -11.00 -13.82 -5.91
N ASP F 159 -10.96 -13.03 -4.84
CA ASP F 159 -11.69 -13.35 -3.60
C ASP F 159 -13.21 -13.20 -3.74
N THR F 160 -13.70 -12.65 -4.84
CA THR F 160 -15.13 -12.63 -5.10
C THR F 160 -15.47 -13.16 -6.48
N PHE F 161 -16.69 -13.64 -6.63
CA PHE F 161 -17.22 -14.05 -7.91
C PHE F 161 -17.78 -12.86 -8.68
N TYR F 162 -18.28 -11.87 -7.94
CA TYR F 162 -19.05 -10.78 -8.52
C TYR F 162 -18.18 -9.52 -8.78
N PRO F 163 -17.97 -8.62 -7.79
CA PRO F 163 -17.29 -7.37 -8.18
C PRO F 163 -15.84 -7.54 -8.61
N GLY F 164 -15.13 -8.49 -8.00
CA GLY F 164 -13.73 -8.72 -8.35
C GLY F 164 -13.54 -9.34 -9.71
N GLN F 165 -14.64 -9.80 -10.32
CA GLN F 165 -14.61 -10.28 -11.71
C GLN F 165 -15.38 -9.30 -12.61
N GLU F 166 -15.61 -8.10 -12.09
CA GLU F 166 -16.32 -7.03 -12.78
C GLU F 166 -17.67 -7.47 -13.36
N ARG F 167 -18.43 -8.18 -12.54
CA ARG F 167 -19.83 -8.46 -12.86
C ARG F 167 -20.72 -7.33 -12.34
N TYR F 168 -21.58 -6.81 -13.23
CA TYR F 168 -22.52 -5.73 -12.89
C TYR F 168 -23.96 -6.20 -12.70
N ASP F 169 -24.28 -7.43 -13.11
CA ASP F 169 -25.65 -7.91 -13.00
C ASP F 169 -25.87 -8.48 -11.61
N THR F 170 -25.94 -7.58 -10.65
CA THR F 170 -25.91 -7.92 -9.24
C THR F 170 -26.93 -7.10 -8.48
N PHE F 171 -27.05 -7.39 -7.19
CA PHE F 171 -27.99 -6.67 -6.35
C PHE F 171 -27.79 -5.15 -6.40
N THR F 172 -26.57 -4.66 -6.25
CA THR F 172 -26.35 -3.20 -6.31
C THR F 172 -26.02 -2.70 -7.70
N GLY F 173 -25.49 -3.57 -8.56
CA GLY F 173 -25.04 -3.14 -9.88
C GLY F 173 -23.80 -2.26 -9.84
N ARG F 174 -23.14 -2.22 -8.67
CA ARG F 174 -21.98 -1.38 -8.39
CA ARG F 174 -21.96 -1.39 -8.49
C ARG F 174 -20.70 -2.22 -8.39
N VAL F 175 -19.61 -1.65 -8.89
CA VAL F 175 -18.29 -2.25 -8.74
C VAL F 175 -17.35 -1.16 -8.22
N VAL F 176 -16.65 -1.46 -7.12
CA VAL F 176 -15.74 -0.53 -6.49
C VAL F 176 -14.66 -0.08 -7.49
N ARG F 177 -14.15 1.13 -7.27
CA ARG F 177 -13.19 1.76 -8.17
C ARG F 177 -12.07 0.83 -8.63
N ARG F 178 -11.48 0.10 -7.69
CA ARG F 178 -10.37 -0.80 -7.98
C ARG F 178 -10.69 -1.74 -9.14
N PHE F 179 -11.93 -2.18 -9.25
CA PHE F 179 -12.31 -3.20 -10.22
C PHE F 179 -13.06 -2.68 -11.44
N GLN F 180 -13.41 -1.40 -11.44
CA GLN F 180 -14.01 -0.82 -12.63
CA GLN F 180 -14.02 -0.81 -12.64
C GLN F 180 -12.99 -0.80 -13.76
N GLY F 181 -13.36 -1.31 -14.92
CA GLY F 181 -12.46 -1.38 -16.05
C GLY F 181 -11.43 -2.49 -15.96
N SER F 182 -11.50 -3.32 -14.91
CA SER F 182 -10.46 -4.32 -14.70
C SER F 182 -10.51 -5.48 -15.69
N MET F 183 -11.69 -5.91 -16.12
CA MET F 183 -11.79 -6.97 -17.11
CA MET F 183 -11.69 -7.02 -17.06
C MET F 183 -10.96 -6.64 -18.34
N LYS F 184 -11.20 -5.43 -18.85
CA LYS F 184 -10.50 -4.97 -20.05
CA LYS F 184 -10.51 -4.97 -20.05
CA LYS F 184 -10.50 -4.96 -20.05
C LYS F 184 -9.00 -4.91 -19.83
N GLU F 185 -8.58 -4.42 -18.67
CA GLU F 185 -7.17 -4.38 -18.34
C GLU F 185 -6.54 -5.78 -18.36
N TRP F 186 -7.17 -6.74 -17.69
CA TRP F 186 -6.62 -8.09 -17.71
C TRP F 186 -6.61 -8.68 -19.11
N GLN F 187 -7.66 -8.39 -19.89
CA GLN F 187 -7.72 -8.87 -21.26
C GLN F 187 -6.55 -8.32 -22.05
N ASP F 188 -6.31 -7.01 -21.91
CA ASP F 188 -5.22 -6.36 -22.63
C ASP F 188 -3.86 -6.91 -22.22
N MET F 189 -3.73 -7.34 -20.96
CA MET F 189 -2.49 -7.90 -20.45
C MET F 189 -2.31 -9.39 -20.75
N GLY F 190 -3.27 -10.00 -21.44
CA GLY F 190 -3.14 -11.38 -21.86
C GLY F 190 -3.61 -12.43 -20.87
N VAL F 191 -4.27 -11.99 -19.79
CA VAL F 191 -4.80 -12.91 -18.80
C VAL F 191 -5.88 -13.78 -19.45
N LEU F 192 -5.87 -15.08 -19.15
CA LEU F 192 -6.76 -16.01 -19.85
C LEU F 192 -8.14 -16.17 -19.23
N ASN F 193 -8.22 -16.10 -17.90
CA ASN F 193 -9.38 -16.62 -17.20
C ASN F 193 -9.46 -16.12 -15.78
N PHE F 194 -10.64 -16.30 -15.17
CA PHE F 194 -10.90 -16.03 -13.76
C PHE F 194 -11.23 -17.32 -12.99
N GLU F 195 -10.71 -17.41 -11.79
CA GLU F 195 -11.20 -18.36 -10.80
C GLU F 195 -10.91 -17.78 -9.42
N MET F 196 -11.04 -18.56 -8.35
CA MET F 196 -11.04 -17.98 -7.00
C MET F 196 -10.11 -18.63 -5.98
N GLU F 197 -9.27 -19.58 -6.38
CA GLU F 197 -8.42 -20.27 -5.40
C GLU F 197 -6.93 -20.32 -5.73
N SER F 198 -6.55 -20.13 -7.00
CA SER F 198 -5.17 -20.39 -7.40
C SER F 198 -4.15 -19.45 -6.78
N ALA F 199 -4.48 -18.16 -6.62
CA ALA F 199 -3.48 -17.26 -6.04
C ALA F 199 -3.09 -17.72 -4.64
N THR F 200 -4.08 -18.07 -3.84
CA THR F 200 -3.80 -18.57 -2.50
C THR F 200 -3.00 -19.86 -2.57
N LEU F 201 -3.50 -20.82 -3.35
CA LEU F 201 -2.84 -22.12 -3.41
C LEU F 201 -1.39 -22.00 -3.87
N LEU F 202 -1.19 -21.30 -4.98
CA LEU F 202 0.14 -21.27 -5.58
C LEU F 202 1.12 -20.49 -4.69
N THR F 203 0.68 -19.38 -4.11
CA THR F 203 1.57 -18.59 -3.26
C THR F 203 1.92 -19.37 -2.00
N MET F 204 0.91 -19.96 -1.36
CA MET F 204 1.12 -20.74 -0.16
CA MET F 204 1.18 -20.69 -0.13
C MET F 204 2.14 -21.85 -0.41
N CYS F 205 1.93 -22.60 -1.49
CA CYS F 205 2.78 -23.75 -1.75
C CYS F 205 4.20 -23.34 -2.18
N ALA F 206 4.31 -22.36 -3.07
CA ALA F 206 5.60 -21.96 -3.59
C ALA F 206 6.48 -21.34 -2.50
N SER F 207 5.88 -20.83 -1.43
CA SER F 207 6.62 -20.21 -0.34
C SER F 207 6.78 -21.15 0.86
N SER F 208 6.30 -22.39 0.75
CA SER F 208 6.26 -23.33 1.88
C SER F 208 6.86 -24.70 1.56
N GLY F 209 7.56 -24.84 0.44
CA GLY F 209 8.19 -26.11 0.10
C GLY F 209 7.23 -27.19 -0.33
N LEU F 210 6.09 -26.79 -0.90
CA LEU F 210 5.08 -27.70 -1.41
C LEU F 210 4.98 -27.50 -2.91
N LYS F 211 4.69 -28.58 -3.65
CA LYS F 211 4.53 -28.47 -5.10
CA LYS F 211 4.53 -28.47 -5.10
C LYS F 211 3.04 -28.35 -5.42
N ALA F 212 2.69 -27.37 -6.26
CA ALA F 212 1.30 -27.18 -6.63
C ALA F 212 1.16 -26.76 -8.09
N GLY F 213 -0.01 -27.06 -8.64
CA GLY F 213 -0.38 -26.56 -9.95
C GLY F 213 -1.89 -26.57 -10.09
N CYS F 214 -2.37 -25.91 -11.15
CA CYS F 214 -3.81 -25.78 -11.42
CA CYS F 214 -3.80 -25.78 -11.41
C CYS F 214 -4.12 -26.05 -12.88
N VAL F 215 -5.12 -26.90 -13.11
CA VAL F 215 -5.64 -27.17 -14.45
C VAL F 215 -7.15 -26.98 -14.39
N ALA F 216 -7.74 -26.46 -15.46
CA ALA F 216 -9.15 -26.12 -15.45
C ALA F 216 -9.79 -26.30 -16.80
N GLY F 217 -11.06 -26.69 -16.79
CA GLY F 217 -11.88 -26.71 -17.98
C GLY F 217 -12.67 -25.42 -18.10
N VAL F 218 -12.73 -24.88 -19.31
CA VAL F 218 -13.42 -23.62 -19.55
C VAL F 218 -14.91 -23.90 -19.74
N ILE F 219 -15.73 -23.42 -18.81
CA ILE F 219 -17.17 -23.66 -18.90
C ILE F 219 -17.98 -22.48 -19.42
N ILE F 220 -17.45 -21.27 -19.29
CA ILE F 220 -18.04 -20.10 -19.93
CA ILE F 220 -18.04 -20.09 -19.91
C ILE F 220 -16.95 -19.19 -20.44
N ASN F 221 -17.32 -18.34 -21.39
CA ASN F 221 -16.44 -17.27 -21.84
C ASN F 221 -17.20 -15.97 -21.60
N ARG F 222 -16.61 -15.06 -20.83
CA ARG F 222 -17.24 -13.81 -20.42
C ARG F 222 -17.55 -12.87 -21.57
N THR F 223 -16.91 -13.09 -22.71
CA THR F 223 -17.21 -12.29 -23.89
C THR F 223 -18.43 -12.85 -24.64
N GLN F 224 -19.04 -13.91 -24.11
CA GLN F 224 -20.13 -14.63 -24.79
C GLN F 224 -21.41 -14.76 -23.95
N LYS F 225 -21.48 -15.71 -23.04
CA LYS F 225 -22.68 -15.90 -22.23
C LYS F 225 -22.35 -16.55 -20.90
N GLU F 226 -23.23 -16.35 -19.92
CA GLU F 226 -23.00 -16.85 -18.56
C GLU F 226 -23.59 -18.22 -18.32
N ILE F 227 -24.55 -18.63 -19.15
CA ILE F 227 -25.30 -19.87 -18.93
C ILE F 227 -24.75 -21.00 -19.80
N PRO F 228 -24.06 -21.97 -19.19
CA PRO F 228 -23.47 -23.06 -19.99
C PRO F 228 -24.50 -24.00 -20.59
N ASP F 229 -24.15 -24.57 -21.73
CA ASP F 229 -24.91 -25.66 -22.32
C ASP F 229 -24.58 -26.96 -21.58
N HIS F 230 -25.61 -27.73 -21.23
CA HIS F 230 -25.43 -28.84 -20.29
C HIS F 230 -24.53 -29.96 -20.80
N ALA F 231 -24.68 -30.35 -22.06
CA ALA F 231 -23.91 -31.48 -22.58
C ALA F 231 -22.44 -31.08 -22.70
N THR F 232 -22.20 -29.86 -23.15
CA THR F 232 -20.85 -29.35 -23.29
C THR F 232 -20.15 -29.27 -21.92
N LEU F 233 -20.86 -28.74 -20.94
CA LEU F 233 -20.35 -28.66 -19.57
CA LEU F 233 -20.32 -28.65 -19.59
C LEU F 233 -19.99 -30.04 -19.02
N LYS F 234 -20.89 -31.00 -19.22
CA LYS F 234 -20.67 -32.35 -18.72
C LYS F 234 -19.42 -32.97 -19.33
N GLU F 235 -19.23 -32.78 -20.63
CA GLU F 235 -18.07 -33.31 -21.33
CA GLU F 235 -18.06 -33.33 -21.31
C GLU F 235 -16.79 -32.69 -20.80
N THR F 236 -16.81 -31.37 -20.62
CA THR F 236 -15.64 -30.65 -20.11
C THR F 236 -15.27 -31.14 -18.71
N GLU F 237 -16.26 -31.26 -17.84
CA GLU F 237 -15.99 -31.67 -16.47
C GLU F 237 -15.42 -33.09 -16.41
N ALA F 238 -15.98 -33.99 -17.21
CA ALA F 238 -15.50 -35.38 -17.22
C ALA F 238 -14.06 -35.44 -17.72
N ARG F 239 -13.73 -34.67 -18.73
CA ARG F 239 -12.37 -34.72 -19.26
C ARG F 239 -11.39 -34.15 -18.24
N SER F 240 -11.77 -33.09 -17.52
CA SER F 240 -10.86 -32.46 -16.58
CA SER F 240 -10.85 -32.46 -16.60
C SER F 240 -10.42 -33.40 -15.48
N ILE F 241 -11.34 -34.22 -14.97
CA ILE F 241 -10.95 -35.11 -13.89
C ILE F 241 -10.10 -36.28 -14.41
N LYS F 242 -10.33 -36.73 -15.63
CA LYS F 242 -9.43 -37.74 -16.20
CA LYS F 242 -9.45 -37.72 -16.24
C LYS F 242 -8.03 -37.14 -16.38
N VAL F 243 -7.97 -35.90 -16.85
CA VAL F 243 -6.69 -35.22 -17.03
C VAL F 243 -5.93 -35.06 -15.72
N VAL F 244 -6.59 -34.65 -14.65
CA VAL F 244 -5.84 -34.41 -13.41
C VAL F 244 -5.31 -35.72 -12.83
N VAL F 245 -6.04 -36.81 -13.01
CA VAL F 245 -5.55 -38.11 -12.56
C VAL F 245 -4.33 -38.54 -13.37
N GLU F 246 -4.34 -38.31 -14.68
CA GLU F 246 -3.17 -38.62 -15.49
CA GLU F 246 -3.18 -38.60 -15.52
C GLU F 246 -1.99 -37.71 -15.13
N ALA F 247 -2.25 -36.46 -14.78
CA ALA F 247 -1.18 -35.57 -14.33
C ALA F 247 -0.56 -36.11 -13.03
N ALA F 248 -1.41 -36.61 -12.12
CA ALA F 248 -0.92 -37.24 -10.90
C ALA F 248 -0.04 -38.44 -11.21
N ARG F 249 -0.46 -39.26 -12.17
CA ARG F 249 0.31 -40.42 -12.56
C ARG F 249 1.70 -39.99 -13.00
N LYS F 250 1.76 -38.93 -13.80
CA LYS F 250 3.04 -38.43 -14.29
C LYS F 250 3.92 -37.93 -13.15
N MET F 251 3.31 -37.33 -12.13
CA MET F 251 4.07 -36.80 -10.99
C MET F 251 4.64 -37.92 -10.11
N LEU F 252 3.98 -39.06 -10.09
CA LEU F 252 4.35 -40.14 -9.20
C LEU F 252 5.26 -41.18 -9.87
N LYS F 253 5.44 -41.03 -11.18
CA LYS F 253 6.22 -42.00 -11.94
C LYS F 253 7.64 -42.09 -11.43
CL CL G . 27.60 2.30 -33.34
CL CL H . 25.79 -10.73 -18.85
O6 6MU I . 24.70 -11.69 -5.08
C6 6MU I . 24.59 -11.33 -6.40
C5 6MU I . 25.40 -11.84 -7.34
N1 6MU I . 23.58 -10.42 -6.77
C2 6MU I . 23.46 -10.06 -8.04
O2 6MU I . 22.53 -9.18 -8.48
N3 6MU I . 24.33 -10.59 -9.06
C4 6MU I . 25.25 -11.43 -8.74
CI 6MU I . 26.12 -11.95 -9.82
H61 6MU I . 24.00 -11.36 -4.63
H51 6MU I . 26.09 -12.47 -7.09
H21 6MU I . 21.73 -9.46 -8.24
HAI3 6MU I . 26.78 -12.57 -9.45
HAI2 6MU I . 26.58 -11.21 -10.25
HAI1 6MU I . 25.58 -12.42 -10.48
MG MG J . 15.01 -2.30 12.20
MG MG K . 2.45 -14.63 -22.39
NA NA L . 21.72 0.58 -16.53
C1 EDO M . 0.43 -3.72 -3.27
O1 EDO M . -0.70 -4.50 -3.66
C2 EDO M . 1.66 -4.60 -3.19
O2 EDO M . 2.85 -3.83 -3.03
H11 EDO M . 0.24 -3.26 -2.29
H12 EDO M . 0.60 -2.92 -3.99
HO1 EDO M . -1.49 -3.93 -3.70
H21 EDO M . 1.56 -5.29 -2.34
H22 EDO M . 1.73 -5.21 -4.09
HO2 EDO M . 3.62 -4.41 -2.98
C1 EOH N . 8.83 0.26 0.12
C2 EOH N . 8.65 0.66 1.58
O EOH N . 8.11 -0.86 -0.34
H11 EOH N . 8.56 1.12 -0.49
H12 EOH N . 9.88 0.07 -0.04
H21 EOH N . 8.95 -0.17 2.23
H22 EOH N . 9.25 1.53 1.80
H23 EOH N . 7.60 0.89 1.76
HO EOH N . 8.27 -0.97 -1.30
CL CL O . 2.93 -19.09 -20.59
CL CL P . 24.69 11.88 -19.76
CL CL Q . 10.43 19.66 -28.65
O6 6MU R . 11.72 12.93 -22.43
C6 6MU R . 12.89 12.52 -21.93
C5 6MU R . 14.06 12.90 -22.45
N1 6MU R . 12.84 11.65 -20.82
C2 6MU R . 13.95 11.20 -20.30
O2 6MU R . 13.91 10.36 -19.25
N3 6MU R . 15.23 11.59 -20.83
C4 6MU R . 15.29 12.40 -21.84
CI 6MU R . 16.62 12.79 -22.36
H61 6MU R . 11.06 12.68 -21.89
H51 6MU R . 14.09 13.50 -23.21
H21 6MU R . 13.36 10.69 -18.63
HAI3 6MU R . 17.31 12.37 -21.84
HAI2 6MU R . 16.69 12.51 -23.29
HAI1 6MU R . 16.72 13.76 -22.30
MG MG S . -7.87 3.12 -17.51
MG MG T . 21.79 15.79 3.62
MG MG U . 0.96 -0.21 -32.81
NA NA V . 3.01 2.85 -24.08
C TRS W . 17.80 9.39 -19.47
C1 TRS W . 19.25 9.08 -19.13
C2 TRS W . 16.94 9.27 -18.23
C3 TRS W . 17.27 8.46 -20.57
N TRS W . 17.75 10.78 -19.93
O1 TRS W . 19.31 7.85 -18.47
O2 TRS W . 17.31 10.24 -17.24
O3 TRS W . 18.00 8.67 -21.75
H11 TRS W . 19.84 9.04 -20.04
H12 TRS W . 19.66 9.86 -18.49
H21 TRS W . 17.05 8.28 -17.80
H22 TRS W . 15.90 9.42 -18.48
H31 TRS W . 16.22 8.67 -20.74
H32 TRS W . 17.37 7.43 -20.25
HN1 TRS W . 18.09 11.45 -19.25
HN2 TRS W . 18.13 10.92 -20.86
HN3 TRS W . 16.77 10.99 -20.02
HO1 TRS W . 20.25 7.64 -18.25
HO2 TRS W . 16.75 10.13 -16.45
HO3 TRS W . 17.66 8.07 -22.46
C1 EDO X . 9.06 25.05 -26.47
O1 EDO X . 8.26 24.97 -25.28
C2 EDO X . 10.26 24.14 -26.36
O2 EDO X . 11.37 24.72 -27.05
H11 EDO X . 8.45 24.77 -27.33
H12 EDO X . 9.39 26.08 -26.61
HO1 EDO X . 7.49 25.55 -25.36
H21 EDO X . 10.03 23.16 -26.80
H22 EDO X . 10.52 23.99 -25.31
HO2 EDO X . 12.14 24.14 -26.98
C1 EOH Y . 2.20 0.59 -8.65
C2 EOH Y . 2.44 1.68 -7.61
O EOH Y . 0.86 0.24 -8.89
H11 EOH Y . 2.74 -0.30 -8.34
H12 EOH Y . 2.64 0.93 -9.59
H21 EOH Y . 2.04 1.35 -6.65
H22 EOH Y . 1.94 2.60 -7.92
H23 EOH Y . 3.51 1.86 -7.51
HO EOH Y . 0.83 -0.45 -9.58
CL CL Z . 3.69 29.12 16.66
CL CL AA . 16.60 19.38 25.61
CL CL BA . 11.39 25.55 -6.24
O6 6MU CA . 9.40 17.64 20.05
C6 6MU CA . 8.57 18.57 19.52
C5 6MU CA . 8.56 19.85 19.92
N1 6MU CA . 7.69 18.12 18.52
C2 6MU CA . 6.84 18.97 17.98
O2 6MU CA . 6.00 18.55 17.04
N3 6MU CA . 6.82 20.33 18.38
C4 6MU CA . 7.62 20.75 19.29
CI 6MU CA . 7.56 22.18 19.68
H61 6MU CA . 9.36 16.90 19.58
H51 6MU CA . 9.16 20.15 20.61
H21 6MU CA . 6.44 18.10 16.42
HAI3 6MU CA . 8.22 22.36 20.37
HAI2 6MU CA . 7.75 22.74 18.91
HAI1 6MU CA . 6.66 22.39 20.03
MG MG DA . 6.64 -4.47 17.36
MG MG EA . 15.05 43.33 -0.88
MG MG FA . 6.59 25.65 -6.79
NA NA GA . -6.08 22.23 14.79
C TRS HA . 3.76 21.83 17.08
C1 TRS HA . 2.93 23.02 16.65
C2 TRS HA . 3.91 20.86 15.92
C3 TRS HA . 3.13 21.12 18.28
N TRS HA . 5.08 22.32 17.44
O1 TRS HA . 1.67 22.59 16.18
O2 TRS HA . 4.53 21.50 14.82
O3 TRS HA . 3.26 21.96 19.40
H11 TRS HA . 3.45 23.55 15.85
H12 TRS HA . 2.79 23.71 17.48
H21 TRS HA . 2.93 20.49 15.63
H22 TRS HA . 4.51 20.01 16.23
H31 TRS HA . 2.07 20.92 18.09
H32 TRS HA . 3.63 20.17 18.47
HN1 TRS HA . 5.56 22.80 16.70
HN2 TRS HA . 5.11 22.81 18.34
HN3 TRS HA . 5.63 21.49 17.60
HO1 TRS HA . 1.14 23.36 15.90
HO2 TRS HA . 4.62 20.86 14.08
HO3 TRS HA . 2.86 21.53 20.19
C1 EOH IA . 20.59 20.55 22.79
C2 EOH IA . 21.63 19.60 22.31
O EOH IA . 20.93 21.79 23.40
H11 EOH IA . 19.92 20.76 21.96
H12 EOH IA . 19.98 20.02 23.51
H21 EOH IA . 21.21 18.61 22.16
H22 EOH IA . 22.40 19.53 23.07
H23 EOH IA . 22.05 19.96 21.38
HO EOH IA . 21.84 21.74 23.74
C1 EOH JA . 0.12 3.31 8.30
C2 EOH JA . 0.25 1.82 8.55
O EOH JA . 0.87 3.86 7.24
H11 EOH JA . 0.39 3.83 9.22
H12 EOH JA . -0.93 3.54 8.11
H21 EOH JA . 1.28 1.58 8.79
H22 EOH JA . -0.06 1.27 7.66
H23 EOH JA . -0.39 1.54 9.39
HO EOH JA . 0.63 4.80 7.11
C1 GOL KA . -15.66 21.52 13.38
O1 GOL KA . -15.34 21.21 14.72
C2 GOL KA . -14.88 20.63 12.45
O2 GOL KA . -13.50 20.85 12.57
C3 GOL KA . -15.36 20.89 11.02
O3 GOL KA . -14.27 21.11 10.16
H11 GOL KA . -15.42 22.56 13.18
H12 GOL KA . -16.73 21.38 13.22
HO1 GOL KA . -15.79 21.83 15.33
H2 GOL KA . -15.10 19.59 12.70
HO2 GOL KA . -13.01 20.25 11.95
H31 GOL KA . -16.02 21.75 11.02
H32 GOL KA . -15.93 20.03 10.67
HO3 GOL KA . -13.56 21.60 10.63
CL CL LA . -17.96 22.35 17.92
O6 6MU MA . -19.42 19.72 4.53
C6 6MU MA . -18.94 19.86 5.80
C5 6MU MA . -19.60 20.54 6.74
N1 6MU MA . -17.70 19.24 6.10
C2 6MU MA . -17.21 19.37 7.34
O2 6MU MA . -16.03 18.83 7.68
N3 6MU MA . -17.91 20.10 8.35
C4 6MU MA . -19.03 20.66 8.08
CI 6MU MA . -19.73 21.42 9.16
H61 6MU MA . -18.91 19.14 4.08
H51 6MU MA . -20.45 20.95 6.52
H21 6MU MA . -16.04 17.96 7.51
HAI3 6MU MA . -20.56 21.79 8.81
HAI2 6MU MA . -19.16 22.13 9.48
HAI1 6MU MA . -19.93 20.81 9.89
MG MG NA . -8.41 12.25 -13.01
MG MG OA . -0.15 27.76 30.57
MG MG PA . -13.21 -0.42 23.34
C1 EDO QA . -4.78 0.73 2.91
O1 EDO QA . -4.66 2.13 3.17
C2 EDO QA . -3.85 -0.06 3.81
O2 EDO QA . -4.21 -1.45 3.78
H11 EDO QA . -5.81 0.42 3.08
H12 EDO QA . -4.53 0.53 1.87
HO1 EDO QA . -5.26 2.62 2.58
H21 EDO QA . -3.91 0.33 4.83
H22 EDO QA . -2.81 0.06 3.47
HO2 EDO QA . -3.61 -1.94 4.35
C1 EOH RA . -3.17 8.60 -0.89
C2 EOH RA . -2.72 8.33 -2.32
O EOH RA . -3.76 7.54 -0.19
H11 EOH RA . -3.88 9.43 -0.92
H12 EOH RA . -2.30 8.95 -0.34
H21 EOH RA . -3.58 8.04 -2.93
H22 EOH RA . -2.29 9.24 -2.74
H23 EOH RA . -1.97 7.54 -2.33
HO EOH RA . -3.86 7.79 0.75
CL CL SA . -21.17 -22.20 12.31
O6 6MU TA . -8.99 -19.57 17.12
C6 6MU TA . -10.08 -19.70 16.34
C5 6MU TA . -11.13 -20.42 16.68
N1 6MU TA . -10.05 -18.97 15.13
C2 6MU TA . -11.08 -19.05 14.31
O2 6MU TA . -11.03 -18.38 13.15
N3 6MU TA . -12.23 -19.82 14.65
C4 6MU TA . -12.26 -20.48 15.77
CI 6MU TA . -13.46 -21.29 16.09
H61 6MU TA . -8.44 -18.98 16.76
H51 6MU TA . -11.15 -20.91 17.52
H21 6MU TA . -10.92 -18.95 12.49
HAI3 6MU TA . -13.33 -21.72 16.95
HAI2 6MU TA . -14.24 -20.72 16.13
HAI1 6MU TA . -13.59 -21.98 15.41
MG MG UA . 10.63 -11.60 11.24
NA NA VA . -15.38 -21.85 1.56
C TRS WA . -15.58 -22.04 -8.65
C1 TRS WA . -16.54 -21.18 -7.86
C2 TRS WA . -14.60 -22.69 -7.68
C3 TRS WA . -14.98 -21.21 -9.77
N TRS WA . -16.31 -23.10 -9.31
O1 TRS WA . -17.69 -20.87 -8.60
O2 TRS WA . -14.74 -22.08 -6.41
O3 TRS WA . -14.03 -21.96 -10.50
H11 TRS WA . -16.04 -20.26 -7.57
H12 TRS WA . -16.83 -21.71 -6.95
H21 TRS WA . -13.59 -22.58 -8.04
H22 TRS WA . -14.82 -23.76 -7.59
H31 TRS WA . -15.76 -20.87 -10.43
H32 TRS WA . -14.50 -20.33 -9.34
HN1 TRS WA . -16.77 -23.74 -8.68
HN2 TRS WA . -16.91 -22.78 -10.07
HN3 TRS WA . -15.60 -23.66 -9.76
HO1 TRS WA . -18.29 -20.31 -8.06
HO2 TRS WA . -14.12 -22.50 -5.78
HO3 TRS WA . -13.66 -21.39 -11.21
C TRS XA . -14.14 -20.45 11.51
C1 TRS XA . -15.41 -20.82 10.73
C2 TRS XA . -13.67 -19.07 11.09
C3 TRS XA . -13.05 -21.50 11.31
N TRS XA . -14.49 -20.39 12.93
O1 TRS XA . -15.21 -20.60 9.36
O2 TRS XA . -14.68 -18.11 11.36
O3 TRS XA . -13.51 -22.70 11.90
H11 TRS XA . -16.25 -20.22 11.08
H12 TRS XA . -15.65 -21.87 10.90
H21 TRS XA . -13.44 -19.07 10.03
H22 TRS XA . -12.76 -18.81 11.64
H31 TRS XA . -12.13 -21.18 11.80
H32 TRS XA . -12.86 -21.65 10.26
HN1 TRS XA . -14.83 -21.27 13.31
HN2 TRS XA . -15.05 -19.59 13.18
HN3 TRS XA . -13.60 -20.25 13.40
HO1 TRS XA . -16.02 -20.83 8.87
HO2 TRS XA . -14.36 -17.22 11.09
HO3 TRS XA . -12.82 -23.40 11.79
C1 EOH YA . 0.19 -7.84 2.98
C2 EOH YA . 1.69 -7.59 3.02
O EOH YA . -0.69 -6.85 3.44
H11 EOH YA . -0.01 -8.76 3.53
H12 EOH YA . -0.07 -8.05 1.93
H21 EOH YA . 2.00 -7.43 4.06
H22 EOH YA . 2.21 -8.46 2.63
H23 EOH YA . 1.94 -6.72 2.43
HO EOH YA . -1.61 -7.13 3.28
MG MG ZA . -25.99 0.41 6.79
CL CL AB . -14.44 -28.51 -8.62
CL CL BB . -17.31 -35.75 -14.28
O6 6MU CB . -16.61 -16.72 -14.55
C6 6MU CB . -16.28 -17.69 -13.69
C5 6MU CB . -16.60 -18.97 -13.87
N1 6MU CB . -15.54 -17.29 -12.57
C2 6MU CB . -15.19 -18.17 -11.67
O2 6MU CB . -14.50 -17.80 -10.58
N3 6MU CB . -15.52 -19.56 -11.82
C4 6MU CB . -16.20 -19.94 -12.87
CI 6MU CB . -16.53 -21.38 -13.01
H61 6MU CB . -16.22 -15.97 -14.30
H51 6MU CB . -17.10 -19.24 -14.66
H21 6MU CB . -13.79 -17.33 -10.82
HAI3 6MU CB . -16.19 -21.87 -12.25
HAI2 6MU CB . -17.50 -21.49 -13.04
HAI1 6MU CB . -16.14 -21.72 -13.83
MG MG DB . -15.64 4.92 -10.88
MG MG EB . -14.38 -19.38 -30.61
MG MG FB . -12.58 -18.02 -32.36
C1 EDO GB . -30.48 -9.23 -9.25
O1 EDO GB . -30.59 -8.29 -8.17
C2 EDO GB . -29.28 -8.93 -10.12
O2 EDO GB . -28.63 -10.15 -10.44
H11 EDO GB . -31.39 -9.18 -9.86
H12 EDO GB . -30.39 -10.24 -8.85
HO1 EDO GB . -31.36 -8.50 -7.64
H21 EDO GB . -28.59 -8.27 -9.59
H22 EDO GB . -29.60 -8.42 -11.04
HO2 EDO GB . -27.85 -9.96 -10.99
C1 EOH HB . -7.98 -2.58 -2.43
C2 EOH HB . -8.20 -1.08 -2.43
O EOH HB . -6.70 -3.03 -2.79
H11 EOH HB . -8.70 -3.04 -3.10
H12 EOH HB . -8.20 -2.95 -1.43
H21 EOH HB . -8.02 -0.69 -3.44
H22 EOH HB . -9.23 -0.86 -2.14
H23 EOH HB . -7.51 -0.61 -1.74
HO EOH HB . -6.64 -4.00 -2.65
#